data_9O5S
#
_entry.id   9O5S
#
_cell.length_a   87.955
_cell.length_b   95.863
_cell.length_c   99.133
_cell.angle_alpha   89.723
_cell.angle_beta   69.928
_cell.angle_gamma   73.904
#
_symmetry.space_group_name_H-M   'P 1'
#
loop_
_entity.id
_entity.type
_entity.pdbx_description
1 polymer 'HLA class I histocompatibility antigen, A alpha chain'
2 polymer Beta-2-microglobulin
3 polymer 'Melanoma antigen recognized by T-cells 1'
4 polymer 'antibody AD01'
5 polymer 'BXMart1-3 minibinder'
6 non-polymer GLYCEROL
7 water water
#
loop_
_entity_poly.entity_id
_entity_poly.type
_entity_poly.pdbx_seq_one_letter_code
_entity_poly.pdbx_strand_id
1 'polypeptide(L)'
;MGSHSMRYFFTSVSRPGRGEPRFIAVGYVDDTQFVRFDSDAASQRMEPRAPWIEQEGPEYWDGETRKVKAHSQTHRVDLG
TLRGYYNQSEAGSHTVQRMYGCDVGSDWRFLRGYHQYAYDGKDYIALKEDLRSWTAADMAAQTTKHKWEAAHVAEQLRAY
LEGTCVEWLRRYLENGKETLQRTDAPKTHMTHHAVSDHEATLRCWALSFYPAEITLTWQRDGEDQTQDTELVETRPAGDG
TFQKWAAVVVPSGQEQRYTCHVQHEGLPKPLTLRWEPSS
;
A,C,H,L
2 'polypeptide(L)'
;IQRTPKIQVYSRHPAENGKSNFLNCYVSGFHPSDIEVDLLKNGERIEKVEHSDLSFSKDWSFYLLYYTEFTPTEKDEYAC
RVNHVTLSQPKIVKWDRDM
;
B,D,I,M
3 'polypeptide(L)' ELAGIGILTV P,E,J,N
4 'polypeptide(L)'
;EVKLVESGGGLVQPGGSLRLSCAASGSIFSINTMGWYRQTPGKQRDLVADISSGGSTKYGDSVKGRFTISRDNTKNTVYL
QMNSLKPEDTAVYYCYGLSYSNDDYWGQGTQVTVSSG
;
G,F,K,O
5 'polypeptide(L)'
;DPLKRLTELALEALRDEPHVPPEDRPLVTLLQIALNLAINVVVNRRHLGRTDPEHDRKLLEELEEIRKLPREEAEKRLEE
LIERLEEENEKLAEEEVKQFRS
;
Q,R,S,T
#
loop_
_chem_comp.id
_chem_comp.type
_chem_comp.name
_chem_comp.formula
GOL non-polymer GLYCEROL 'C3 H8 O3'
#
# COMPACT_ATOMS: atom_id res chain seq x y z
N GLY A 2 -23.01 -33.96 -34.34
CA GLY A 2 -22.21 -33.29 -35.35
C GLY A 2 -22.40 -31.79 -35.36
N SER A 3 -23.01 -31.27 -34.30
CA SER A 3 -23.23 -29.82 -34.19
C SER A 3 -21.97 -29.13 -33.70
N HIS A 4 -21.85 -27.84 -34.07
CA HIS A 4 -20.67 -27.06 -33.77
C HIS A 4 -21.09 -25.68 -33.27
N SER A 5 -20.10 -24.92 -32.79
CA SER A 5 -20.36 -23.61 -32.21
C SER A 5 -19.11 -22.76 -32.30
N MET A 6 -19.32 -21.45 -32.36
CA MET A 6 -18.26 -20.45 -32.25
C MET A 6 -18.66 -19.48 -31.15
N ARG A 7 -17.68 -19.08 -30.32
CA ARG A 7 -17.94 -18.24 -29.16
C ARG A 7 -16.82 -17.24 -28.96
N TYR A 8 -17.19 -16.03 -28.55
CA TYR A 8 -16.24 -15.00 -28.16
C TYR A 8 -16.51 -14.57 -26.73
N PHE A 9 -15.47 -14.57 -25.91
CA PHE A 9 -15.56 -14.21 -24.50
C PHE A 9 -14.74 -12.94 -24.25
N PHE A 10 -15.36 -11.97 -23.58
CA PHE A 10 -14.71 -10.71 -23.26
C PHE A 10 -14.75 -10.48 -21.76
N THR A 11 -13.64 -10.01 -21.21
CA THR A 11 -13.53 -9.68 -19.80
C THR A 11 -12.77 -8.38 -19.66
N SER A 12 -13.30 -7.47 -18.84
CA SER A 12 -12.62 -6.22 -18.52
C SER A 12 -12.69 -5.99 -17.02
N VAL A 13 -11.54 -5.82 -16.39
CA VAL A 13 -11.43 -5.67 -14.95
C VAL A 13 -10.79 -4.32 -14.66
N SER A 14 -11.49 -3.50 -13.87
CA SER A 14 -10.94 -2.21 -13.46
C SER A 14 -9.93 -2.38 -12.33
N ARG A 15 -8.92 -1.52 -12.33
CA ARG A 15 -7.92 -1.49 -11.27
C ARG A 15 -7.68 -0.03 -10.92
N PRO A 16 -8.54 0.55 -10.07
CA PRO A 16 -8.43 1.98 -9.77
C PRO A 16 -7.09 2.32 -9.14
N GLY A 17 -6.44 3.35 -9.67
CA GLY A 17 -5.14 3.77 -9.23
C GLY A 17 -3.98 3.06 -9.89
N ARG A 18 -4.24 1.92 -10.53
CA ARG A 18 -3.19 1.08 -11.12
C ARG A 18 -3.29 1.01 -12.64
N GLY A 19 -3.81 2.05 -13.27
CA GLY A 19 -3.84 2.12 -14.73
C GLY A 19 -5.21 1.81 -15.31
N GLU A 20 -5.23 1.78 -16.65
CA GLU A 20 -6.46 1.50 -17.38
C GLU A 20 -6.95 0.07 -17.11
N PRO A 21 -8.23 -0.19 -17.32
CA PRO A 21 -8.75 -1.54 -17.10
C PRO A 21 -8.06 -2.56 -17.98
N ARG A 22 -7.95 -3.78 -17.47
CA ARG A 22 -7.35 -4.89 -18.21
C ARG A 22 -8.43 -5.58 -19.04
N PHE A 23 -8.18 -5.70 -20.34
CA PHE A 23 -9.14 -6.30 -21.27
C PHE A 23 -8.55 -7.56 -21.85
N ILE A 24 -9.31 -8.66 -21.75
CA ILE A 24 -8.90 -9.95 -22.29
C ILE A 24 -10.04 -10.50 -23.13
N ALA A 25 -9.72 -10.98 -24.32
CA ALA A 25 -10.70 -11.57 -25.22
C ALA A 25 -10.16 -12.88 -25.77
N VAL A 26 -11.01 -13.91 -25.80
CA VAL A 26 -10.64 -15.19 -26.37
C VAL A 26 -11.75 -15.64 -27.31
N GLY A 27 -11.35 -16.39 -28.33
CA GLY A 27 -12.28 -16.94 -29.30
C GLY A 27 -12.19 -18.45 -29.33
N TYR A 28 -13.35 -19.09 -29.41
CA TYR A 28 -13.44 -20.55 -29.38
C TYR A 28 -14.26 -21.06 -30.55
N VAL A 29 -13.80 -22.15 -31.15
CA VAL A 29 -14.61 -22.99 -32.01
C VAL A 29 -14.74 -24.34 -31.31
N ASP A 30 -15.97 -24.69 -30.95
CA ASP A 30 -16.25 -25.89 -30.15
C ASP A 30 -15.45 -25.77 -28.86
N ASP A 31 -14.65 -26.76 -28.49
CA ASP A 31 -13.80 -26.69 -27.30
C ASP A 31 -12.34 -26.40 -27.63
N THR A 32 -12.11 -25.63 -28.70
CA THR A 32 -10.76 -25.30 -29.16
C THR A 32 -10.64 -23.80 -29.28
N GLN A 33 -9.71 -23.21 -28.54
CA GLN A 33 -9.44 -21.79 -28.64
C GLN A 33 -8.56 -21.50 -29.86
N PHE A 34 -8.87 -20.42 -30.58
CA PHE A 34 -8.12 -20.10 -31.78
C PHE A 34 -7.61 -18.67 -31.87
N VAL A 35 -8.09 -17.74 -31.04
CA VAL A 35 -7.58 -16.37 -31.01
C VAL A 35 -7.56 -15.88 -29.57
N ARG A 36 -6.75 -14.85 -29.34
CA ARG A 36 -6.67 -14.22 -28.02
C ARG A 36 -6.21 -12.78 -28.18
N PHE A 37 -6.58 -11.95 -27.21
CA PHE A 37 -6.13 -10.57 -27.13
C PHE A 37 -6.01 -10.19 -25.67
N ASP A 38 -4.94 -9.46 -25.34
CA ASP A 38 -4.67 -9.02 -23.98
C ASP A 38 -4.18 -7.58 -24.05
N SER A 39 -4.92 -6.67 -23.42
CA SER A 39 -4.54 -5.26 -23.43
C SER A 39 -3.22 -5.00 -22.70
N ASP A 40 -2.76 -5.95 -21.88
CA ASP A 40 -1.47 -5.82 -21.21
C ASP A 40 -0.34 -6.48 -21.98
N ALA A 41 -0.65 -7.32 -22.98
CA ALA A 41 0.39 -7.92 -23.79
C ALA A 41 1.09 -6.85 -24.63
N ALA A 42 2.39 -7.05 -24.85
CA ALA A 42 3.18 -6.06 -25.57
C ALA A 42 2.81 -5.99 -27.05
N SER A 43 2.29 -7.09 -27.61
CA SER A 43 2.02 -7.12 -29.05
C SER A 43 0.93 -6.13 -29.44
N GLN A 44 -0.08 -5.95 -28.58
CA GLN A 44 -1.24 -5.11 -28.88
C GLN A 44 -1.94 -5.56 -30.16
N ARG A 45 -1.99 -6.87 -30.36
CA ARG A 45 -2.57 -7.45 -31.56
C ARG A 45 -3.40 -8.67 -31.20
N MET A 46 -4.36 -8.98 -32.07
CA MET A 46 -5.06 -10.26 -31.98
C MET A 46 -4.09 -11.37 -32.38
N GLU A 47 -3.94 -12.36 -31.51
CA GLU A 47 -2.92 -13.37 -31.75
C GLU A 47 -3.55 -14.73 -32.03
N PRO A 48 -2.91 -15.57 -32.84
CA PRO A 48 -3.44 -16.91 -33.09
C PRO A 48 -3.13 -17.85 -31.94
N ARG A 49 -4.08 -18.76 -31.69
CA ARG A 49 -3.91 -19.80 -30.68
C ARG A 49 -4.15 -21.20 -31.20
N ALA A 50 -4.47 -21.35 -32.48
CA ALA A 50 -4.63 -22.64 -33.14
C ALA A 50 -3.85 -22.65 -34.44
N PRO A 51 -3.37 -23.82 -34.87
CA PRO A 51 -2.59 -23.86 -36.12
C PRO A 51 -3.39 -23.47 -37.35
N TRP A 52 -4.65 -23.91 -37.43
CA TRP A 52 -5.43 -23.72 -38.65
C TRP A 52 -5.85 -22.26 -38.86
N ILE A 53 -5.76 -21.42 -37.83
CA ILE A 53 -6.10 -20.01 -37.99
C ILE A 53 -4.91 -19.17 -38.45
N GLU A 54 -3.69 -19.69 -38.35
CA GLU A 54 -2.51 -18.94 -38.76
C GLU A 54 -2.47 -18.71 -40.26
N GLN A 55 -3.21 -19.50 -41.04
CA GLN A 55 -3.22 -19.33 -42.49
C GLN A 55 -4.01 -18.11 -42.93
N GLU A 56 -4.72 -17.44 -42.03
CA GLU A 56 -5.43 -16.23 -42.38
C GLU A 56 -4.44 -15.11 -42.73
N GLY A 57 -4.86 -14.25 -43.66
CA GLY A 57 -4.01 -13.20 -44.18
C GLY A 57 -3.87 -12.05 -43.22
N PRO A 58 -2.98 -11.12 -43.58
CA PRO A 58 -2.77 -9.93 -42.73
C PRO A 58 -4.01 -9.06 -42.61
N GLU A 59 -4.87 -9.04 -43.63
CA GLU A 59 -6.09 -8.25 -43.54
C GLU A 59 -6.99 -8.75 -42.41
N TYR A 60 -7.04 -10.07 -42.22
CA TYR A 60 -7.82 -10.63 -41.12
C TYR A 60 -7.30 -10.13 -39.78
N TRP A 61 -5.99 -10.25 -39.54
CA TRP A 61 -5.44 -9.86 -38.24
C TRP A 61 -5.48 -8.36 -38.02
N ASP A 62 -5.39 -7.57 -39.10
CA ASP A 62 -5.54 -6.13 -38.95
C ASP A 62 -6.97 -5.77 -38.56
N GLY A 63 -7.95 -6.37 -39.24
CA GLY A 63 -9.34 -6.06 -38.94
C GLY A 63 -9.76 -6.53 -37.56
N GLU A 64 -9.33 -7.74 -37.18
CA GLU A 64 -9.68 -8.26 -35.86
C GLU A 64 -9.05 -7.43 -34.74
N THR A 65 -7.82 -6.96 -34.95
CA THR A 65 -7.17 -6.13 -33.94
C THR A 65 -7.92 -4.81 -33.77
N ARG A 66 -8.31 -4.17 -34.87
CA ARG A 66 -9.02 -2.90 -34.77
C ARG A 66 -10.37 -3.07 -34.10
N LYS A 67 -11.05 -4.18 -34.36
CA LYS A 67 -12.37 -4.40 -33.75
C LYS A 67 -12.25 -4.72 -32.27
N VAL A 68 -11.28 -5.56 -31.89
CA VAL A 68 -11.14 -5.92 -30.48
C VAL A 68 -10.66 -4.73 -29.66
N LYS A 69 -9.91 -3.81 -30.28
CA LYS A 69 -9.49 -2.60 -29.58
C LYS A 69 -10.67 -1.66 -29.36
N ALA A 70 -11.55 -1.56 -30.36
CA ALA A 70 -12.75 -0.75 -30.18
C ALA A 70 -13.64 -1.34 -29.10
N HIS A 71 -13.73 -2.67 -29.03
CA HIS A 71 -14.54 -3.30 -27.99
C HIS A 71 -13.94 -3.05 -26.61
N SER A 72 -12.60 -3.08 -26.51
CA SER A 72 -11.97 -2.83 -25.22
C SER A 72 -12.28 -1.42 -24.73
N GLN A 73 -12.37 -0.46 -25.64
CA GLN A 73 -12.72 0.90 -25.24
C GLN A 73 -14.18 0.99 -24.81
N THR A 74 -15.06 0.23 -25.48
CA THR A 74 -16.47 0.23 -25.11
C THR A 74 -16.67 -0.35 -23.71
N HIS A 75 -16.06 -1.51 -23.44
CA HIS A 75 -16.19 -2.12 -22.12
C HIS A 75 -15.45 -1.34 -21.05
N ARG A 76 -14.42 -0.58 -21.44
CA ARG A 76 -13.76 0.32 -20.49
C ARG A 76 -14.72 1.40 -20.01
N VAL A 77 -15.47 1.99 -20.93
CA VAL A 77 -16.45 3.02 -20.57
C VAL A 77 -17.56 2.42 -19.70
N ASP A 78 -17.97 1.18 -19.99
CA ASP A 78 -19.05 0.56 -19.23
C ASP A 78 -18.69 0.36 -17.77
N LEU A 79 -17.40 0.17 -17.46
CA LEU A 79 -16.99 0.03 -16.07
C LEU A 79 -17.28 1.31 -15.29
N GLY A 80 -17.04 2.47 -15.90
CA GLY A 80 -17.40 3.72 -15.25
C GLY A 80 -18.90 3.94 -15.17
N THR A 81 -19.61 3.55 -16.22
CA THR A 81 -21.06 3.73 -16.24
C THR A 81 -21.73 2.89 -15.17
N LEU A 82 -21.40 1.60 -15.09
CA LEU A 82 -22.04 0.73 -14.11
C LEU A 82 -21.63 1.07 -12.68
N ARG A 83 -20.42 1.60 -12.49
CA ARG A 83 -20.02 2.03 -11.15
C ARG A 83 -20.90 3.19 -10.67
N GLY A 84 -21.34 4.05 -11.59
CA GLY A 84 -22.25 5.12 -11.24
C GLY A 84 -23.67 4.65 -11.12
N TYR A 85 -24.08 3.73 -12.00
CA TYR A 85 -25.44 3.20 -11.95
C TYR A 85 -25.74 2.52 -10.62
N TYR A 86 -24.73 1.93 -9.99
CA TYR A 86 -24.92 1.24 -8.72
C TYR A 86 -24.34 2.02 -7.54
N ASN A 87 -23.90 3.26 -7.76
CA ASN A 87 -23.43 4.14 -6.69
C ASN A 87 -22.36 3.45 -5.84
N GLN A 88 -21.34 2.93 -6.52
CA GLN A 88 -20.26 2.22 -5.86
C GLN A 88 -19.02 3.09 -5.75
N SER A 89 -18.10 2.68 -4.88
CA SER A 89 -16.91 3.45 -4.61
C SER A 89 -15.99 3.49 -5.83
N GLU A 90 -15.23 4.57 -5.94
CA GLU A 90 -14.26 4.74 -7.02
C GLU A 90 -13.00 3.93 -6.81
N ALA A 91 -12.89 3.19 -5.70
CA ALA A 91 -11.66 2.49 -5.35
C ALA A 91 -11.81 0.98 -5.33
N GLY A 92 -12.89 0.44 -5.87
CA GLY A 92 -13.11 -0.99 -5.92
C GLY A 92 -12.91 -1.53 -7.32
N SER A 93 -12.42 -2.77 -7.39
CA SER A 93 -12.22 -3.46 -8.66
C SER A 93 -13.49 -4.18 -9.07
N HIS A 94 -13.96 -3.91 -10.29
CA HIS A 94 -15.17 -4.51 -10.81
C HIS A 94 -14.94 -5.08 -12.20
N THR A 95 -15.84 -5.96 -12.61
CA THR A 95 -15.68 -6.74 -13.82
C THR A 95 -16.91 -6.59 -14.71
N VAL A 96 -16.69 -6.49 -16.02
CA VAL A 96 -17.74 -6.63 -17.01
C VAL A 96 -17.36 -7.75 -17.95
N GLN A 97 -18.33 -8.57 -18.33
CA GLN A 97 -18.12 -9.69 -19.22
C GLN A 97 -19.19 -9.69 -20.30
N ARG A 98 -18.78 -9.96 -21.53
CA ARG A 98 -19.68 -10.15 -22.65
C ARG A 98 -19.35 -11.46 -23.35
N MET A 99 -20.38 -12.12 -23.84
CA MET A 99 -20.24 -13.39 -24.54
C MET A 99 -21.25 -13.43 -25.68
N TYR A 100 -20.78 -13.78 -26.88
CA TYR A 100 -21.70 -13.98 -28.00
C TYR A 100 -21.13 -15.02 -28.94
N GLY A 101 -22.02 -15.66 -29.68
CA GLY A 101 -21.63 -16.69 -30.61
C GLY A 101 -22.85 -17.32 -31.25
N CYS A 102 -22.59 -18.32 -32.09
CA CYS A 102 -23.65 -18.98 -32.85
C CYS A 102 -23.42 -20.49 -32.86
N ASP A 103 -24.51 -21.23 -33.02
CA ASP A 103 -24.49 -22.67 -33.16
C ASP A 103 -24.96 -23.07 -34.55
N VAL A 104 -24.41 -24.18 -35.04
CA VAL A 104 -24.89 -24.81 -36.26
C VAL A 104 -25.18 -26.27 -35.95
N GLY A 105 -26.19 -26.82 -36.61
CA GLY A 105 -26.56 -28.20 -36.43
C GLY A 105 -25.62 -29.14 -37.16
N SER A 106 -26.06 -30.39 -37.30
CA SER A 106 -25.28 -31.35 -38.07
C SER A 106 -25.29 -31.04 -39.56
N ASP A 107 -26.22 -30.22 -40.02
CA ASP A 107 -26.26 -29.76 -41.40
C ASP A 107 -25.47 -28.47 -41.61
N TRP A 108 -24.83 -27.96 -40.57
CA TRP A 108 -24.07 -26.71 -40.60
C TRP A 108 -24.94 -25.50 -40.91
N ARG A 109 -26.25 -25.61 -40.72
CA ARG A 109 -27.15 -24.48 -40.84
C ARG A 109 -27.35 -23.83 -39.47
N PHE A 110 -27.73 -22.56 -39.50
CA PHE A 110 -27.91 -21.81 -38.25
C PHE A 110 -28.89 -22.50 -37.32
N LEU A 111 -28.53 -22.58 -36.05
CA LEU A 111 -29.35 -23.24 -35.04
C LEU A 111 -29.72 -22.31 -33.89
N ARG A 112 -28.74 -21.60 -33.31
CA ARG A 112 -28.98 -20.83 -32.10
C ARG A 112 -28.02 -19.65 -32.06
N GLY A 113 -28.47 -18.56 -31.44
CA GLY A 113 -27.65 -17.37 -31.30
C GLY A 113 -27.58 -16.92 -29.86
N TYR A 114 -26.44 -16.37 -29.49
CA TYR A 114 -26.16 -15.96 -28.12
C TYR A 114 -25.57 -14.57 -28.08
N HIS A 115 -25.97 -13.79 -27.07
CA HIS A 115 -25.29 -12.53 -26.73
C HIS A 115 -25.74 -12.13 -25.33
N GLN A 116 -24.85 -12.30 -24.35
CA GLN A 116 -25.17 -12.01 -22.96
C GLN A 116 -24.12 -11.07 -22.36
N TYR A 117 -24.53 -10.39 -21.30
CA TYR A 117 -23.69 -9.40 -20.64
C TYR A 117 -23.83 -9.56 -19.14
N ALA A 118 -22.72 -9.41 -18.42
CA ALA A 118 -22.72 -9.58 -16.97
C ALA A 118 -21.87 -8.49 -16.32
N TYR A 119 -22.24 -8.17 -15.09
CA TYR A 119 -21.49 -7.23 -14.26
C TYR A 119 -21.19 -7.89 -12.93
N ASP A 120 -19.90 -7.97 -12.58
CA ASP A 120 -19.43 -8.62 -11.36
C ASP A 120 -19.95 -10.05 -11.26
N GLY A 121 -19.99 -10.74 -12.40
CA GLY A 121 -20.36 -12.14 -12.43
C GLY A 121 -21.83 -12.44 -12.35
N LYS A 122 -22.69 -11.43 -12.43
CA LYS A 122 -24.13 -11.61 -12.36
C LYS A 122 -24.78 -11.14 -13.65
N ASP A 123 -25.80 -11.89 -14.09
CA ASP A 123 -26.52 -11.56 -15.32
C ASP A 123 -27.00 -10.11 -15.31
N TYR A 124 -26.73 -9.40 -16.40
CA TYR A 124 -27.13 -8.01 -16.56
C TYR A 124 -28.18 -7.86 -17.65
N ILE A 125 -27.81 -8.10 -18.92
CA ILE A 125 -28.73 -8.05 -20.04
C ILE A 125 -28.37 -9.15 -21.01
N ALA A 126 -29.38 -9.72 -21.65
CA ALA A 126 -29.19 -10.85 -22.56
C ALA A 126 -30.16 -10.75 -23.72
N LEU A 127 -29.68 -11.14 -24.90
CA LEU A 127 -30.53 -11.25 -26.07
C LEU A 127 -31.31 -12.56 -26.01
N LYS A 128 -32.62 -12.50 -26.25
CA LYS A 128 -33.42 -13.70 -26.20
C LYS A 128 -33.19 -14.56 -27.44
N GLU A 129 -33.71 -15.78 -27.41
CA GLU A 129 -33.44 -16.74 -28.49
C GLU A 129 -34.00 -16.25 -29.81
N ASP A 130 -35.12 -15.52 -29.80
CA ASP A 130 -35.67 -14.98 -31.05
C ASP A 130 -34.81 -13.87 -31.64
N LEU A 131 -33.77 -13.42 -30.92
CA LEU A 131 -32.81 -12.44 -31.41
C LEU A 131 -33.48 -11.14 -31.84
N ARG A 132 -34.58 -10.79 -31.18
CA ARG A 132 -35.31 -9.56 -31.47
C ARG A 132 -35.70 -8.77 -30.23
N SER A 133 -35.49 -9.31 -29.04
CA SER A 133 -35.85 -8.62 -27.81
C SER A 133 -34.85 -9.00 -26.73
N TRP A 134 -34.93 -8.30 -25.60
CA TRP A 134 -33.91 -8.33 -24.57
C TRP A 134 -34.50 -8.73 -23.23
N THR A 135 -33.64 -9.31 -22.39
CA THR A 135 -33.97 -9.67 -21.02
C THR A 135 -33.08 -8.86 -20.09
N ALA A 136 -33.70 -8.02 -19.26
CA ALA A 136 -32.98 -7.12 -18.36
C ALA A 136 -33.16 -7.57 -16.92
N ALA A 137 -32.09 -7.43 -16.13
CA ALA A 137 -32.08 -7.95 -14.77
C ALA A 137 -32.62 -6.99 -13.74
N ASP A 138 -32.43 -5.68 -13.91
CA ASP A 138 -32.88 -4.69 -12.94
C ASP A 138 -33.10 -3.36 -13.64
N MET A 139 -33.29 -2.30 -12.85
CA MET A 139 -33.61 -1.00 -13.41
C MET A 139 -32.45 -0.43 -14.22
N ALA A 140 -31.22 -0.62 -13.75
CA ALA A 140 -30.06 -0.17 -14.53
C ALA A 140 -30.00 -0.89 -15.87
N ALA A 141 -30.26 -2.21 -15.87
CA ALA A 141 -30.25 -2.96 -17.12
C ALA A 141 -31.40 -2.56 -18.03
N GLN A 142 -32.53 -2.15 -17.47
CA GLN A 142 -33.62 -1.66 -18.30
C GLN A 142 -33.25 -0.37 -19.01
N THR A 143 -32.40 0.46 -18.39
CA THR A 143 -31.87 1.63 -19.07
C THR A 143 -31.06 1.23 -20.30
N THR A 144 -30.18 0.24 -20.15
CA THR A 144 -29.41 -0.26 -21.29
C THR A 144 -30.33 -0.88 -22.33
N LYS A 145 -31.36 -1.59 -21.88
CA LYS A 145 -32.31 -2.22 -22.79
C LYS A 145 -33.02 -1.18 -23.65
N HIS A 146 -33.57 -0.14 -23.02
CA HIS A 146 -34.28 0.89 -23.77
C HIS A 146 -33.35 1.65 -24.71
N LYS A 147 -32.08 1.81 -24.33
CA LYS A 147 -31.14 2.47 -25.22
C LYS A 147 -30.78 1.57 -26.39
N TRP A 148 -30.57 0.27 -26.15
CA TRP A 148 -30.19 -0.63 -27.22
C TRP A 148 -31.36 -0.94 -28.14
N GLU A 149 -32.60 -0.84 -27.64
CA GLU A 149 -33.75 -0.98 -28.52
C GLU A 149 -33.85 0.19 -29.49
N ALA A 150 -33.52 1.38 -29.03
CA ALA A 150 -33.54 2.55 -29.91
C ALA A 150 -32.46 2.45 -30.98
N ALA A 151 -31.31 1.87 -30.64
CA ALA A 151 -30.20 1.74 -31.58
C ALA A 151 -30.32 0.53 -32.49
N HIS A 152 -31.42 -0.21 -32.40
CA HIS A 152 -31.65 -1.39 -33.24
C HIS A 152 -30.52 -2.41 -33.08
N VAL A 153 -30.00 -2.53 -31.86
CA VAL A 153 -28.89 -3.45 -31.60
C VAL A 153 -29.30 -4.88 -31.91
N ALA A 154 -30.55 -5.24 -31.59
CA ALA A 154 -31.01 -6.59 -31.86
C ALA A 154 -31.00 -6.90 -33.35
N GLU A 155 -31.34 -5.90 -34.18
CA GLU A 155 -31.31 -6.11 -35.63
C GLU A 155 -29.88 -6.26 -36.13
N GLN A 156 -28.96 -5.46 -35.60
CA GLN A 156 -27.56 -5.56 -36.01
C GLN A 156 -26.94 -6.88 -35.57
N LEU A 157 -27.23 -7.31 -34.33
CA LEU A 157 -26.67 -8.57 -33.85
C LEU A 157 -27.30 -9.77 -34.53
N ARG A 158 -28.56 -9.66 -34.95
CA ARG A 158 -29.20 -10.78 -35.63
C ARG A 158 -28.59 -11.01 -37.00
N ALA A 159 -28.29 -9.94 -37.74
CA ALA A 159 -27.65 -10.08 -39.04
C ALA A 159 -26.28 -10.73 -38.90
N TYR A 160 -25.52 -10.36 -37.87
CA TYR A 160 -24.22 -10.98 -37.65
C TYR A 160 -24.36 -12.44 -37.23
N LEU A 161 -25.15 -12.70 -36.18
CA LEU A 161 -25.20 -14.05 -35.60
C LEU A 161 -25.74 -15.06 -36.60
N GLU A 162 -26.73 -14.68 -37.41
CA GLU A 162 -27.33 -15.59 -38.37
C GLU A 162 -26.57 -15.66 -39.69
N GLY A 163 -25.78 -14.64 -40.01
CA GLY A 163 -25.06 -14.62 -41.26
C GLY A 163 -23.56 -14.73 -41.10
N THR A 164 -22.93 -13.62 -40.68
CA THR A 164 -21.47 -13.57 -40.59
C THR A 164 -20.92 -14.66 -39.68
N CYS A 165 -21.53 -14.83 -38.50
CA CYS A 165 -21.04 -15.81 -37.54
C CYS A 165 -21.10 -17.22 -38.11
N VAL A 166 -22.20 -17.57 -38.78
CA VAL A 166 -22.33 -18.91 -39.33
C VAL A 166 -21.35 -19.11 -40.49
N GLU A 167 -21.22 -18.10 -41.35
CA GLU A 167 -20.34 -18.24 -42.51
C GLU A 167 -18.89 -18.42 -42.10
N TRP A 168 -18.44 -17.66 -41.08
CA TRP A 168 -17.06 -17.79 -40.62
C TRP A 168 -16.85 -19.08 -39.83
N LEU A 169 -17.90 -19.59 -39.17
CA LEU A 169 -17.77 -20.86 -38.49
C LEU A 169 -17.53 -22.00 -39.48
N ARG A 170 -18.23 -21.98 -40.62
CA ARG A 170 -17.98 -23.00 -41.64
C ARG A 170 -16.58 -22.86 -42.21
N ARG A 171 -16.15 -21.63 -42.48
CA ARG A 171 -14.79 -21.37 -42.95
C ARG A 171 -13.76 -21.96 -42.00
N TYR A 172 -13.96 -21.78 -40.68
CA TYR A 172 -13.01 -22.30 -39.71
C TYR A 172 -13.07 -23.83 -39.64
N LEU A 173 -14.28 -24.40 -39.69
CA LEU A 173 -14.41 -25.85 -39.65
C LEU A 173 -13.73 -26.51 -40.85
N GLU A 174 -13.72 -25.82 -42.00
CA GLU A 174 -13.07 -26.37 -43.19
C GLU A 174 -11.55 -26.26 -43.09
N ASN A 175 -11.04 -25.07 -42.74
CA ASN A 175 -9.60 -24.88 -42.64
C ASN A 175 -9.00 -25.76 -41.55
N GLY A 176 -9.73 -25.98 -40.46
CA GLY A 176 -9.25 -26.80 -39.37
C GLY A 176 -9.92 -28.16 -39.31
N LYS A 177 -10.21 -28.74 -40.47
CA LYS A 177 -10.92 -30.02 -40.53
C LYS A 177 -10.19 -31.10 -39.74
N GLU A 178 -8.86 -31.10 -39.80
CA GLU A 178 -8.09 -32.19 -39.19
C GLU A 178 -8.28 -32.23 -37.68
N THR A 179 -8.45 -31.08 -37.03
CA THR A 179 -8.58 -31.02 -35.57
C THR A 179 -9.99 -30.71 -35.10
N LEU A 180 -10.74 -29.85 -35.81
CA LEU A 180 -12.07 -29.47 -35.35
C LEU A 180 -13.09 -30.57 -35.61
N GLN A 181 -13.07 -31.16 -36.81
CA GLN A 181 -14.01 -32.22 -37.17
C GLN A 181 -13.54 -33.60 -36.74
N ARG A 182 -12.74 -33.68 -35.68
CA ARG A 182 -12.28 -34.94 -35.12
C ARG A 182 -13.10 -35.29 -33.88
N THR A 183 -13.04 -36.57 -33.50
CA THR A 183 -13.79 -37.04 -32.34
C THR A 183 -12.98 -38.15 -31.67
N ASP A 184 -12.00 -37.74 -30.86
CA ASP A 184 -11.15 -38.68 -30.16
C ASP A 184 -11.95 -39.41 -29.09
N ALA A 185 -12.01 -40.73 -29.18
CA ALA A 185 -12.73 -41.52 -28.20
C ALA A 185 -11.93 -41.60 -26.90
N PRO A 186 -12.60 -41.71 -25.76
CA PRO A 186 -11.88 -41.74 -24.47
C PRO A 186 -11.20 -43.07 -24.25
N LYS A 187 -9.90 -43.01 -23.94
CA LYS A 187 -9.18 -44.17 -23.46
C LYS A 187 -9.52 -44.38 -21.99
N THR A 188 -10.02 -45.56 -21.64
CA THR A 188 -10.58 -45.81 -20.32
C THR A 188 -9.83 -46.92 -19.61
N HIS A 189 -9.82 -46.84 -18.29
CA HIS A 189 -9.27 -47.90 -17.44
C HIS A 189 -9.80 -47.69 -16.03
N MET A 190 -9.65 -48.71 -15.20
CA MET A 190 -10.13 -48.69 -13.82
C MET A 190 -8.96 -49.00 -12.89
N THR A 191 -8.97 -48.37 -11.72
CA THR A 191 -7.93 -48.58 -10.72
C THR A 191 -8.58 -48.89 -9.37
N HIS A 192 -7.83 -49.59 -8.52
CA HIS A 192 -8.31 -50.07 -7.23
C HIS A 192 -7.37 -49.59 -6.14
N HIS A 193 -7.93 -49.01 -5.08
CA HIS A 193 -7.14 -48.47 -3.98
C HIS A 193 -7.78 -48.86 -2.65
N ALA A 194 -7.02 -49.53 -1.80
CA ALA A 194 -7.53 -49.97 -0.51
C ALA A 194 -7.61 -48.78 0.45
N VAL A 195 -8.82 -48.49 0.93
CA VAL A 195 -9.01 -47.45 1.95
C VAL A 195 -9.04 -48.05 3.36
N SER A 196 -9.28 -49.35 3.47
CA SER A 196 -9.33 -50.05 4.75
C SER A 196 -9.01 -51.52 4.46
N ASP A 197 -9.20 -52.37 5.47
CA ASP A 197 -9.02 -53.80 5.25
C ASP A 197 -10.32 -54.47 4.86
N HIS A 198 -11.44 -53.74 4.91
CA HIS A 198 -12.72 -54.22 4.45
C HIS A 198 -13.39 -53.28 3.46
N GLU A 199 -12.75 -52.19 3.06
CA GLU A 199 -13.28 -51.25 2.07
C GLU A 199 -12.22 -50.99 1.01
N ALA A 200 -12.66 -50.33 -0.07
CA ALA A 200 -11.78 -50.02 -1.19
C ALA A 200 -12.41 -48.91 -2.03
N THR A 201 -11.60 -48.32 -2.90
CA THR A 201 -12.03 -47.26 -3.81
C THR A 201 -11.79 -47.71 -5.25
N LEU A 202 -12.86 -47.74 -6.03
CA LEU A 202 -12.79 -48.00 -7.47
C LEU A 202 -12.92 -46.67 -8.21
N ARG A 203 -11.93 -46.35 -9.03
CA ARG A 203 -11.91 -45.11 -9.80
C ARG A 203 -11.91 -45.43 -11.28
N CYS A 204 -12.86 -44.85 -12.01
CA CYS A 204 -13.04 -45.09 -13.43
C CYS A 204 -12.51 -43.89 -14.19
N TRP A 205 -11.56 -44.13 -15.09
CA TRP A 205 -10.84 -43.06 -15.78
C TRP A 205 -11.31 -42.93 -17.22
N ALA A 206 -11.42 -41.69 -17.69
CA ALA A 206 -11.65 -41.36 -19.09
C ALA A 206 -10.63 -40.31 -19.48
N LEU A 207 -9.74 -40.64 -20.41
CA LEU A 207 -8.60 -39.79 -20.74
C LEU A 207 -8.50 -39.59 -22.25
N SER A 208 -7.95 -38.43 -22.63
CA SER A 208 -7.59 -38.14 -24.01
C SER A 208 -8.79 -38.21 -24.95
N PHE A 209 -9.90 -37.61 -24.52
CA PHE A 209 -11.11 -37.59 -25.33
C PHE A 209 -11.43 -36.17 -25.79
N TYR A 210 -12.15 -36.08 -26.90
CA TYR A 210 -12.58 -34.83 -27.50
C TYR A 210 -13.83 -35.11 -28.30
N PRO A 211 -14.86 -34.26 -28.19
CA PRO A 211 -14.95 -33.01 -27.41
C PRO A 211 -15.08 -33.24 -25.91
N ALA A 212 -15.28 -32.17 -25.14
CA ALA A 212 -15.25 -32.27 -23.68
C ALA A 212 -16.48 -32.94 -23.11
N GLU A 213 -17.61 -32.90 -23.81
CA GLU A 213 -18.84 -33.51 -23.31
C GLU A 213 -18.65 -35.01 -23.11
N ILE A 214 -19.01 -35.49 -21.92
CA ILE A 214 -18.84 -36.89 -21.57
C ILE A 214 -19.75 -37.18 -20.39
N THR A 215 -20.12 -38.46 -20.22
CA THR A 215 -20.95 -38.90 -19.11
C THR A 215 -20.29 -40.11 -18.46
N LEU A 216 -20.05 -40.03 -17.16
CA LEU A 216 -19.51 -41.13 -16.37
C LEU A 216 -20.53 -41.51 -15.31
N THR A 217 -20.85 -42.80 -15.24
CA THR A 217 -21.89 -43.27 -14.33
C THR A 217 -21.47 -44.59 -13.70
N TRP A 218 -21.54 -44.66 -12.38
CA TRP A 218 -21.34 -45.90 -11.63
C TRP A 218 -22.70 -46.46 -11.25
N GLN A 219 -22.90 -47.75 -11.49
CA GLN A 219 -24.11 -48.42 -11.01
C GLN A 219 -23.73 -49.75 -10.40
N ARG A 220 -24.46 -50.13 -9.36
CA ARG A 220 -24.22 -51.35 -8.59
C ARG A 220 -25.45 -52.25 -8.73
N ASP A 221 -25.26 -53.40 -9.38
CA ASP A 221 -26.34 -54.34 -9.65
C ASP A 221 -27.45 -53.72 -10.49
N GLY A 222 -27.11 -52.75 -11.33
CA GLY A 222 -28.07 -52.06 -12.17
C GLY A 222 -28.71 -50.84 -11.57
N GLU A 223 -28.44 -50.54 -10.29
CA GLU A 223 -29.01 -49.37 -9.63
C GLU A 223 -28.08 -48.19 -9.75
N ASP A 224 -28.63 -47.04 -10.15
CA ASP A 224 -27.83 -45.84 -10.36
C ASP A 224 -27.22 -45.40 -9.03
N GLN A 225 -25.90 -45.55 -8.91
CA GLN A 225 -25.19 -45.33 -7.66
C GLN A 225 -24.82 -43.87 -7.43
N THR A 226 -25.61 -42.94 -7.98
CA THR A 226 -25.40 -41.54 -7.66
C THR A 226 -25.76 -41.27 -6.20
N GLN A 227 -25.33 -40.11 -5.71
CA GLN A 227 -25.36 -39.69 -4.31
C GLN A 227 -24.37 -40.47 -3.45
N ASP A 228 -23.63 -41.41 -4.02
CA ASP A 228 -22.54 -42.08 -3.33
C ASP A 228 -21.27 -42.12 -4.17
N THR A 229 -21.28 -41.56 -5.36
CA THR A 229 -20.12 -41.51 -6.25
C THR A 229 -19.56 -40.10 -6.32
N GLU A 230 -18.23 -40.00 -6.30
CA GLU A 230 -17.54 -38.73 -6.43
C GLU A 230 -17.19 -38.49 -7.90
N LEU A 231 -17.58 -37.33 -8.42
CA LEU A 231 -17.30 -36.95 -9.80
C LEU A 231 -16.51 -35.65 -9.82
N VAL A 232 -15.35 -35.66 -10.49
CA VAL A 232 -14.58 -34.44 -10.67
C VAL A 232 -15.00 -33.77 -11.97
N GLU A 233 -14.94 -32.45 -11.97
CA GLU A 233 -15.24 -31.69 -13.18
C GLU A 233 -14.27 -32.06 -14.30
N THR A 234 -14.80 -32.11 -15.53
CA THR A 234 -13.95 -32.39 -16.69
C THR A 234 -12.87 -31.33 -16.82
N ARG A 235 -11.63 -31.78 -16.96
CA ARG A 235 -10.46 -30.91 -16.94
C ARG A 235 -9.65 -31.04 -18.21
N PRO A 236 -9.03 -29.96 -18.68
CA PRO A 236 -8.21 -30.04 -19.89
C PRO A 236 -6.85 -30.68 -19.60
N ALA A 237 -6.40 -31.53 -20.53
CA ALA A 237 -5.11 -32.17 -20.38
C ALA A 237 -3.95 -31.27 -20.77
N GLY A 238 -4.22 -30.17 -21.48
CA GLY A 238 -3.19 -29.28 -21.96
C GLY A 238 -2.73 -29.54 -23.37
N ASP A 239 -3.15 -30.66 -23.97
CA ASP A 239 -2.79 -31.04 -25.32
C ASP A 239 -3.97 -30.99 -26.28
N GLY A 240 -5.10 -30.41 -25.86
CA GLY A 240 -6.29 -30.35 -26.67
C GLY A 240 -7.33 -31.41 -26.36
N THR A 241 -7.03 -32.34 -25.47
CA THR A 241 -7.99 -33.36 -25.03
C THR A 241 -8.39 -33.07 -23.58
N PHE A 242 -9.33 -33.87 -23.08
CA PHE A 242 -9.88 -33.64 -21.75
C PHE A 242 -9.84 -34.93 -20.93
N GLN A 243 -10.05 -34.78 -19.62
CA GLN A 243 -10.00 -35.89 -18.68
C GLN A 243 -11.16 -35.77 -17.70
N LYS A 244 -11.51 -36.91 -17.11
CA LYS A 244 -12.56 -36.97 -16.09
C LYS A 244 -12.48 -38.34 -15.42
N TRP A 245 -12.82 -38.39 -14.14
CA TRP A 245 -12.93 -39.66 -13.45
C TRP A 245 -14.07 -39.62 -12.44
N ALA A 246 -14.58 -40.81 -12.13
CA ALA A 246 -15.62 -41.01 -11.13
C ALA A 246 -15.22 -42.18 -10.25
N ALA A 247 -15.49 -42.05 -8.94
CA ALA A 247 -15.05 -43.05 -7.99
C ALA A 247 -16.18 -43.38 -7.02
N VAL A 248 -16.12 -44.58 -6.46
CA VAL A 248 -17.11 -45.05 -5.49
C VAL A 248 -16.41 -45.94 -4.48
N VAL A 249 -16.86 -45.87 -3.23
CA VAL A 249 -16.31 -46.68 -2.16
C VAL A 249 -17.05 -48.02 -2.15
N VAL A 250 -16.28 -49.11 -2.19
CA VAL A 250 -16.83 -50.46 -2.35
C VAL A 250 -16.37 -51.34 -1.20
N PRO A 251 -17.26 -52.16 -0.61
CA PRO A 251 -16.81 -53.15 0.37
C PRO A 251 -15.89 -54.19 -0.28
N SER A 252 -14.91 -54.64 0.49
CA SER A 252 -13.93 -55.59 -0.04
C SER A 252 -14.61 -56.90 -0.43
N GLY A 253 -14.17 -57.47 -1.55
CA GLY A 253 -14.76 -58.67 -2.09
C GLY A 253 -15.92 -58.45 -3.03
N GLN A 254 -16.60 -57.31 -2.94
CA GLN A 254 -17.77 -57.00 -3.73
C GLN A 254 -17.47 -56.03 -4.87
N GLU A 255 -16.28 -56.13 -5.46
CA GLU A 255 -15.90 -55.22 -6.52
C GLU A 255 -16.60 -55.56 -7.83
N GLN A 256 -16.82 -56.85 -8.10
CA GLN A 256 -17.46 -57.26 -9.35
C GLN A 256 -18.92 -56.84 -9.42
N ARG A 257 -19.53 -56.44 -8.30
CA ARG A 257 -20.91 -55.97 -8.30
C ARG A 257 -21.05 -54.52 -8.76
N TYR A 258 -19.97 -53.88 -9.17
CA TYR A 258 -19.98 -52.49 -9.61
C TYR A 258 -19.56 -52.42 -11.07
N THR A 259 -20.15 -51.47 -11.79
CA THR A 259 -19.85 -51.26 -13.21
C THR A 259 -19.76 -49.77 -13.51
N CYS A 260 -18.84 -49.41 -14.39
CA CYS A 260 -18.67 -48.04 -14.86
C CYS A 260 -19.17 -47.93 -16.29
N HIS A 261 -19.80 -46.81 -16.62
CA HIS A 261 -20.42 -46.61 -17.93
C HIS A 261 -20.01 -45.26 -18.50
N VAL A 262 -19.50 -45.28 -19.72
CA VAL A 262 -18.95 -44.09 -20.39
C VAL A 262 -19.74 -43.84 -21.66
N GLN A 263 -20.30 -42.64 -21.79
CA GLN A 263 -20.97 -42.19 -23.00
C GLN A 263 -20.18 -41.05 -23.60
N HIS A 264 -19.80 -41.18 -24.87
CA HIS A 264 -19.06 -40.12 -25.54
C HIS A 264 -19.34 -40.16 -27.04
N GLU A 265 -19.18 -39.00 -27.68
CA GLU A 265 -19.45 -38.88 -29.11
C GLU A 265 -18.61 -39.83 -29.94
N GLY A 266 -17.36 -40.06 -29.52
CA GLY A 266 -16.48 -40.94 -30.27
C GLY A 266 -16.70 -42.41 -30.03
N LEU A 267 -17.57 -42.78 -29.09
CA LEU A 267 -17.83 -44.18 -28.80
C LEU A 267 -19.08 -44.63 -29.53
N PRO A 268 -18.99 -45.60 -30.45
CA PRO A 268 -20.21 -46.10 -31.10
C PRO A 268 -21.20 -46.70 -30.14
N LYS A 269 -20.72 -47.34 -29.07
CA LYS A 269 -21.53 -47.93 -28.04
C LYS A 269 -21.01 -47.52 -26.67
N PRO A 270 -21.89 -47.16 -25.74
CA PRO A 270 -21.45 -46.81 -24.38
C PRO A 270 -20.66 -47.95 -23.75
N LEU A 271 -19.45 -47.64 -23.31
CA LEU A 271 -18.56 -48.65 -22.77
C LEU A 271 -18.99 -49.05 -21.36
N THR A 272 -18.63 -50.28 -20.98
CA THR A 272 -18.90 -50.80 -19.66
C THR A 272 -17.61 -51.40 -19.11
N LEU A 273 -17.16 -50.88 -17.97
CA LEU A 273 -15.92 -51.31 -17.35
C LEU A 273 -16.22 -51.98 -16.00
N ARG A 274 -15.58 -53.12 -15.76
CA ARG A 274 -15.69 -53.83 -14.50
CA ARG A 274 -15.68 -53.80 -14.48
C ARG A 274 -14.29 -54.14 -13.99
N TRP A 275 -14.13 -54.15 -12.67
CA TRP A 275 -12.83 -54.38 -12.08
C TRP A 275 -12.30 -55.77 -12.43
N GLU A 276 -11.16 -55.79 -13.10
CA GLU A 276 -10.49 -57.03 -13.47
C GLU A 276 -9.27 -57.22 -12.59
N PRO A 277 -9.23 -58.27 -11.74
CA PRO A 277 -8.09 -58.58 -10.87
C PRO A 277 -6.84 -58.96 -11.64
N ILE B 1 -21.09 -10.75 -5.98
CA ILE B 1 -20.78 -11.99 -5.28
C ILE B 1 -19.45 -12.57 -5.77
N GLN B 2 -18.68 -13.14 -4.84
CA GLN B 2 -17.39 -13.73 -5.12
C GLN B 2 -17.49 -15.24 -4.93
N ARG B 3 -16.79 -15.98 -5.78
CA ARG B 3 -16.83 -17.43 -5.77
C ARG B 3 -15.41 -17.98 -5.65
N THR B 4 -15.23 -18.96 -4.76
CA THR B 4 -13.93 -19.53 -4.48
C THR B 4 -13.58 -20.58 -5.53
N PRO B 5 -12.30 -20.72 -5.88
CA PRO B 5 -11.92 -21.63 -6.97
C PRO B 5 -11.93 -23.09 -6.55
N LYS B 6 -12.38 -23.93 -7.48
CA LYS B 6 -12.15 -25.36 -7.38
C LYS B 6 -10.77 -25.67 -7.93
N ILE B 7 -10.09 -26.64 -7.33
CA ILE B 7 -8.69 -26.90 -7.62
C ILE B 7 -8.51 -28.39 -7.91
N GLN B 8 -7.86 -28.69 -9.04
CA GLN B 8 -7.44 -30.04 -9.39
C GLN B 8 -6.00 -29.99 -9.84
N VAL B 9 -5.15 -30.84 -9.25
CA VAL B 9 -3.77 -30.97 -9.65
C VAL B 9 -3.55 -32.38 -10.18
N TYR B 10 -2.96 -32.50 -11.35
CA TYR B 10 -2.91 -33.77 -12.07
C TYR B 10 -1.87 -33.67 -13.18
N SER B 11 -1.55 -34.81 -13.75
CA SER B 11 -0.60 -34.89 -14.87
C SER B 11 -1.35 -35.05 -16.18
N ARG B 12 -0.73 -34.55 -17.26
CA ARG B 12 -1.33 -34.65 -18.58
C ARG B 12 -1.47 -36.10 -19.03
N HIS B 13 -0.46 -36.92 -18.78
CA HIS B 13 -0.44 -38.32 -19.13
C HIS B 13 -0.31 -39.16 -17.87
N PRO B 14 -0.70 -40.44 -17.93
CA PRO B 14 -0.50 -41.32 -16.77
C PRO B 14 0.95 -41.32 -16.32
N ALA B 15 1.16 -41.05 -15.03
CA ALA B 15 2.51 -40.85 -14.51
C ALA B 15 3.28 -42.16 -14.49
N GLU B 16 4.50 -42.12 -15.02
CA GLU B 16 5.45 -43.21 -14.96
C GLU B 16 6.78 -42.65 -14.49
N ASN B 17 7.37 -43.27 -13.48
CA ASN B 17 8.60 -42.76 -12.89
C ASN B 17 9.72 -42.76 -13.92
N GLY B 18 10.25 -41.57 -14.21
CA GLY B 18 11.35 -41.41 -15.13
C GLY B 18 10.96 -40.89 -16.50
N LYS B 19 9.67 -40.76 -16.78
CA LYS B 19 9.20 -40.34 -18.10
C LYS B 19 8.72 -38.89 -18.01
N SER B 20 9.22 -38.05 -18.91
CA SER B 20 8.83 -36.65 -18.89
C SER B 20 7.33 -36.51 -19.13
N ASN B 21 6.74 -35.51 -18.48
CA ASN B 21 5.29 -35.35 -18.40
C ASN B 21 4.99 -33.87 -18.25
N PHE B 22 3.74 -33.55 -17.95
CA PHE B 22 3.32 -32.19 -17.67
C PHE B 22 2.50 -32.19 -16.39
N LEU B 23 2.86 -31.31 -15.45
CA LEU B 23 2.10 -31.13 -14.22
C LEU B 23 1.11 -29.99 -14.42
N ASN B 24 -0.16 -30.26 -14.14
CA ASN B 24 -1.24 -29.31 -14.35
C ASN B 24 -1.88 -28.92 -13.03
N CYS B 25 -2.26 -27.65 -12.93
CA CYS B 25 -3.13 -27.17 -11.86
C CYS B 25 -4.27 -26.42 -12.52
N TYR B 26 -5.47 -27.01 -12.49
CA TYR B 26 -6.65 -26.46 -13.12
C TYR B 26 -7.50 -25.81 -12.03
N VAL B 27 -7.72 -24.50 -12.15
CA VAL B 27 -8.57 -23.75 -11.24
C VAL B 27 -9.77 -23.24 -12.03
N SER B 28 -10.97 -23.43 -11.48
CA SER B 28 -12.18 -23.10 -12.20
C SER B 28 -13.26 -22.66 -11.22
N GLY B 29 -14.32 -22.08 -11.77
CA GLY B 29 -15.48 -21.70 -10.98
C GLY B 29 -15.26 -20.55 -10.04
N PHE B 30 -14.23 -19.74 -10.25
CA PHE B 30 -13.91 -18.64 -9.34
C PHE B 30 -14.30 -17.30 -9.94
N HIS B 31 -14.48 -16.32 -9.06
CA HIS B 31 -14.81 -14.95 -9.40
C HIS B 31 -14.47 -14.06 -8.22
N PRO B 32 -13.78 -12.93 -8.41
CA PRO B 32 -13.30 -12.36 -9.69
C PRO B 32 -12.08 -13.08 -10.25
N SER B 33 -11.48 -12.53 -11.30
CA SER B 33 -10.49 -13.27 -12.08
C SER B 33 -9.10 -13.27 -11.46
N ASP B 34 -8.75 -12.25 -10.68
CA ASP B 34 -7.42 -12.16 -10.08
C ASP B 34 -7.15 -13.38 -9.22
N ILE B 35 -6.10 -14.13 -9.57
CA ILE B 35 -5.77 -15.36 -8.87
C ILE B 35 -4.27 -15.63 -9.03
N GLU B 36 -3.68 -16.30 -8.05
CA GLU B 36 -2.29 -16.72 -8.10
C GLU B 36 -2.21 -18.23 -7.94
N VAL B 37 -1.48 -18.87 -8.83
CA VAL B 37 -1.27 -20.31 -8.79
C VAL B 37 0.23 -20.57 -8.86
N ASP B 38 0.74 -21.34 -7.91
CA ASP B 38 2.12 -21.79 -7.91
C ASP B 38 2.16 -23.31 -7.91
N LEU B 39 3.13 -23.87 -8.59
CA LEU B 39 3.41 -25.30 -8.49
C LEU B 39 4.60 -25.50 -7.56
N LEU B 40 4.52 -26.52 -6.71
CA LEU B 40 5.51 -26.77 -5.68
C LEU B 40 6.16 -28.13 -5.88
N LYS B 41 7.46 -28.20 -5.62
CA LYS B 41 8.21 -29.45 -5.67
C LYS B 41 9.07 -29.54 -4.41
N ASN B 42 8.77 -30.52 -3.56
CA ASN B 42 9.54 -30.77 -2.34
C ASN B 42 9.63 -29.54 -1.45
N GLY B 43 8.57 -28.73 -1.43
CA GLY B 43 8.50 -27.59 -0.54
C GLY B 43 9.08 -26.30 -1.08
N GLU B 44 9.21 -26.15 -2.39
CA GLU B 44 9.67 -24.87 -2.93
C GLU B 44 9.03 -24.65 -4.29
N ARG B 45 9.00 -23.38 -4.70
CA ARG B 45 8.29 -22.98 -5.90
C ARG B 45 8.99 -23.47 -7.16
N ILE B 46 8.18 -23.92 -8.12
CA ILE B 46 8.67 -24.26 -9.46
C ILE B 46 8.64 -22.98 -10.28
N GLU B 47 9.80 -22.60 -10.82
CA GLU B 47 9.98 -21.23 -11.32
C GLU B 47 9.20 -20.99 -12.60
N LYS B 48 9.40 -21.83 -13.61
CA LYS B 48 8.80 -21.61 -14.93
C LYS B 48 7.46 -22.32 -14.99
N VAL B 49 6.38 -21.55 -14.91
CA VAL B 49 5.03 -22.07 -15.03
C VAL B 49 4.27 -21.18 -16.01
N GLU B 50 3.61 -21.80 -16.98
CA GLU B 50 2.79 -21.09 -17.94
C GLU B 50 1.32 -21.35 -17.65
N HIS B 51 0.46 -20.54 -18.27
CA HIS B 51 -0.97 -20.69 -18.03
C HIS B 51 -1.73 -20.33 -19.30
N SER B 52 -2.93 -20.90 -19.40
CA SER B 52 -3.81 -20.61 -20.52
C SER B 52 -4.41 -19.21 -20.38
N ASP B 53 -5.06 -18.77 -21.44
CA ASP B 53 -5.67 -17.45 -21.46
C ASP B 53 -6.98 -17.46 -20.68
N LEU B 54 -7.35 -16.29 -20.17
CA LEU B 54 -8.52 -16.20 -19.29
C LEU B 54 -9.80 -16.42 -20.08
N SER B 55 -10.62 -17.36 -19.61
CA SER B 55 -11.92 -17.63 -20.17
C SER B 55 -12.90 -17.91 -19.03
N PHE B 56 -14.19 -17.96 -19.35
CA PHE B 56 -15.21 -18.19 -18.33
C PHE B 56 -16.31 -19.08 -18.88
N SER B 57 -17.15 -19.57 -17.97
CA SER B 57 -18.18 -20.56 -18.23
C SER B 57 -19.54 -19.88 -18.43
N LYS B 58 -20.59 -20.69 -18.52
CA LYS B 58 -21.94 -20.15 -18.70
C LYS B 58 -22.35 -19.26 -17.54
N ASP B 59 -22.01 -19.66 -16.31
CA ASP B 59 -22.35 -18.89 -15.11
C ASP B 59 -21.39 -17.72 -14.86
N TRP B 60 -20.53 -17.40 -15.84
CA TRP B 60 -19.58 -16.29 -15.85
C TRP B 60 -18.35 -16.55 -14.98
N SER B 61 -18.23 -17.71 -14.33
CA SER B 61 -17.07 -17.98 -13.50
C SER B 61 -15.88 -18.39 -14.36
N PHE B 62 -14.70 -17.88 -13.99
CA PHE B 62 -13.52 -18.05 -14.81
C PHE B 62 -12.88 -19.42 -14.61
N TYR B 63 -12.01 -19.79 -15.55
CA TYR B 63 -11.20 -20.99 -15.41
C TYR B 63 -9.86 -20.77 -16.08
N LEU B 64 -8.83 -21.42 -15.53
CA LEU B 64 -7.46 -21.30 -16.01
C LEU B 64 -6.73 -22.61 -15.78
N LEU B 65 -5.76 -22.89 -16.66
CA LEU B 65 -4.90 -24.06 -16.52
C LEU B 65 -3.46 -23.59 -16.40
N TYR B 66 -2.79 -23.96 -15.31
CA TYR B 66 -1.37 -23.71 -15.11
C TYR B 66 -0.62 -25.02 -15.30
N TYR B 67 0.47 -24.98 -16.06
CA TYR B 67 1.16 -26.21 -16.43
C TYR B 67 2.66 -25.97 -16.53
N THR B 68 3.41 -27.04 -16.31
CA THR B 68 4.85 -27.03 -16.52
C THR B 68 5.32 -28.45 -16.76
N GLU B 69 6.49 -28.57 -17.40
CA GLU B 69 7.08 -29.88 -17.63
C GLU B 69 7.67 -30.43 -16.34
N PHE B 70 7.58 -31.75 -16.17
CA PHE B 70 8.17 -32.40 -15.00
C PHE B 70 8.31 -33.88 -15.30
N THR B 71 9.17 -34.54 -14.53
CA THR B 71 9.38 -35.97 -14.65
C THR B 71 9.15 -36.61 -13.29
N PRO B 72 8.05 -37.35 -13.11
CA PRO B 72 7.76 -37.89 -11.78
C PRO B 72 8.80 -38.92 -11.35
N THR B 73 9.11 -38.92 -10.07
CA THR B 73 9.92 -39.96 -9.46
C THR B 73 9.16 -40.55 -8.28
N GLU B 74 9.76 -41.57 -7.66
CA GLU B 74 9.08 -42.27 -6.58
C GLU B 74 9.05 -41.43 -5.30
N LYS B 75 10.00 -40.52 -5.12
CA LYS B 75 10.16 -39.81 -3.86
C LYS B 75 9.84 -38.33 -3.94
N ASP B 76 9.86 -37.73 -5.13
CA ASP B 76 9.58 -36.31 -5.27
C ASP B 76 8.10 -36.01 -5.05
N GLU B 77 7.80 -35.08 -4.14
CA GLU B 77 6.44 -34.70 -3.83
C GLU B 77 6.09 -33.40 -4.55
N TYR B 78 4.95 -33.39 -5.24
CA TYR B 78 4.48 -32.23 -5.98
C TYR B 78 3.15 -31.75 -5.43
N ALA B 79 2.86 -30.47 -5.66
CA ALA B 79 1.63 -29.88 -5.16
C ALA B 79 1.37 -28.57 -5.88
N CYS B 80 0.22 -27.98 -5.59
CA CYS B 80 -0.21 -26.70 -6.16
CA CYS B 80 -0.18 -26.69 -6.15
C CYS B 80 -0.68 -25.80 -5.02
N ARG B 81 -0.39 -24.50 -5.14
CA ARG B 81 -0.80 -23.52 -4.15
C ARG B 81 -1.58 -22.41 -4.84
N VAL B 82 -2.80 -22.17 -4.38
CA VAL B 82 -3.72 -21.23 -5.01
C VAL B 82 -4.07 -20.14 -4.01
N ASN B 83 -4.10 -18.90 -4.49
CA ASN B 83 -4.45 -17.75 -3.67
C ASN B 83 -5.52 -16.94 -4.38
N HIS B 84 -6.54 -16.53 -3.62
CA HIS B 84 -7.69 -15.84 -4.17
C HIS B 84 -8.30 -14.99 -3.06
N VAL B 85 -9.06 -13.97 -3.47
CA VAL B 85 -9.67 -13.07 -2.49
C VAL B 85 -10.62 -13.81 -1.56
N THR B 86 -11.15 -14.95 -2.00
CA THR B 86 -12.05 -15.74 -1.17
C THR B 86 -11.33 -16.61 -0.15
N LEU B 87 -10.00 -16.57 -0.12
CA LEU B 87 -9.21 -17.42 0.77
C LEU B 87 -8.51 -16.55 1.81
N SER B 88 -8.64 -16.91 3.08
CA SER B 88 -7.94 -16.18 4.14
C SER B 88 -6.45 -16.49 4.14
N GLN B 89 -6.05 -17.62 3.55
CA GLN B 89 -4.65 -17.99 3.39
C GLN B 89 -4.54 -18.87 2.17
N PRO B 90 -3.39 -18.91 1.50
CA PRO B 90 -3.28 -19.73 0.29
C PRO B 90 -3.54 -21.20 0.59
N LYS B 91 -4.28 -21.84 -0.32
CA LYS B 91 -4.66 -23.24 -0.19
C LYS B 91 -3.70 -24.11 -0.98
N ILE B 92 -3.28 -25.21 -0.39
CA ILE B 92 -2.34 -26.14 -0.99
C ILE B 92 -3.04 -27.47 -1.23
N VAL B 93 -3.01 -27.93 -2.48
CA VAL B 93 -3.56 -29.23 -2.87
C VAL B 93 -2.41 -30.08 -3.40
N LYS B 94 -2.13 -31.19 -2.72
CA LYS B 94 -1.06 -32.08 -3.12
C LYS B 94 -1.46 -32.91 -4.34
N TRP B 95 -0.45 -33.33 -5.09
CA TRP B 95 -0.65 -34.16 -6.28
C TRP B 95 -0.67 -35.63 -5.88
N ASP B 96 -1.76 -36.31 -6.21
CA ASP B 96 -1.87 -37.76 -6.09
C ASP B 96 -1.90 -38.33 -7.50
N ARG B 97 -0.91 -39.17 -7.83
CA ARG B 97 -0.83 -39.72 -9.17
C ARG B 97 -2.00 -40.63 -9.51
N ASP B 98 -2.79 -41.05 -8.52
CA ASP B 98 -3.99 -41.84 -8.75
C ASP B 98 -5.25 -40.97 -8.76
N MET B 99 -5.09 -39.66 -8.92
CA MET B 99 -6.22 -38.74 -8.94
C MET B 99 -5.98 -37.64 -9.97
N GLU C 1 -14.59 -14.64 -36.76
CA GLU C 1 -14.54 -13.20 -36.94
C GLU C 1 -15.40 -12.47 -35.91
N LEU C 2 -14.87 -11.37 -35.37
CA LEU C 2 -15.60 -10.58 -34.39
C LEU C 2 -16.75 -9.83 -35.05
N ALA C 3 -17.72 -9.43 -34.21
CA ALA C 3 -18.84 -8.63 -34.67
C ALA C 3 -18.38 -7.19 -34.85
N GLY C 4 -18.59 -6.64 -36.05
CA GLY C 4 -18.18 -5.29 -36.34
C GLY C 4 -19.23 -4.27 -35.94
N ILE C 5 -20.48 -4.73 -35.79
CA ILE C 5 -21.60 -3.87 -35.44
C ILE C 5 -22.38 -4.53 -34.32
N GLY C 6 -23.07 -3.70 -33.53
CA GLY C 6 -23.94 -4.17 -32.48
C GLY C 6 -23.33 -4.17 -31.09
N ILE C 7 -22.05 -3.85 -30.96
CA ILE C 7 -21.37 -3.83 -29.67
C ILE C 7 -21.34 -2.38 -29.20
N LEU C 8 -22.30 -2.01 -28.36
CA LEU C 8 -22.44 -0.64 -27.88
C LEU C 8 -22.18 -0.58 -26.38
N THR C 9 -22.08 0.65 -25.88
CA THR C 9 -21.85 0.86 -24.45
C THR C 9 -23.11 0.56 -23.64
N VAL C 10 -22.91 0.21 -22.38
CA VAL C 10 -23.98 -0.09 -21.46
C VAL C 10 -24.48 1.18 -20.77
N GLU D 1 3.17 -29.21 14.33
CA GLU D 1 4.42 -29.96 14.35
C GLU D 1 5.56 -28.94 14.42
N VAL D 2 5.62 -28.08 13.41
CA VAL D 2 6.58 -26.97 13.36
C VAL D 2 5.90 -25.70 13.87
N LYS D 3 6.56 -25.02 14.80
CA LYS D 3 6.10 -23.75 15.34
C LYS D 3 7.00 -22.62 14.86
N LEU D 4 6.38 -21.51 14.46
CA LEU D 4 7.08 -20.35 13.92
C LEU D 4 6.92 -19.17 14.88
N VAL D 5 8.04 -18.62 15.33
CA VAL D 5 8.06 -17.52 16.29
C VAL D 5 8.57 -16.27 15.57
N GLU D 6 7.71 -15.25 15.47
CA GLU D 6 8.04 -14.01 14.81
C GLU D 6 8.33 -12.91 15.83
N SER D 7 9.00 -11.86 15.35
CA SER D 7 9.31 -10.70 16.18
C SER D 7 9.72 -9.55 15.28
N GLY D 8 9.64 -8.34 15.83
CA GLY D 8 10.13 -7.15 15.18
C GLY D 8 9.06 -6.20 14.68
N GLY D 9 7.79 -6.59 14.67
CA GLY D 9 6.76 -5.70 14.20
C GLY D 9 6.55 -4.52 15.13
N GLY D 10 5.96 -3.47 14.59
CA GLY D 10 5.68 -2.27 15.36
C GLY D 10 5.45 -1.07 14.45
N LEU D 11 5.51 0.10 15.07
CA LEU D 11 5.23 1.36 14.39
C LEU D 11 6.53 1.98 13.88
N VAL D 12 6.47 2.54 12.67
CA VAL D 12 7.62 3.17 12.04
C VAL D 12 7.11 4.32 11.20
N GLN D 13 7.97 5.33 11.02
CA GLN D 13 7.61 6.50 10.23
C GLN D 13 7.72 6.19 8.74
N PRO D 14 6.98 6.92 7.90
CA PRO D 14 7.14 6.77 6.45
C PRO D 14 8.56 7.12 6.03
N GLY D 15 9.13 6.26 5.18
CA GLY D 15 10.51 6.39 4.75
C GLY D 15 11.52 5.71 5.65
N GLY D 16 11.09 5.09 6.74
CA GLY D 16 11.98 4.42 7.66
C GLY D 16 12.16 2.96 7.31
N SER D 17 12.88 2.25 8.19
CA SER D 17 13.21 0.85 7.98
C SER D 17 12.82 0.04 9.22
N LEU D 18 12.65 -1.26 8.99
CA LEU D 18 12.25 -2.19 10.04
C LEU D 18 12.77 -3.58 9.67
N ARG D 19 13.17 -4.34 10.68
CA ARG D 19 13.76 -5.67 10.47
C ARG D 19 12.93 -6.71 11.22
N LEU D 20 12.27 -7.60 10.48
CA LEU D 20 11.52 -8.70 11.06
C LEU D 20 12.38 -9.95 11.08
N SER D 21 12.07 -10.85 12.01
CA SER D 21 12.75 -12.13 12.08
C SER D 21 11.72 -13.22 12.36
N CYS D 22 12.10 -14.45 12.04
CA CYS D 22 11.21 -15.60 12.25
C CYS D 22 12.06 -16.85 12.38
N ALA D 23 11.91 -17.56 13.50
CA ALA D 23 12.65 -18.79 13.75
C ALA D 23 11.69 -19.96 13.84
N ALA D 24 12.14 -21.12 13.36
CA ALA D 24 11.35 -22.34 13.42
C ALA D 24 11.84 -23.21 14.57
N SER D 25 10.91 -23.64 15.42
CA SER D 25 11.17 -24.58 16.50
C SER D 25 10.55 -25.94 16.17
N GLY D 26 11.12 -26.99 16.75
CA GLY D 26 10.51 -28.31 16.70
C GLY D 26 11.18 -29.22 15.70
N SER D 27 10.39 -29.81 14.82
CA SER D 27 10.80 -30.69 13.75
C SER D 27 11.54 -29.98 12.63
N ILE D 28 12.29 -28.94 12.98
CA ILE D 28 13.07 -28.18 12.01
C ILE D 28 13.95 -29.14 11.24
N PHE D 29 14.56 -28.63 10.17
CA PHE D 29 15.34 -29.37 9.19
C PHE D 29 14.40 -30.11 8.25
N SER D 30 13.10 -30.14 8.54
CA SER D 30 12.08 -30.63 7.64
C SER D 30 11.35 -29.49 6.94
N ILE D 31 11.89 -28.28 7.02
CA ILE D 31 11.28 -27.09 6.43
C ILE D 31 12.15 -26.63 5.27
N ASN D 32 11.56 -26.52 4.10
CA ASN D 32 12.25 -25.97 2.94
C ASN D 32 12.02 -24.46 2.87
N THR D 33 10.98 -24.03 2.18
CA THR D 33 10.77 -22.60 1.99
C THR D 33 10.25 -21.96 3.26
N MET D 34 10.81 -20.79 3.59
CA MET D 34 10.28 -19.91 4.63
C MET D 34 10.12 -18.53 4.03
N GLY D 35 9.20 -17.75 4.58
CA GLY D 35 8.97 -16.42 4.06
C GLY D 35 7.87 -15.69 4.80
N TRP D 36 7.38 -14.64 4.17
CA TRP D 36 6.41 -13.73 4.76
C TRP D 36 5.28 -13.44 3.77
N TYR D 37 4.06 -13.47 4.28
CA TYR D 37 2.89 -12.91 3.62
C TYR D 37 2.38 -11.76 4.48
N ARG D 38 1.64 -10.83 3.86
CA ARG D 38 1.05 -9.74 4.60
C ARG D 38 -0.43 -9.62 4.21
N GLN D 39 -1.22 -9.13 5.15
CA GLN D 39 -2.66 -9.15 4.96
C GLN D 39 -3.30 -7.99 5.72
N THR D 40 -4.16 -7.25 5.04
CA THR D 40 -5.04 -6.27 5.66
C THR D 40 -6.42 -6.89 5.89
N PRO D 41 -7.20 -6.36 6.83
CA PRO D 41 -8.51 -6.95 7.13
C PRO D 41 -9.42 -6.96 5.92
N GLY D 42 -10.13 -8.08 5.75
CA GLY D 42 -11.10 -8.24 4.69
C GLY D 42 -10.54 -8.78 3.39
N LYS D 43 -9.23 -8.67 3.18
CA LYS D 43 -8.59 -9.11 1.96
C LYS D 43 -7.75 -10.35 2.23
N GLN D 44 -7.19 -10.90 1.16
CA GLN D 44 -6.32 -12.07 1.22
C GLN D 44 -4.92 -11.64 1.65
N ARG D 45 -4.07 -12.62 1.92
CA ARG D 45 -2.67 -12.35 2.23
C ARG D 45 -1.82 -12.47 0.97
N ASP D 46 -1.00 -11.44 0.72
CA ASP D 46 -0.15 -11.36 -0.44
C ASP D 46 1.30 -11.69 -0.08
N LEU D 47 2.00 -12.30 -1.02
CA LEU D 47 3.39 -12.67 -0.80
C LEU D 47 4.26 -11.44 -0.65
N VAL D 48 5.13 -11.45 0.36
CA VAL D 48 6.10 -10.38 0.56
C VAL D 48 7.44 -10.86 0.02
N ALA D 49 7.96 -11.94 0.61
CA ALA D 49 9.24 -12.51 0.20
C ALA D 49 9.36 -13.90 0.82
N ASP D 50 9.98 -14.81 0.09
CA ASP D 50 10.30 -16.12 0.65
C ASP D 50 11.63 -16.61 0.07
N ILE D 51 12.18 -17.64 0.70
CA ILE D 51 13.47 -18.18 0.33
C ILE D 51 13.49 -19.67 0.67
N SER D 52 14.04 -20.46 -0.23
CA SER D 52 14.15 -21.90 0.00
C SER D 52 15.42 -22.21 0.79
N SER D 53 15.54 -23.47 1.22
CA SER D 53 16.76 -23.92 1.87
C SER D 53 17.96 -23.83 0.94
N GLY D 54 17.73 -23.84 -0.37
CA GLY D 54 18.78 -23.63 -1.34
C GLY D 54 19.11 -22.20 -1.65
N GLY D 55 18.29 -21.26 -1.14
CA GLY D 55 18.55 -19.85 -1.32
C GLY D 55 17.75 -19.18 -2.42
N SER D 56 16.84 -19.90 -3.08
CA SER D 56 16.04 -19.31 -4.13
C SER D 56 14.98 -18.39 -3.51
N THR D 57 14.98 -17.12 -3.91
CA THR D 57 14.12 -16.11 -3.32
C THR D 57 13.13 -15.58 -4.34
N LYS D 58 11.98 -15.12 -3.84
CA LYS D 58 10.99 -14.45 -4.66
C LYS D 58 10.40 -13.29 -3.87
N TYR D 59 10.22 -12.15 -4.54
CA TYR D 59 9.69 -10.96 -3.91
C TYR D 59 8.38 -10.55 -4.58
N GLY D 60 7.44 -10.07 -3.77
CA GLY D 60 6.25 -9.46 -4.33
C GLY D 60 6.58 -8.21 -5.11
N ASP D 61 5.78 -7.93 -6.14
CA ASP D 61 6.08 -6.83 -7.04
C ASP D 61 6.10 -5.49 -6.32
N SER D 62 5.19 -5.30 -5.35
CA SER D 62 5.09 -4.02 -4.68
C SER D 62 6.24 -3.78 -3.69
N VAL D 63 6.98 -4.82 -3.33
CA VAL D 63 8.07 -4.71 -2.36
C VAL D 63 9.43 -4.95 -2.99
N LYS D 64 9.48 -5.31 -4.28
CA LYS D 64 10.75 -5.55 -4.95
C LYS D 64 11.60 -4.29 -5.01
N GLY D 65 12.84 -4.40 -4.56
CA GLY D 65 13.76 -3.28 -4.53
C GLY D 65 13.83 -2.56 -3.21
N ARG D 66 12.90 -2.80 -2.31
CA ARG D 66 12.90 -2.17 -0.99
C ARG D 66 13.06 -3.16 0.15
N PHE D 67 12.56 -4.38 0.01
CA PHE D 67 12.71 -5.40 1.04
C PHE D 67 13.78 -6.40 0.61
N THR D 68 14.38 -7.05 1.59
CA THR D 68 15.41 -8.06 1.33
C THR D 68 15.28 -9.17 2.37
N ILE D 69 15.24 -10.41 1.91
CA ILE D 69 15.14 -11.57 2.78
C ILE D 69 16.49 -12.28 2.83
N SER D 70 16.86 -12.76 4.01
CA SER D 70 18.08 -13.52 4.21
C SER D 70 17.76 -14.70 5.11
N ARG D 71 18.72 -15.61 5.26
CA ARG D 71 18.40 -16.85 5.94
C ARG D 71 19.65 -17.49 6.52
N ASP D 72 19.47 -18.14 7.67
CA ASP D 72 20.50 -18.93 8.33
C ASP D 72 19.91 -20.32 8.55
N ASN D 73 20.28 -21.28 7.70
CA ASN D 73 19.75 -22.63 7.80
C ASN D 73 20.21 -23.35 9.05
N THR D 74 21.35 -22.94 9.63
CA THR D 74 21.86 -23.65 10.81
C THR D 74 20.93 -23.51 12.00
N LYS D 75 20.16 -22.42 12.08
CA LYS D 75 19.18 -22.22 13.14
C LYS D 75 17.77 -22.03 12.60
N ASN D 76 17.56 -22.23 11.30
CA ASN D 76 16.25 -22.16 10.68
C ASN D 76 15.55 -20.83 10.95
N THR D 77 16.26 -19.74 10.67
CA THR D 77 15.76 -18.40 10.92
C THR D 77 15.85 -17.59 9.62
N VAL D 78 14.78 -16.84 9.33
CA VAL D 78 14.75 -15.94 8.19
C VAL D 78 14.60 -14.51 8.71
N TYR D 79 15.18 -13.57 7.97
CA TYR D 79 15.16 -12.16 8.32
C TYR D 79 14.62 -11.35 7.14
N LEU D 80 13.77 -10.38 7.44
CA LEU D 80 13.17 -9.51 6.42
C LEU D 80 13.58 -8.07 6.72
N GLN D 81 14.48 -7.53 5.91
CA GLN D 81 14.91 -6.13 6.02
C GLN D 81 14.02 -5.28 5.13
N MET D 82 13.17 -4.46 5.75
CA MET D 82 12.21 -3.61 5.04
C MET D 82 12.74 -2.18 5.03
N ASN D 83 13.06 -1.67 3.83
CA ASN D 83 13.55 -0.31 3.67
C ASN D 83 12.52 0.53 2.91
N SER D 84 12.64 1.84 3.06
CA SER D 84 11.81 2.82 2.36
C SER D 84 10.32 2.50 2.54
N LEU D 85 9.93 2.28 3.79
CA LEU D 85 8.57 1.85 4.09
C LEU D 85 7.57 2.94 3.71
N LYS D 86 6.40 2.51 3.27
CA LYS D 86 5.31 3.36 2.83
C LYS D 86 4.06 3.05 3.64
N PRO D 87 3.12 3.99 3.71
CA PRO D 87 1.86 3.70 4.43
C PRO D 87 1.11 2.50 3.87
N GLU D 88 1.32 2.16 2.59
CA GLU D 88 0.68 1.00 1.99
C GLU D 88 1.26 -0.31 2.50
N ASP D 89 2.42 -0.28 3.15
CA ASP D 89 3.02 -1.47 3.73
C ASP D 89 2.38 -1.84 5.06
N THR D 90 1.44 -1.05 5.57
CA THR D 90 0.76 -1.36 6.82
C THR D 90 -0.10 -2.61 6.65
N ALA D 91 0.19 -3.63 7.43
CA ALA D 91 -0.53 -4.91 7.38
C ALA D 91 -0.04 -5.77 8.53
N VAL D 92 -0.62 -6.96 8.63
CA VAL D 92 -0.13 -8.00 9.53
C VAL D 92 0.77 -8.93 8.73
N TYR D 93 2.02 -9.06 9.16
CA TYR D 93 3.02 -9.86 8.45
C TYR D 93 3.11 -11.24 9.08
N TYR D 94 2.70 -12.26 8.33
CA TYR D 94 2.71 -13.64 8.78
C TYR D 94 3.92 -14.37 8.23
N CYS D 95 4.66 -15.03 9.12
CA CYS D 95 5.73 -15.93 8.70
C CYS D 95 5.14 -17.29 8.34
N TYR D 96 5.73 -17.95 7.35
CA TYR D 96 5.24 -19.25 6.92
C TYR D 96 6.40 -20.14 6.50
N GLY D 97 6.11 -21.43 6.42
CA GLY D 97 7.10 -22.41 6.01
C GLY D 97 6.43 -23.59 5.33
N LEU D 98 7.17 -24.24 4.45
CA LEU D 98 6.71 -25.43 3.74
C LEU D 98 7.66 -26.58 4.04
N SER D 99 7.10 -27.71 4.46
CA SER D 99 7.93 -28.89 4.63
C SER D 99 8.33 -29.43 3.26
N TYR D 100 9.27 -30.38 3.26
CA TYR D 100 9.64 -31.03 2.01
C TYR D 100 8.52 -31.92 1.47
N SER D 101 7.44 -32.09 2.21
CA SER D 101 6.24 -32.77 1.74
C SER D 101 5.12 -31.79 1.42
N ASN D 102 5.44 -30.50 1.29
CA ASN D 102 4.50 -29.45 0.92
C ASN D 102 3.42 -29.23 1.98
N ASP D 103 3.73 -29.48 3.24
CA ASP D 103 2.86 -29.10 4.36
C ASP D 103 3.22 -27.69 4.81
N ASP D 104 2.21 -26.84 4.95
CA ASP D 104 2.43 -25.44 5.28
C ASP D 104 2.17 -25.16 6.75
N TYR D 105 2.95 -24.25 7.32
CA TYR D 105 2.83 -23.81 8.70
C TYR D 105 2.85 -22.28 8.73
N TRP D 106 2.17 -21.72 9.73
CA TRP D 106 2.06 -20.28 9.83
C TRP D 106 2.30 -19.84 11.27
N GLY D 107 2.84 -18.63 11.41
CA GLY D 107 2.95 -18.00 12.71
C GLY D 107 1.72 -17.18 13.04
N GLN D 108 1.73 -16.61 14.24
CA GLN D 108 0.58 -15.82 14.68
C GLN D 108 0.50 -14.47 13.99
N GLY D 109 1.58 -14.01 13.39
CA GLY D 109 1.60 -12.73 12.70
C GLY D 109 2.14 -11.64 13.59
N THR D 110 2.70 -10.61 12.96
CA THR D 110 3.16 -9.43 13.67
C THR D 110 2.68 -8.19 12.92
N GLN D 111 2.13 -7.23 13.66
CA GLN D 111 1.61 -6.01 13.06
C GLN D 111 2.74 -5.07 12.68
N VAL D 112 2.60 -4.44 11.52
CA VAL D 112 3.53 -3.40 11.06
C VAL D 112 2.69 -2.21 10.62
N THR D 113 2.90 -1.06 11.25
CA THR D 113 2.13 0.14 10.97
C THR D 113 3.08 1.25 10.53
N VAL D 114 2.83 1.80 9.34
CA VAL D 114 3.61 2.91 8.80
C VAL D 114 2.69 4.11 8.78
N SER D 115 2.90 5.04 9.72
CA SER D 115 2.02 6.19 9.86
C SER D 115 2.79 7.36 10.42
N SER D 116 2.36 8.57 10.06
CA SER D 116 2.98 9.78 10.56
C SER D 116 2.50 10.12 11.98
N GLY D 117 1.23 9.89 12.26
CA GLY D 117 0.66 10.17 13.57
C GLY D 117 0.76 9.00 14.53
N ASP E 1 -35.31 10.09 -38.82
CA ASP E 1 -34.59 9.37 -37.78
C ASP E 1 -33.16 9.09 -38.22
N PRO E 2 -32.22 9.93 -37.79
CA PRO E 2 -30.81 9.71 -38.14
C PRO E 2 -30.28 8.37 -37.68
N LEU E 3 -30.76 7.88 -36.54
CA LEU E 3 -30.30 6.59 -36.03
C LEU E 3 -30.74 5.45 -36.93
N LYS E 4 -31.90 5.59 -37.59
CA LYS E 4 -32.33 4.59 -38.56
C LYS E 4 -31.35 4.50 -39.73
N ARG E 5 -30.92 5.65 -40.24
CA ARG E 5 -30.02 5.66 -41.40
C ARG E 5 -28.68 5.04 -41.04
N LEU E 6 -28.16 5.35 -39.86
CA LEU E 6 -26.89 4.76 -39.43
C LEU E 6 -27.01 3.25 -39.28
N THR E 7 -28.17 2.77 -38.82
CA THR E 7 -28.36 1.33 -38.69
C THR E 7 -28.40 0.65 -40.05
N GLU E 8 -29.08 1.27 -41.03
CA GLU E 8 -29.14 0.68 -42.36
C GLU E 8 -27.77 0.68 -43.03
N LEU E 9 -26.97 1.72 -42.81
CA LEU E 9 -25.62 1.75 -43.35
C LEU E 9 -24.74 0.69 -42.70
N ALA E 10 -24.97 0.41 -41.41
CA ALA E 10 -24.19 -0.63 -40.75
C ALA E 10 -24.56 -2.01 -41.26
N LEU E 11 -25.85 -2.26 -41.48
CA LEU E 11 -26.28 -3.54 -42.05
C LEU E 11 -25.75 -3.71 -43.46
N GLU E 12 -25.71 -2.62 -44.24
CA GLU E 12 -25.14 -2.69 -45.58
C GLU E 12 -23.64 -3.00 -45.52
N ALA E 13 -22.92 -2.36 -44.60
CA ALA E 13 -21.48 -2.60 -44.48
C ALA E 13 -21.19 -4.03 -44.05
N LEU E 14 -22.04 -4.63 -43.22
CA LEU E 14 -21.80 -5.99 -42.78
C LEU E 14 -22.08 -6.99 -43.90
N ARG E 15 -23.04 -6.69 -44.78
CA ARG E 15 -23.34 -7.58 -45.89
C ARG E 15 -22.34 -7.44 -47.03
N ASP E 16 -21.77 -6.24 -47.22
CA ASP E 16 -20.83 -6.02 -48.30
C ASP E 16 -19.45 -6.60 -48.02
N GLU E 17 -19.12 -6.84 -46.75
CA GLU E 17 -17.79 -7.34 -46.40
C GLU E 17 -17.39 -8.61 -47.16
N PRO E 18 -18.23 -9.63 -47.32
CA PRO E 18 -17.79 -10.78 -48.13
C PRO E 18 -17.65 -10.45 -49.61
N HIS E 19 -18.56 -9.65 -50.16
CA HIS E 19 -18.59 -9.40 -51.59
C HIS E 19 -17.81 -8.12 -51.95
N VAL E 20 -16.57 -8.04 -51.48
CA VAL E 20 -15.72 -6.88 -51.70
C VAL E 20 -14.31 -7.36 -51.98
N PRO E 21 -13.57 -6.73 -52.89
CA PRO E 21 -12.20 -7.17 -53.15
C PRO E 21 -11.38 -7.14 -51.89
N PRO E 22 -10.43 -8.07 -51.74
CA PRO E 22 -9.64 -8.14 -50.49
C PRO E 22 -8.91 -6.86 -50.14
N GLU E 23 -8.60 -6.02 -51.13
CA GLU E 23 -7.90 -4.77 -50.83
C GLU E 23 -8.83 -3.75 -50.17
N ASP E 24 -10.10 -3.74 -50.57
CA ASP E 24 -11.06 -2.81 -49.97
C ASP E 24 -11.58 -3.31 -48.62
N ARG E 25 -11.26 -4.55 -48.24
CA ARG E 25 -11.79 -5.10 -47.00
C ARG E 25 -11.36 -4.33 -45.75
N PRO E 26 -10.11 -3.90 -45.58
CA PRO E 26 -9.78 -3.08 -44.40
C PRO E 26 -10.64 -1.84 -44.28
N LEU E 27 -10.96 -1.20 -45.41
CA LEU E 27 -11.81 -0.02 -45.37
C LEU E 27 -13.23 -0.38 -44.90
N VAL E 28 -13.70 -1.58 -45.23
CA VAL E 28 -15.03 -2.00 -44.79
C VAL E 28 -15.05 -2.18 -43.28
N THR E 29 -14.02 -2.82 -42.73
CA THR E 29 -13.96 -3.03 -41.28
C THR E 29 -13.87 -1.70 -40.53
N LEU E 30 -13.05 -0.77 -41.04
CA LEU E 30 -12.99 0.55 -40.43
C LEU E 30 -14.32 1.28 -40.53
N LEU E 31 -15.06 1.04 -41.61
CA LEU E 31 -16.39 1.64 -41.74
C LEU E 31 -17.36 1.08 -40.73
N GLN E 32 -17.28 -0.23 -40.46
CA GLN E 32 -18.16 -0.83 -39.46
C GLN E 32 -17.86 -0.28 -38.07
N ILE E 33 -16.58 -0.05 -37.77
CA ILE E 33 -16.21 0.50 -36.47
C ILE E 33 -16.69 1.93 -36.34
N ALA E 34 -16.53 2.73 -37.41
CA ALA E 34 -16.99 4.12 -37.37
C ALA E 34 -18.51 4.19 -37.30
N LEU E 35 -19.21 3.36 -38.08
CA LEU E 35 -20.66 3.36 -38.05
C LEU E 35 -21.20 2.88 -36.71
N ASN E 36 -20.50 1.93 -36.07
CA ASN E 36 -20.94 1.46 -34.77
C ASN E 36 -20.80 2.56 -33.72
N LEU E 37 -19.71 3.32 -33.77
CA LEU E 37 -19.52 4.42 -32.82
C LEU E 37 -20.48 5.56 -33.09
N ALA E 38 -20.82 5.82 -34.37
CA ALA E 38 -21.78 6.86 -34.67
C ALA E 38 -23.15 6.52 -34.08
N ILE E 39 -23.56 5.26 -34.21
CA ILE E 39 -24.82 4.82 -33.60
C ILE E 39 -24.75 4.98 -32.09
N ASN E 40 -23.61 4.64 -31.48
CA ASN E 40 -23.47 4.73 -30.03
C ASN E 40 -23.53 6.18 -29.57
N VAL E 41 -22.92 7.08 -30.32
CA VAL E 41 -22.91 8.49 -29.93
C VAL E 41 -24.31 9.09 -30.04
N VAL E 42 -25.00 8.82 -31.16
CA VAL E 42 -26.32 9.40 -31.37
C VAL E 42 -27.32 8.87 -30.34
N VAL E 43 -27.26 7.57 -30.05
CA VAL E 43 -28.21 7.01 -29.10
C VAL E 43 -27.87 7.46 -27.68
N ASN E 44 -26.62 7.80 -27.42
CA ASN E 44 -26.26 8.34 -26.10
C ASN E 44 -26.79 9.75 -25.94
N ARG E 45 -26.71 10.57 -27.00
CA ARG E 45 -27.28 11.91 -26.95
C ARG E 45 -28.79 11.88 -26.88
N ARG E 46 -29.42 10.86 -27.47
CA ARG E 46 -30.85 10.68 -27.33
C ARG E 46 -31.23 10.35 -25.88
N HIS E 47 -30.47 9.44 -25.26
CA HIS E 47 -30.76 9.04 -23.88
C HIS E 47 -30.59 10.21 -22.92
N LEU E 48 -29.71 11.14 -23.23
CA LEU E 48 -29.47 12.31 -22.39
C LEU E 48 -30.45 13.44 -22.68
N GLY E 49 -31.36 13.26 -23.64
CA GLY E 49 -32.22 14.33 -24.06
C GLY E 49 -31.53 15.45 -24.79
N ARG E 50 -30.24 15.30 -25.08
CA ARG E 50 -29.46 16.30 -25.82
C ARG E 50 -29.57 16.07 -27.32
N THR E 51 -30.81 15.95 -27.80
CA THR E 51 -31.07 15.69 -29.22
C THR E 51 -30.86 16.97 -30.00
N ASP E 52 -29.83 16.99 -30.84
CA ASP E 52 -29.52 18.13 -31.70
C ASP E 52 -29.35 17.59 -33.11
N PRO E 53 -30.41 17.62 -33.93
CA PRO E 53 -30.29 17.10 -35.30
C PRO E 53 -29.21 17.78 -36.13
N GLU E 54 -28.79 18.99 -35.77
CA GLU E 54 -27.68 19.63 -36.48
C GLU E 54 -26.40 18.82 -36.32
N HIS E 55 -26.08 18.42 -35.09
CA HIS E 55 -24.90 17.60 -34.86
C HIS E 55 -25.03 16.25 -35.53
N ASP E 56 -26.25 15.71 -35.56
CA ASP E 56 -26.47 14.41 -36.21
C ASP E 56 -26.14 14.49 -37.70
N ARG E 57 -26.57 15.56 -38.38
CA ARG E 57 -26.31 15.65 -39.81
C ARG E 57 -24.82 15.77 -40.10
N LYS E 58 -24.06 16.46 -39.26
CA LYS E 58 -22.63 16.62 -39.53
C LYS E 58 -21.89 15.29 -39.51
N LEU E 59 -22.34 14.34 -38.68
CA LEU E 59 -21.72 13.01 -38.66
C LEU E 59 -21.93 12.27 -39.97
N LEU E 60 -23.15 12.31 -40.52
CA LEU E 60 -23.43 11.61 -41.77
C LEU E 60 -22.66 12.20 -42.95
N GLU E 61 -22.60 13.54 -43.05
CA GLU E 61 -21.90 14.15 -44.17
C GLU E 61 -20.42 13.78 -44.19
N GLU E 62 -19.79 13.71 -43.02
CA GLU E 62 -18.38 13.34 -42.98
C GLU E 62 -18.18 11.90 -43.43
N LEU E 63 -19.05 10.98 -43.02
CA LEU E 63 -18.90 9.58 -43.40
C LEU E 63 -19.04 9.39 -44.90
N GLU E 64 -20.10 9.95 -45.50
CA GLU E 64 -20.26 9.83 -46.95
C GLU E 64 -19.16 10.57 -47.69
N GLU E 65 -18.59 11.60 -47.09
CA GLU E 65 -17.45 12.27 -47.70
C GLU E 65 -16.25 11.35 -47.76
N ILE E 66 -16.09 10.48 -46.75
CA ILE E 66 -14.97 9.55 -46.76
C ILE E 66 -15.14 8.51 -47.86
N ARG E 67 -16.37 8.09 -48.15
CA ARG E 67 -16.61 7.21 -49.28
C ARG E 67 -16.50 8.00 -50.58
N LYS E 68 -16.45 7.28 -51.71
CA LYS E 68 -16.27 7.82 -53.05
C LYS E 68 -14.91 8.47 -53.21
N LEU E 69 -14.05 8.34 -52.22
CA LEU E 69 -12.74 8.90 -52.03
C LEU E 69 -11.70 7.79 -52.09
N PRO E 70 -10.52 8.04 -52.66
CA PRO E 70 -9.55 6.97 -52.83
C PRO E 70 -9.24 6.25 -51.52
N ARG E 71 -8.87 4.98 -51.63
CA ARG E 71 -8.90 4.07 -50.49
C ARG E 71 -7.97 4.52 -49.37
N GLU E 72 -6.68 4.73 -49.68
CA GLU E 72 -5.70 4.99 -48.63
C GLU E 72 -5.98 6.31 -47.92
N GLU E 73 -6.47 7.32 -48.63
CA GLU E 73 -6.82 8.58 -48.00
C GLU E 73 -8.07 8.46 -47.15
N ALA E 74 -8.94 7.48 -47.44
CA ALA E 74 -10.14 7.27 -46.66
C ALA E 74 -9.87 6.50 -45.37
N GLU E 75 -8.91 5.58 -45.38
CA GLU E 75 -8.61 4.80 -44.18
C GLU E 75 -8.05 5.66 -43.05
N LYS E 76 -7.31 6.72 -43.38
CA LYS E 76 -6.81 7.60 -42.33
C LYS E 76 -7.88 8.54 -41.81
N ARG E 77 -8.79 8.98 -42.69
CA ARG E 77 -9.89 9.83 -42.24
C ARG E 77 -10.84 9.08 -41.32
N LEU E 78 -11.04 7.79 -41.56
CA LEU E 78 -11.90 7.00 -40.69
C LEU E 78 -11.24 6.78 -39.33
N GLU E 79 -9.92 6.57 -39.31
CA GLU E 79 -9.21 6.37 -38.05
C GLU E 79 -9.31 7.63 -37.19
N GLU E 80 -9.22 8.80 -37.80
CA GLU E 80 -9.35 10.05 -37.05
C GLU E 80 -10.79 10.24 -36.54
N LEU E 81 -11.77 9.92 -37.38
CA LEU E 81 -13.17 10.01 -36.96
C LEU E 81 -13.47 9.04 -35.83
N ILE E 82 -12.90 7.83 -35.88
CA ILE E 82 -13.14 6.84 -34.84
C ILE E 82 -12.60 7.33 -33.50
N GLU E 83 -11.38 7.86 -33.50
CA GLU E 83 -10.80 8.37 -32.25
C GLU E 83 -11.63 9.53 -31.70
N ARG E 84 -12.13 10.38 -32.59
CA ARG E 84 -12.95 11.52 -32.16
C ARG E 84 -14.30 11.06 -31.62
N LEU E 85 -14.86 10.01 -32.20
CA LEU E 85 -16.13 9.48 -31.69
C LEU E 85 -15.93 8.78 -30.35
N GLU E 86 -14.79 8.10 -30.17
CA GLU E 86 -14.50 7.45 -28.90
C GLU E 86 -14.32 8.46 -27.78
N GLU E 87 -13.79 9.64 -28.08
CA GLU E 87 -13.65 10.68 -27.07
C GLU E 87 -15.01 11.19 -26.64
N GLU E 88 -15.87 11.53 -27.60
CA GLU E 88 -17.18 12.07 -27.27
C GLU E 88 -18.07 11.02 -26.61
N ASN E 89 -17.93 9.75 -27.01
CA ASN E 89 -18.72 8.68 -26.38
C ASN E 89 -18.39 8.56 -24.90
N GLU E 90 -17.13 8.80 -24.53
CA GLU E 90 -16.74 8.76 -23.13
C GLU E 90 -17.36 9.92 -22.36
N LYS E 91 -17.41 11.11 -22.97
CA LYS E 91 -18.00 12.26 -22.30
C LYS E 91 -19.50 12.08 -22.11
N LEU E 92 -20.17 11.46 -23.10
CA LEU E 92 -21.61 11.24 -23.00
C LEU E 92 -21.94 10.27 -21.87
N ALA E 93 -21.13 9.22 -21.71
CA ALA E 93 -21.39 8.26 -20.65
C ALA E 93 -21.19 8.87 -19.26
N GLU E 94 -20.28 9.84 -19.14
CA GLU E 94 -20.09 10.50 -17.85
C GLU E 94 -21.33 11.32 -17.47
N GLU E 95 -21.99 11.92 -18.45
CA GLU E 95 -23.22 12.66 -18.17
C GLU E 95 -24.40 11.71 -17.95
N GLU E 96 -24.38 10.54 -18.60
CA GLU E 96 -25.42 9.54 -18.34
C GLU E 96 -25.36 9.03 -16.91
N VAL E 97 -24.16 9.01 -16.31
CA VAL E 97 -24.04 8.63 -14.91
C VAL E 97 -24.64 9.70 -14.00
N LYS E 98 -24.39 10.98 -14.32
CA LYS E 98 -24.95 12.07 -13.53
C LYS E 98 -26.47 12.08 -13.62
N GLN E 99 -27.03 11.71 -14.78
CA GLN E 99 -28.47 11.70 -14.96
C GLN E 99 -29.12 10.57 -14.18
N PHE E 100 -28.47 9.40 -14.13
CA PHE E 100 -29.07 8.25 -13.48
C PHE E 100 -29.15 8.42 -11.97
N ARG E 101 -28.07 8.92 -11.35
CA ARG E 101 -28.04 9.04 -9.89
C ARG E 101 -29.00 10.13 -9.40
N SER E 102 -29.09 11.23 -10.13
CA SER E 102 -29.99 12.32 -9.75
C SER E 102 -31.45 11.89 -9.90
N GLY F 2 -6.35 18.78 28.55
CA GLY F 2 -5.41 19.16 29.59
C GLY F 2 -4.32 18.13 29.82
N SER F 3 -3.85 17.53 28.72
CA SER F 3 -2.79 16.52 28.82
C SER F 3 -1.42 17.20 28.92
N HIS F 4 -0.49 16.50 29.56
CA HIS F 4 0.84 17.01 29.80
C HIS F 4 1.88 15.96 29.43
N SER F 5 3.14 16.38 29.41
CA SER F 5 4.23 15.51 28.98
C SER F 5 5.53 15.98 29.59
N MET F 6 6.41 15.01 29.89
CA MET F 6 7.79 15.27 30.25
C MET F 6 8.68 14.61 29.20
N ARG F 7 9.75 15.30 28.82
CA ARG F 7 10.64 14.81 27.77
C ARG F 7 12.08 15.14 28.13
N TYR F 8 12.98 14.18 27.90
CA TYR F 8 14.41 14.39 28.01
C TYR F 8 15.06 14.08 26.67
N PHE F 9 15.82 15.04 26.14
CA PHE F 9 16.49 14.91 24.86
C PHE F 9 17.99 14.86 25.09
N PHE F 10 18.65 13.91 24.43
CA PHE F 10 20.09 13.71 24.58
C PHE F 10 20.75 13.73 23.20
N THR F 11 21.87 14.42 23.10
CA THR F 11 22.64 14.50 21.88
C THR F 11 24.12 14.34 22.22
N SER F 12 24.79 13.45 21.49
CA SER F 12 26.23 13.27 21.64
C SER F 12 26.85 13.27 20.24
N VAL F 13 27.74 14.22 20.00
CA VAL F 13 28.35 14.41 18.69
C VAL F 13 29.85 14.17 18.82
N SER F 14 30.37 13.24 18.03
CA SER F 14 31.80 12.98 18.03
C SER F 14 32.54 14.07 17.26
N ARG F 15 33.81 14.23 17.61
CA ARG F 15 34.69 15.21 16.94
C ARG F 15 36.10 14.65 16.95
N PRO F 16 36.42 13.80 15.97
CA PRO F 16 37.74 13.14 15.98
C PRO F 16 38.87 14.13 15.89
N GLY F 17 39.87 13.96 16.77
CA GLY F 17 41.01 14.85 16.83
C GLY F 17 40.81 16.09 17.65
N ARG F 18 39.58 16.48 17.94
CA ARG F 18 39.28 17.70 18.69
C ARG F 18 38.75 17.42 20.09
N GLY F 19 39.05 16.24 20.64
CA GLY F 19 38.69 15.90 22.00
C GLY F 19 37.54 14.92 22.06
N GLU F 20 37.13 14.63 23.30
CA GLU F 20 36.05 13.71 23.55
C GLU F 20 34.74 14.26 22.98
N PRO F 21 33.77 13.38 22.69
CA PRO F 21 32.52 13.84 22.09
C PRO F 21 31.78 14.84 22.98
N ARG F 22 31.14 15.80 22.32
CA ARG F 22 30.28 16.78 22.99
C ARG F 22 28.95 16.12 23.35
N PHE F 23 28.49 16.34 24.58
CA PHE F 23 27.24 15.78 25.06
C PHE F 23 26.36 16.89 25.62
N ILE F 24 25.12 16.96 25.15
CA ILE F 24 24.16 17.96 25.56
C ILE F 24 22.85 17.27 25.92
N ALA F 25 22.27 17.63 27.06
CA ALA F 25 21.01 17.09 27.52
C ALA F 25 20.09 18.23 27.93
N VAL F 26 18.81 18.12 27.57
CA VAL F 26 17.81 19.11 27.94
C VAL F 26 16.54 18.38 28.37
N GLY F 27 15.80 19.01 29.27
CA GLY F 27 14.55 18.45 29.75
C GLY F 27 13.41 19.44 29.58
N TYR F 28 12.26 18.93 29.15
CA TYR F 28 11.08 19.74 28.91
C TYR F 28 9.90 19.20 29.69
N VAL F 29 9.06 20.12 30.18
CA VAL F 29 7.69 19.82 30.56
C VAL F 29 6.79 20.59 29.60
N ASP F 30 6.01 19.86 28.81
CA ASP F 30 5.18 20.44 27.74
C ASP F 30 6.14 21.19 26.80
N ASP F 31 5.92 22.46 26.53
CA ASP F 31 6.80 23.26 25.68
C ASP F 31 7.70 24.19 26.49
N THR F 32 8.14 23.74 27.67
CA THR F 32 8.93 24.57 28.59
C THR F 32 10.14 23.76 29.05
N GLN F 33 11.33 24.21 28.65
CA GLN F 33 12.57 23.60 29.11
C GLN F 33 12.86 24.01 30.54
N PHE F 34 13.35 23.06 31.35
CA PHE F 34 13.64 23.34 32.75
C PHE F 34 15.01 22.88 33.22
N VAL F 35 15.74 22.09 32.44
CA VAL F 35 17.09 21.66 32.82
C VAL F 35 17.96 21.58 31.58
N ARG F 36 19.26 21.74 31.77
CA ARG F 36 20.22 21.63 30.68
C ARG F 36 21.52 21.04 31.23
N PHE F 37 22.30 20.45 30.34
CA PHE F 37 23.63 19.97 30.65
C PHE F 37 24.48 20.02 29.39
N ASP F 38 25.71 20.50 29.54
CA ASP F 38 26.64 20.65 28.42
C ASP F 38 28.00 20.20 28.89
N SER F 39 28.53 19.15 28.26
CA SER F 39 29.86 18.66 28.62
C SER F 39 30.97 19.65 28.31
N ASP F 40 30.69 20.68 27.50
CA ASP F 40 31.64 21.76 27.28
C ASP F 40 31.48 22.89 28.28
N ALA F 41 30.33 22.96 28.98
CA ALA F 41 30.13 24.01 29.97
C ALA F 41 31.09 23.83 31.13
N ALA F 42 31.57 24.97 31.66
CA ALA F 42 32.56 24.93 32.73
C ALA F 42 31.99 24.41 34.04
N SER F 43 30.66 24.45 34.22
CA SER F 43 30.09 24.08 35.51
C SER F 43 30.12 22.56 35.73
N GLN F 44 30.00 21.77 34.66
CA GLN F 44 29.92 20.32 34.76
C GLN F 44 28.75 19.87 35.64
N ARG F 45 27.67 20.65 35.64
CA ARG F 45 26.52 20.38 36.47
C ARG F 45 25.25 20.44 35.63
N MET F 46 24.21 19.75 36.10
CA MET F 46 22.87 19.97 35.58
C MET F 46 22.38 21.33 36.09
N GLU F 47 21.86 22.15 35.16
CA GLU F 47 21.55 23.53 35.52
C GLU F 47 20.06 23.80 35.35
N PRO F 48 19.50 24.71 36.13
CA PRO F 48 18.09 25.06 35.99
C PRO F 48 17.86 25.99 34.80
N ARG F 49 16.70 25.80 34.15
CA ARG F 49 16.28 26.63 33.05
C ARG F 49 14.87 27.20 33.23
N ALA F 50 14.21 26.90 34.33
CA ALA F 50 12.90 27.43 34.66
C ALA F 50 12.89 27.87 36.12
N PRO F 51 12.13 28.92 36.45
CA PRO F 51 12.11 29.38 37.84
C PRO F 51 11.59 28.36 38.83
N TRP F 52 10.63 27.52 38.42
CA TRP F 52 10.00 26.59 39.35
C TRP F 52 10.89 25.39 39.67
N ILE F 53 11.89 25.10 38.85
CA ILE F 53 12.80 24.00 39.17
C ILE F 53 13.91 24.45 40.10
N GLU F 54 14.15 25.75 40.22
CA GLU F 54 15.23 26.26 41.07
C GLU F 54 14.96 26.06 42.55
N GLN F 55 13.73 25.70 42.94
CA GLN F 55 13.42 25.45 44.34
C GLN F 55 13.77 24.03 44.78
N GLU F 56 14.23 23.18 43.86
CA GLU F 56 14.62 21.82 44.24
C GLU F 56 15.90 21.85 45.07
N GLY F 57 15.97 20.98 46.07
CA GLY F 57 17.07 20.95 47.01
C GLY F 57 18.38 20.53 46.37
N PRO F 58 19.47 20.66 47.13
CA PRO F 58 20.79 20.29 46.60
C PRO F 58 20.91 18.79 46.31
N GLU F 59 20.16 17.94 47.01
CA GLU F 59 20.18 16.52 46.71
C GLU F 59 19.69 16.25 45.29
N TYR F 60 18.71 17.03 44.83
CA TYR F 60 18.21 16.87 43.47
C TYR F 60 19.31 17.16 42.45
N TRP F 61 20.00 18.29 42.60
CA TRP F 61 20.97 18.70 41.60
C TRP F 61 22.20 17.80 41.60
N ASP F 62 22.53 17.18 42.73
CA ASP F 62 23.66 16.26 42.77
C ASP F 62 23.32 14.97 42.02
N GLY F 63 22.15 14.38 42.31
CA GLY F 63 21.79 13.12 41.69
C GLY F 63 21.56 13.26 40.19
N GLU F 64 20.92 14.35 39.76
CA GLU F 64 20.71 14.57 38.34
C GLU F 64 22.03 14.80 37.60
N THR F 65 23.00 15.43 38.27
CA THR F 65 24.31 15.62 37.66
C THR F 65 25.06 14.30 37.53
N ARG F 66 25.05 13.48 38.58
CA ARG F 66 25.73 12.19 38.53
C ARG F 66 25.10 11.27 37.51
N LYS F 67 23.79 11.37 37.30
CA LYS F 67 23.12 10.51 36.33
C LYS F 67 23.36 10.98 34.90
N VAL F 68 23.39 12.29 34.67
CA VAL F 68 23.63 12.78 33.31
C VAL F 68 25.09 12.57 32.92
N LYS F 69 26.00 12.59 33.89
CA LYS F 69 27.41 12.32 33.58
C LYS F 69 27.62 10.84 33.28
N ALA F 70 26.86 9.96 33.94
CA ALA F 70 26.94 8.55 33.60
C ALA F 70 26.34 8.26 32.22
N HIS F 71 25.33 9.04 31.83
CA HIS F 71 24.73 8.87 30.51
C HIS F 71 25.64 9.38 29.40
N SER F 72 26.39 10.45 29.66
CA SER F 72 27.32 10.94 28.66
C SER F 72 28.41 9.92 28.35
N GLN F 73 28.82 9.14 29.36
CA GLN F 73 29.81 8.09 29.12
C GLN F 73 29.19 6.94 28.34
N THR F 74 27.93 6.60 28.63
CA THR F 74 27.25 5.56 27.87
C THR F 74 27.15 5.93 26.40
N HIS F 75 26.73 7.17 26.10
CA HIS F 75 26.55 7.59 24.72
C HIS F 75 27.88 7.83 24.00
N ARG F 76 28.91 8.30 24.72
CA ARG F 76 30.22 8.41 24.10
C ARG F 76 30.74 7.05 23.66
N VAL F 77 30.56 6.04 24.50
CA VAL F 77 30.95 4.67 24.15
C VAL F 77 30.15 4.19 22.95
N ASP F 78 28.88 4.60 22.86
CA ASP F 78 28.04 4.14 21.75
C ASP F 78 28.51 4.68 20.41
N LEU F 79 29.16 5.85 20.39
CA LEU F 79 29.68 6.38 19.14
C LEU F 79 30.78 5.48 18.58
N GLY F 80 31.66 4.96 19.43
CA GLY F 80 32.66 4.02 18.97
C GLY F 80 32.06 2.70 18.53
N THR F 81 31.03 2.24 19.24
CA THR F 81 30.39 0.98 18.89
C THR F 81 29.68 1.08 17.55
N LEU F 82 28.93 2.17 17.32
CA LEU F 82 28.20 2.32 16.07
C LEU F 82 29.13 2.62 14.90
N ARG F 83 30.28 3.24 15.16
CA ARG F 83 31.23 3.53 14.09
C ARG F 83 31.78 2.24 13.49
N GLY F 84 31.98 1.21 14.32
CA GLY F 84 32.43 -0.07 13.81
C GLY F 84 31.32 -0.91 13.22
N TYR F 85 30.10 -0.79 13.75
CA TYR F 85 28.98 -1.55 13.21
C TYR F 85 28.73 -1.20 11.75
N TYR F 86 28.92 0.06 11.39
CA TYR F 86 28.66 0.53 10.03
C TYR F 86 29.94 0.71 9.21
N ASN F 87 31.07 0.24 9.72
CA ASN F 87 32.34 0.25 8.98
C ASN F 87 32.63 1.64 8.41
N GLN F 88 32.56 2.65 9.27
CA GLN F 88 32.79 4.03 8.88
C GLN F 88 34.19 4.47 9.29
N SER F 89 34.63 5.58 8.69
CA SER F 89 35.95 6.10 8.95
C SER F 89 36.05 6.68 10.36
N GLU F 90 37.24 6.56 10.95
CA GLU F 90 37.50 7.14 12.26
C GLU F 90 37.69 8.66 12.20
N ALA F 91 37.65 9.25 11.00
CA ALA F 91 37.83 10.68 10.83
C ALA F 91 36.52 11.37 10.43
N GLY F 92 35.39 10.86 10.90
CA GLY F 92 34.10 11.44 10.60
C GLY F 92 33.37 11.84 11.86
N SER F 93 32.57 12.90 11.75
CA SER F 93 31.75 13.39 12.86
C SER F 93 30.37 12.76 12.78
N HIS F 94 29.98 12.03 13.82
CA HIS F 94 28.71 11.34 13.86
C HIS F 94 27.95 11.69 15.14
N THR F 95 26.65 11.44 15.13
CA THR F 95 25.76 11.87 16.19
C THR F 95 24.90 10.71 16.66
N VAL F 96 24.73 10.59 17.97
CA VAL F 96 23.72 9.71 18.55
C VAL F 96 22.73 10.58 19.31
N GLN F 97 21.49 10.12 19.37
CA GLN F 97 20.42 10.85 20.02
C GLN F 97 19.50 9.88 20.74
N ARG F 98 19.08 10.25 21.94
CA ARG F 98 18.12 9.48 22.71
C ARG F 98 17.06 10.40 23.25
N MET F 99 15.82 9.92 23.27
CA MET F 99 14.70 10.69 23.80
C MET F 99 13.79 9.74 24.56
N TYR F 100 13.37 10.14 25.75
CA TYR F 100 12.39 9.37 26.48
C TYR F 100 11.56 10.30 27.34
N GLY F 101 10.37 9.82 27.70
CA GLY F 101 9.46 10.61 28.51
C GLY F 101 8.11 9.92 28.59
N CYS F 102 7.23 10.55 29.36
CA CYS F 102 5.91 10.00 29.62
C CYS F 102 4.85 11.07 29.39
N ASP F 103 3.65 10.62 29.05
CA ASP F 103 2.50 11.48 28.87
C ASP F 103 1.45 11.19 29.93
N VAL F 104 0.67 12.20 30.29
CA VAL F 104 -0.48 12.04 31.16
C VAL F 104 -1.67 12.75 30.51
N GLY F 105 -2.85 12.18 30.70
CA GLY F 105 -4.06 12.75 30.16
C GLY F 105 -4.54 13.94 30.98
N SER F 106 -5.82 14.28 30.78
CA SER F 106 -6.41 15.37 31.56
C SER F 106 -6.61 14.98 33.02
N ASP F 107 -6.60 13.69 33.33
CA ASP F 107 -6.71 13.20 34.70
C ASP F 107 -5.36 13.06 35.39
N TRP F 108 -4.27 13.40 34.71
CA TRP F 108 -2.90 13.32 35.21
C TRP F 108 -2.45 11.89 35.51
N ARG F 109 -3.10 10.90 34.91
CA ARG F 109 -2.66 9.52 35.00
C ARG F 109 -1.83 9.16 33.76
N PHE F 110 -0.99 8.15 33.92
CA PHE F 110 -0.10 7.73 32.83
C PHE F 110 -0.90 7.42 31.58
N LEU F 111 -0.34 7.80 30.42
CA LEU F 111 -1.03 7.65 29.15
C LEU F 111 -0.16 6.92 28.13
N ARG F 112 1.05 7.40 27.91
N ARG F 112 1.05 7.41 27.89
CA ARG F 112 1.95 6.79 26.92
CA ARG F 112 1.96 6.81 26.92
C ARG F 112 3.39 6.88 27.40
C ARG F 112 3.38 6.85 27.45
N GLY F 113 4.21 5.98 26.91
CA GLY F 113 5.62 5.97 27.24
C GLY F 113 6.46 5.96 25.98
N TYR F 114 7.57 6.70 26.02
CA TYR F 114 8.44 6.87 24.86
C TYR F 114 9.89 6.58 25.26
N HIS F 115 10.62 5.94 24.34
CA HIS F 115 12.06 5.76 24.50
C HIS F 115 12.62 5.36 23.14
N GLN F 116 13.28 6.30 22.47
CA GLN F 116 13.76 6.11 21.11
C GLN F 116 15.22 6.50 21.00
N TYR F 117 15.93 5.79 20.12
CA TYR F 117 17.36 5.99 19.91
C TYR F 117 17.61 6.14 18.42
N ALA F 118 18.53 7.05 18.07
CA ALA F 118 18.82 7.32 16.68
C ALA F 118 20.33 7.44 16.48
N TYR F 119 20.78 7.16 15.27
CA TYR F 119 22.17 7.32 14.87
C TYR F 119 22.20 8.11 13.57
N ASP F 120 22.95 9.22 13.57
CA ASP F 120 23.06 10.12 12.42
C ASP F 120 21.68 10.56 11.93
N GLY F 121 20.80 10.85 12.89
CA GLY F 121 19.49 11.39 12.57
C GLY F 121 18.49 10.40 12.02
N LYS F 122 18.82 9.12 11.99
CA LYS F 122 17.93 8.08 11.49
C LYS F 122 17.61 7.11 12.62
N ASP F 123 16.35 6.67 12.66
CA ASP F 123 15.88 5.81 13.75
C ASP F 123 16.73 4.54 13.84
N TYR F 124 17.15 4.22 15.06
CA TYR F 124 17.96 3.04 15.33
C TYR F 124 17.15 1.97 16.03
N ILE F 125 16.74 2.21 17.28
CA ILE F 125 15.90 1.28 18.02
C ILE F 125 14.90 2.10 18.82
N ALA F 126 13.73 1.52 19.08
CA ALA F 126 12.68 2.23 19.77
C ALA F 126 11.84 1.26 20.59
N LEU F 127 11.47 1.67 21.79
CA LEU F 127 10.55 0.91 22.62
C LEU F 127 9.13 1.09 22.08
N LYS F 128 8.40 0.00 21.94
CA LYS F 128 7.03 0.11 21.46
C LYS F 128 6.11 0.64 22.56
N GLU F 129 4.87 0.95 22.17
CA GLU F 129 3.95 1.58 23.11
C GLU F 129 3.60 0.65 24.28
N ASP F 130 3.61 -0.66 24.05
CA ASP F 130 3.35 -1.61 25.13
C ASP F 130 4.48 -1.67 26.15
N LEU F 131 5.59 -0.97 25.90
CA LEU F 131 6.72 -0.86 26.85
C LEU F 131 7.29 -2.22 27.22
N ARG F 132 7.19 -3.20 26.30
CA ARG F 132 7.69 -4.54 26.57
C ARG F 132 8.49 -5.15 25.42
N SER F 133 8.38 -4.64 24.20
CA SER F 133 9.12 -5.14 23.06
C SER F 133 9.84 -3.99 22.38
N TRP F 134 10.65 -4.31 21.37
CA TRP F 134 11.51 -3.33 20.74
C TRP F 134 11.33 -3.35 19.23
N THR F 135 11.61 -2.21 18.61
CA THR F 135 11.59 -2.04 17.16
C THR F 135 12.99 -1.69 16.70
N ALA F 136 13.59 -2.56 15.89
CA ALA F 136 14.94 -2.40 15.40
C ALA F 136 14.92 -2.08 13.91
N ALA F 137 15.82 -1.20 13.48
CA ALA F 137 15.82 -0.70 12.11
C ALA F 137 16.62 -1.58 11.15
N ASP F 138 17.73 -2.15 11.60
CA ASP F 138 18.58 -2.96 10.72
C ASP F 138 19.29 -4.02 11.55
N MET F 139 20.31 -4.65 10.95
CA MET F 139 21.01 -5.74 11.61
C MET F 139 21.78 -5.24 12.83
N ALA F 140 22.43 -4.09 12.71
CA ALA F 140 23.11 -3.51 13.87
C ALA F 140 22.13 -3.22 14.99
N ALA F 141 20.93 -2.75 14.66
CA ALA F 141 19.92 -2.48 15.67
C ALA F 141 19.39 -3.76 16.29
N GLN F 142 19.34 -4.85 15.51
CA GLN F 142 18.95 -6.14 16.08
C GLN F 142 19.98 -6.65 17.07
N THR F 143 21.26 -6.37 16.82
CA THR F 143 22.31 -6.72 17.78
C THR F 143 22.04 -6.06 19.14
N THR F 144 21.73 -4.77 19.12
CA THR F 144 21.43 -4.05 20.36
C THR F 144 20.11 -4.54 20.97
N LYS F 145 19.13 -4.86 20.11
CA LYS F 145 17.84 -5.33 20.59
C LYS F 145 17.98 -6.61 21.41
N HIS F 146 18.73 -7.58 20.88
CA HIS F 146 18.92 -8.83 21.61
C HIS F 146 19.76 -8.63 22.87
N LYS F 147 20.62 -7.62 22.87
CA LYS F 147 21.42 -7.36 24.06
C LYS F 147 20.59 -6.70 25.15
N TRP F 148 19.67 -5.79 24.77
CA TRP F 148 18.81 -5.13 25.74
C TRP F 148 17.70 -6.03 26.25
N GLU F 149 17.24 -6.98 25.42
CA GLU F 149 16.20 -7.90 25.87
C GLU F 149 16.73 -8.84 26.96
N ALA F 150 18.00 -9.23 26.88
CA ALA F 150 18.59 -10.03 27.94
C ALA F 150 18.68 -9.24 29.23
N ALA F 151 19.10 -7.98 29.16
CA ALA F 151 19.28 -7.14 30.33
C ALA F 151 17.96 -6.63 30.92
N HIS F 152 16.82 -7.08 30.40
CA HIS F 152 15.51 -6.65 30.88
C HIS F 152 15.37 -5.13 30.85
N VAL F 153 15.94 -4.52 29.81
CA VAL F 153 15.89 -3.06 29.69
C VAL F 153 14.45 -2.58 29.58
N ALA F 154 13.60 -3.35 28.90
CA ALA F 154 12.21 -2.96 28.74
C ALA F 154 11.48 -2.94 30.08
N GLU F 155 11.78 -3.89 30.96
CA GLU F 155 11.12 -3.92 32.26
C GLU F 155 11.57 -2.76 33.14
N GLN F 156 12.86 -2.41 33.07
CA GLN F 156 13.36 -1.29 33.86
C GLN F 156 12.80 0.04 33.37
N LEU F 157 12.78 0.24 32.04
CA LEU F 157 12.25 1.48 31.50
C LEU F 157 10.74 1.59 31.72
N ARG F 158 10.03 0.46 31.69
CA ARG F 158 8.60 0.50 31.95
C ARG F 158 8.30 0.91 33.39
N ALA F 159 9.09 0.41 34.34
CA ALA F 159 8.91 0.81 35.73
C ALA F 159 9.11 2.32 35.90
N TYR F 160 10.11 2.88 35.22
CA TYR F 160 10.35 4.32 35.30
C TYR F 160 9.25 5.10 34.61
N LEU F 161 9.00 4.78 33.33
CA LEU F 161 8.07 5.57 32.53
C LEU F 161 6.66 5.56 33.13
N GLU F 162 6.26 4.43 33.72
CA GLU F 162 4.93 4.32 34.30
C GLU F 162 4.87 4.86 35.73
N GLY F 163 5.98 4.84 36.45
CA GLY F 163 5.97 5.26 37.84
C GLY F 163 6.72 6.55 38.09
N THR F 164 8.06 6.48 38.08
CA THR F 164 8.87 7.62 38.46
C THR F 164 8.63 8.82 37.56
N CYS F 165 8.48 8.58 36.25
CA CYS F 165 8.32 9.68 35.31
C CYS F 165 7.01 10.42 35.55
N VAL F 166 5.92 9.69 35.74
CA VAL F 166 4.61 10.32 35.94
C VAL F 166 4.58 11.05 37.28
N GLU F 167 5.10 10.43 38.33
CA GLU F 167 5.07 11.04 39.66
C GLU F 167 5.85 12.35 39.67
N TRP F 168 7.00 12.40 38.99
CA TRP F 168 7.78 13.63 38.95
C TRP F 168 7.15 14.66 38.01
N LEU F 169 6.40 14.21 37.00
CA LEU F 169 5.71 15.15 36.13
C LEU F 169 4.62 15.89 36.90
N ARG F 170 3.90 15.18 37.77
CA ARG F 170 2.88 15.84 38.60
C ARG F 170 3.54 16.82 39.55
N ARG F 171 4.63 16.40 40.21
CA ARG F 171 5.36 17.28 41.11
C ARG F 171 5.80 18.55 40.40
N TYR F 172 6.28 18.43 39.16
CA TYR F 172 6.69 19.61 38.39
C TYR F 172 5.49 20.47 38.04
N LEU F 173 4.37 19.86 37.66
CA LEU F 173 3.17 20.63 37.34
C LEU F 173 2.65 21.40 38.53
N GLU F 174 2.78 20.83 39.73
CA GLU F 174 2.31 21.51 40.93
C GLU F 174 3.24 22.65 41.32
N ASN F 175 4.56 22.44 41.21
CA ASN F 175 5.52 23.47 41.58
C ASN F 175 5.42 24.69 40.65
N GLY F 176 5.32 24.44 39.35
CA GLY F 176 5.23 25.54 38.41
C GLY F 176 3.85 25.71 37.83
N LYS F 177 2.82 25.62 38.67
CA LYS F 177 1.45 25.68 38.17
C LYS F 177 1.13 27.04 37.56
N GLU F 178 1.83 28.09 37.99
CA GLU F 178 1.56 29.42 37.44
C GLU F 178 1.92 29.51 35.97
N THR F 179 2.97 28.81 35.54
CA THR F 179 3.44 28.86 34.16
C THR F 179 3.10 27.61 33.37
N LEU F 180 3.13 26.43 34.00
CA LEU F 180 2.89 25.19 33.27
C LEU F 180 1.41 24.94 33.07
N GLN F 181 0.57 25.22 34.06
CA GLN F 181 -0.87 25.02 33.96
C GLN F 181 -1.57 26.23 33.38
N ARG F 182 -0.85 27.12 32.69
CA ARG F 182 -1.46 28.28 32.05
C ARG F 182 -1.79 27.97 30.60
N THR F 183 -2.64 28.82 30.02
CA THR F 183 -3.05 28.66 28.62
C THR F 183 -3.24 30.07 28.05
N ASP F 184 -2.19 30.61 27.45
CA ASP F 184 -2.22 31.95 26.88
C ASP F 184 -2.92 31.91 25.53
N ALA F 185 -4.01 32.64 25.39
CA ALA F 185 -4.75 32.67 24.15
C ALA F 185 -4.00 33.49 23.09
N PRO F 186 -4.11 33.12 21.82
CA PRO F 186 -3.37 33.82 20.76
C PRO F 186 -4.00 35.18 20.45
N LYS F 187 -3.17 36.23 20.50
CA LYS F 187 -3.58 37.54 20.02
C LYS F 187 -3.41 37.58 18.50
N THR F 188 -4.50 37.85 17.80
CA THR F 188 -4.52 37.71 16.35
C THR F 188 -4.80 39.06 15.68
N HIS F 189 -4.34 39.16 14.44
CA HIS F 189 -4.58 40.32 13.59
C HIS F 189 -4.23 39.93 12.16
N MET F 190 -4.63 40.77 11.21
CA MET F 190 -4.38 40.53 9.80
C MET F 190 -3.70 41.75 9.19
N THR F 191 -2.86 41.50 8.19
CA THR F 191 -2.14 42.55 7.50
C THR F 191 -2.27 42.36 5.99
N HIS F 192 -2.25 43.48 5.27
CA HIS F 192 -2.50 43.50 3.83
C HIS F 192 -1.32 44.15 3.11
N HIS F 193 -0.82 43.47 2.07
CA HIS F 193 0.31 43.95 1.30
C HIS F 193 0.00 43.81 -0.19
N ALA F 194 0.17 44.90 -0.93
CA ALA F 194 -0.13 44.90 -2.36
C ALA F 194 1.03 44.24 -3.10
N VAL F 195 0.83 42.97 -3.48
CA VAL F 195 1.78 42.27 -4.34
C VAL F 195 1.29 42.45 -5.77
N SER F 196 1.87 43.45 -6.46
CA SER F 196 1.40 43.95 -7.75
C SER F 196 0.00 44.54 -7.60
N ASP F 197 -0.63 44.91 -8.72
CA ASP F 197 -1.98 45.46 -8.68
C ASP F 197 -3.06 44.40 -8.84
N HIS F 198 -2.77 43.32 -9.58
CA HIS F 198 -3.76 42.27 -9.76
C HIS F 198 -3.93 41.44 -8.49
N GLU F 199 -2.84 41.22 -7.76
CA GLU F 199 -2.83 40.32 -6.61
C GLU F 199 -2.48 41.10 -5.35
N ALA F 200 -2.53 40.39 -4.22
CA ALA F 200 -2.22 40.95 -2.91
C ALA F 200 -2.02 39.79 -1.95
N THR F 201 -1.39 40.08 -0.81
CA THR F 201 -1.09 39.08 0.19
C THR F 201 -1.83 39.41 1.48
N LEU F 202 -2.67 38.49 1.93
CA LEU F 202 -3.32 38.57 3.23
C LEU F 202 -2.63 37.61 4.17
N ARG F 203 -2.09 38.14 5.26
CA ARG F 203 -1.33 37.36 6.23
C ARG F 203 -2.07 37.39 7.57
N CYS F 204 -2.31 36.20 8.13
CA CYS F 204 -3.06 36.02 9.36
C CYS F 204 -2.09 35.67 10.48
N TRP F 205 -2.05 36.50 11.52
CA TRP F 205 -1.06 36.39 12.58
C TRP F 205 -1.66 35.80 13.84
N ALA F 206 -0.82 35.07 14.58
CA ALA F 206 -1.18 34.52 15.89
C ALA F 206 0.04 34.62 16.79
N LEU F 207 -0.02 35.50 17.79
CA LEU F 207 1.13 35.81 18.62
C LEU F 207 0.80 35.59 20.09
N SER F 208 1.86 35.40 20.88
CA SER F 208 1.77 35.37 22.35
C SER F 208 0.82 34.28 22.84
N PHE F 209 0.91 33.08 22.26
CA PHE F 209 0.07 31.97 22.68
C PHE F 209 0.90 30.85 23.29
N TYR F 210 0.27 30.08 24.16
CA TYR F 210 0.87 28.95 24.86
C TYR F 210 -0.27 28.00 25.22
N PRO F 211 -0.08 26.69 25.03
CA PRO F 211 1.10 26.00 24.49
C PRO F 211 1.28 26.19 22.98
N ALA F 212 2.24 25.49 22.38
CA ALA F 212 2.65 25.79 21.02
C ALA F 212 1.63 25.28 19.99
N GLU F 213 0.88 24.24 20.32
CA GLU F 213 -0.07 23.66 19.37
C GLU F 213 -1.11 24.69 18.95
N ILE F 214 -1.34 24.78 17.64
CA ILE F 214 -2.29 25.75 17.10
C ILE F 214 -2.60 25.33 15.67
N THR F 215 -3.70 25.87 15.12
CA THR F 215 -4.12 25.57 13.77
C THR F 215 -4.56 26.85 13.08
N LEU F 216 -3.99 27.11 11.90
CA LEU F 216 -4.37 28.25 11.07
C LEU F 216 -4.90 27.73 9.74
N THR F 217 -6.05 28.25 9.31
CA THR F 217 -6.71 27.77 8.11
C THR F 217 -7.28 28.96 7.34
N TRP F 218 -7.05 28.98 6.02
CA TRP F 218 -7.64 29.96 5.14
C TRP F 218 -8.81 29.33 4.37
N GLN F 219 -9.87 30.10 4.19
CA GLN F 219 -11.02 29.68 3.40
C GLN F 219 -11.39 30.77 2.42
N ARG F 220 -11.82 30.35 1.22
CA ARG F 220 -12.29 31.27 0.18
C ARG F 220 -13.72 30.88 -0.17
N ASP F 221 -14.66 31.79 0.09
CA ASP F 221 -16.08 31.55 -0.10
C ASP F 221 -16.55 30.31 0.67
N GLY F 222 -15.91 30.03 1.81
CA GLY F 222 -16.21 28.87 2.61
C GLY F 222 -15.48 27.61 2.20
N GLU F 223 -14.73 27.63 1.11
CA GLU F 223 -14.00 26.46 0.63
C GLU F 223 -12.59 26.44 1.20
N ASP F 224 -12.14 25.26 1.58
CA ASP F 224 -10.80 25.12 2.16
C ASP F 224 -9.73 25.49 1.14
N GLN F 225 -8.90 26.48 1.48
CA GLN F 225 -7.94 27.06 0.56
C GLN F 225 -6.51 26.55 0.79
N THR F 226 -6.37 25.30 1.21
CA THR F 226 -5.03 24.70 1.27
C THR F 226 -4.53 24.44 -0.15
N GLN F 227 -3.22 24.18 -0.24
CA GLN F 227 -2.46 24.06 -1.49
C GLN F 227 -2.28 25.42 -2.18
N ASP F 228 -2.85 26.49 -1.62
CA ASP F 228 -2.58 27.84 -2.09
C ASP F 228 -2.20 28.77 -0.96
N THR F 229 -2.08 28.28 0.28
CA THR F 229 -1.68 29.07 1.42
C THR F 229 -0.31 28.62 1.91
N GLU F 230 0.45 29.58 2.45
CA GLU F 230 1.79 29.32 2.97
C GLU F 230 1.75 29.39 4.48
N LEU F 231 2.28 28.35 5.13
CA LEU F 231 2.31 28.24 6.59
C LEU F 231 3.75 28.10 7.05
N VAL F 232 4.15 28.97 7.97
CA VAL F 232 5.46 28.89 8.59
C VAL F 232 5.35 28.01 9.83
N GLU F 233 6.45 27.33 10.17
CA GLU F 233 6.50 26.52 11.37
C GLU F 233 6.32 27.40 12.60
N THR F 234 5.68 26.83 13.63
CA THR F 234 5.50 27.55 14.88
C THR F 234 6.87 27.87 15.50
N ARG F 235 7.06 29.13 15.87
CA ARG F 235 8.36 29.61 16.30
C ARG F 235 8.30 30.17 17.72
N PRO F 236 9.35 29.97 18.51
CA PRO F 236 9.35 30.54 19.86
C PRO F 236 9.66 32.02 19.84
N ALA F 237 8.95 32.78 20.68
CA ALA F 237 9.17 34.21 20.77
C ALA F 237 10.36 34.56 21.64
N GLY F 238 10.77 33.67 22.54
CA GLY F 238 11.86 33.90 23.45
C GLY F 238 11.44 34.26 24.86
N ASP F 239 10.17 34.60 25.06
CA ASP F 239 9.64 34.93 26.37
C ASP F 239 8.75 33.83 26.95
N GLY F 240 8.69 32.67 26.30
CA GLY F 240 7.85 31.58 26.74
C GLY F 240 6.60 31.38 25.91
N THR F 241 6.30 32.30 24.99
CA THR F 241 5.16 32.17 24.09
C THR F 241 5.64 31.83 22.69
N PHE F 242 4.68 31.58 21.80
CA PHE F 242 4.97 31.13 20.45
C PHE F 242 4.22 31.99 19.45
N GLN F 243 4.65 31.89 18.19
CA GLN F 243 4.10 32.67 17.09
C GLN F 243 3.88 31.76 15.89
N LYS F 244 3.04 32.23 14.97
CA LYS F 244 2.75 31.51 13.72
C LYS F 244 1.91 32.42 12.84
N TRP F 245 2.11 32.31 11.53
CA TRP F 245 1.29 33.05 10.59
C TRP F 245 1.06 32.23 9.34
N ALA F 246 -0.02 32.56 8.63
CA ALA F 246 -0.38 31.92 7.37
C ALA F 246 -0.85 32.98 6.40
N ALA F 247 -0.42 32.86 5.15
CA ALA F 247 -0.74 33.85 4.13
C ALA F 247 -1.33 33.18 2.90
N VAL F 248 -1.95 33.98 2.05
CA VAL F 248 -2.56 33.51 0.82
C VAL F 248 -2.61 34.67 -0.16
N VAL F 249 -2.39 34.36 -1.44
CA VAL F 249 -2.45 35.37 -2.50
C VAL F 249 -3.90 35.57 -2.92
N VAL F 250 -4.35 36.81 -2.97
CA VAL F 250 -5.75 37.15 -3.19
C VAL F 250 -5.85 38.16 -4.33
N PRO F 251 -6.78 37.98 -5.29
CA PRO F 251 -7.02 39.03 -6.28
C PRO F 251 -7.49 40.31 -5.61
N SER F 252 -6.96 41.44 -6.09
CA SER F 252 -7.25 42.72 -5.47
C SER F 252 -8.74 43.04 -5.55
N GLY F 253 -9.25 43.69 -4.49
CA GLY F 253 -10.66 43.96 -4.37
C GLY F 253 -11.51 42.78 -3.94
N GLN F 254 -10.93 41.58 -3.87
CA GLN F 254 -11.65 40.38 -3.49
C GLN F 254 -11.16 39.83 -2.14
N GLU F 255 -10.66 40.71 -1.28
CA GLU F 255 -10.15 40.27 0.02
C GLU F 255 -11.26 39.85 0.96
N GLN F 256 -12.44 40.46 0.83
CA GLN F 256 -13.55 40.13 1.72
C GLN F 256 -14.10 38.72 1.51
N ARG F 257 -13.67 38.03 0.46
CA ARG F 257 -14.09 36.67 0.19
C ARG F 257 -13.19 35.64 0.86
N TYR F 258 -12.29 36.06 1.74
CA TYR F 258 -11.34 35.18 2.41
C TYR F 258 -11.49 35.32 3.92
N THR F 259 -11.33 34.20 4.63
CA THR F 259 -11.45 34.17 6.07
C THR F 259 -10.35 33.30 6.68
N CYS F 260 -9.81 33.77 7.79
CA CYS F 260 -8.81 33.02 8.55
C CYS F 260 -9.46 32.41 9.78
N HIS F 261 -9.02 31.21 10.15
CA HIS F 261 -9.60 30.46 11.27
C HIS F 261 -8.48 29.97 12.17
N VAL F 262 -8.57 30.30 13.45
CA VAL F 262 -7.53 29.98 14.43
C VAL F 262 -8.13 29.06 15.48
N GLN F 263 -7.55 27.88 15.64
CA GLN F 263 -7.92 26.94 16.68
C GLN F 263 -6.79 26.88 17.71
N HIS F 264 -7.13 27.10 18.97
CA HIS F 264 -6.13 27.02 20.03
C HIS F 264 -6.81 26.60 21.32
N GLU F 265 -6.03 25.97 22.21
CA GLU F 265 -6.56 25.47 23.47
C GLU F 265 -7.10 26.61 24.34
N GLY F 266 -6.52 27.80 24.24
CA GLY F 266 -6.98 28.94 25.03
C GLY F 266 -8.22 29.63 24.52
N LEU F 267 -8.63 29.34 23.29
CA LEU F 267 -9.81 29.98 22.71
C LEU F 267 -11.03 29.13 23.00
N PRO F 268 -12.04 29.66 23.71
CA PRO F 268 -13.28 28.87 23.89
C PRO F 268 -13.97 28.56 22.58
N LYS F 269 -13.91 29.47 21.62
CA LYS F 269 -14.47 29.29 20.29
C LYS F 269 -13.40 29.58 19.25
N PRO F 270 -13.30 28.75 18.21
CA PRO F 270 -12.33 29.04 17.13
C PRO F 270 -12.59 30.39 16.50
N LEU F 271 -11.58 31.25 16.56
CA LEU F 271 -11.71 32.61 16.08
C LEU F 271 -11.73 32.66 14.55
N THR F 272 -12.33 33.72 14.02
CA THR F 272 -12.38 33.96 12.59
C THR F 272 -12.07 35.42 12.32
N LEU F 273 -11.10 35.67 11.45
CA LEU F 273 -10.67 37.01 11.10
C LEU F 273 -10.86 37.24 9.60
N ARG F 274 -11.31 38.44 9.25
CA ARG F 274 -11.50 38.85 7.87
C ARG F 274 -10.91 40.23 7.68
N TRP F 275 -10.48 40.53 6.46
CA TRP F 275 -9.89 41.83 6.15
C TRP F 275 -10.97 42.90 6.28
N GLU F 276 -10.81 43.79 7.26
CA GLU F 276 -11.77 44.85 7.56
C GLU F 276 -11.12 46.20 7.30
N PRO F 277 -11.17 46.71 6.07
CA PRO F 277 -10.60 48.02 5.73
C PRO F 277 -11.49 49.17 6.18
N GLY G 2 -12.99 2.48 9.25
CA GLY G 2 -13.12 1.08 8.92
C GLY G 2 -13.43 0.20 10.11
N SER G 3 -13.81 0.84 11.23
CA SER G 3 -14.15 0.11 12.44
C SER G 3 -15.58 -0.45 12.35
N HIS G 4 -15.82 -1.53 13.08
CA HIS G 4 -17.10 -2.22 13.03
C HIS G 4 -17.52 -2.60 14.45
N SER G 5 -18.77 -3.05 14.57
CA SER G 5 -19.33 -3.35 15.88
C SER G 5 -20.44 -4.38 15.74
N MET G 6 -20.65 -5.16 16.80
CA MET G 6 -21.80 -6.05 16.91
C MET G 6 -22.52 -5.76 18.22
N ARG G 7 -23.85 -5.78 18.18
CA ARG G 7 -24.65 -5.43 19.33
C ARG G 7 -25.88 -6.32 19.39
N TYR G 8 -26.27 -6.71 20.60
CA TYR G 8 -27.53 -7.41 20.83
C TYR G 8 -28.35 -6.61 21.82
N PHE G 9 -29.61 -6.34 21.46
CA PHE G 9 -30.52 -5.56 22.28
C PHE G 9 -31.66 -6.45 22.75
N PHE G 10 -31.94 -6.41 24.05
CA PHE G 10 -33.00 -7.22 24.65
C PHE G 10 -33.97 -6.32 25.39
N THR G 11 -35.26 -6.61 25.23
CA THR G 11 -36.32 -5.87 25.89
C THR G 11 -37.36 -6.84 26.42
N SER G 12 -37.79 -6.64 27.66
CA SER G 12 -38.86 -7.44 28.25
C SER G 12 -39.83 -6.49 28.94
N VAL G 13 -41.10 -6.57 28.56
CA VAL G 13 -42.15 -5.69 29.06
C VAL G 13 -43.20 -6.54 29.76
N SER G 14 -43.47 -6.24 31.02
CA SER G 14 -44.51 -6.94 31.75
C SER G 14 -45.88 -6.39 31.33
N ARG G 15 -46.87 -7.26 31.32
CA ARG G 15 -48.25 -6.89 31.02
C ARG G 15 -49.14 -7.57 32.04
N PRO G 16 -49.29 -6.99 33.22
CA PRO G 16 -50.10 -7.63 34.26
C PRO G 16 -51.54 -7.82 33.80
N GLY G 17 -52.04 -9.04 33.95
CA GLY G 17 -53.38 -9.39 33.53
C GLY G 17 -53.50 -9.81 32.08
N ARG G 18 -52.52 -9.50 31.24
CA ARG G 18 -52.59 -9.79 29.80
C ARG G 18 -51.53 -10.80 29.39
N GLY G 19 -51.12 -11.68 30.31
CA GLY G 19 -50.21 -12.76 29.98
C GLY G 19 -48.80 -12.49 30.47
N GLU G 20 -47.93 -13.46 30.16
CA GLU G 20 -46.54 -13.41 30.55
C GLU G 20 -45.82 -12.28 29.81
N PRO G 21 -44.69 -11.80 30.33
CA PRO G 21 -44.00 -10.67 29.68
C PRO G 21 -43.60 -10.94 28.25
N ARG G 22 -43.62 -9.87 27.45
CA ARG G 22 -43.23 -9.89 26.05
C ARG G 22 -41.73 -9.66 25.93
N PHE G 23 -41.04 -10.57 25.24
CA PHE G 23 -39.59 -10.51 25.08
C PHE G 23 -39.25 -10.29 23.62
N ILE G 24 -38.46 -9.27 23.33
CA ILE G 24 -38.01 -8.96 21.98
C ILE G 24 -36.50 -8.79 22.00
N ALA G 25 -35.81 -9.44 21.05
CA ALA G 25 -34.36 -9.36 20.93
C ALA G 25 -34.00 -9.11 19.47
N VAL G 26 -33.06 -8.20 19.25
CA VAL G 26 -32.56 -7.91 17.90
C VAL G 26 -31.04 -7.92 17.93
N GLY G 27 -30.46 -8.29 16.81
CA GLY G 27 -29.01 -8.30 16.66
C GLY G 27 -28.59 -7.38 15.54
N TYR G 28 -27.50 -6.64 15.77
CA TYR G 28 -27.01 -5.66 14.82
C TYR G 28 -25.53 -5.88 14.56
N VAL G 29 -25.14 -5.75 13.29
CA VAL G 29 -23.76 -5.55 12.90
C VAL G 29 -23.70 -4.17 12.26
N ASP G 30 -22.95 -3.26 12.87
CA ASP G 30 -22.88 -1.85 12.46
C ASP G 30 -24.31 -1.30 12.50
N ASP G 31 -24.81 -0.70 11.43
CA ASP G 31 -26.18 -0.19 11.37
C ASP G 31 -27.10 -1.12 10.59
N THR G 32 -26.85 -2.43 10.64
CA THR G 32 -27.64 -3.42 9.90
C THR G 32 -28.11 -4.49 10.87
N GLN G 33 -29.41 -4.66 10.99
CA GLN G 33 -29.98 -5.74 11.80
C GLN G 33 -29.93 -7.05 11.03
N PHE G 34 -29.59 -8.14 11.71
CA PHE G 34 -29.48 -9.43 11.05
C PHE G 34 -30.24 -10.56 11.73
N VAL G 35 -30.69 -10.41 12.98
CA VAL G 35 -31.50 -11.41 13.64
C VAL G 35 -32.56 -10.71 14.48
N ARG G 36 -33.62 -11.45 14.80
CA ARG G 36 -34.70 -10.96 15.63
C ARG G 36 -35.39 -12.13 16.31
N PHE G 37 -36.00 -11.85 17.46
CA PHE G 37 -36.81 -12.83 18.18
C PHE G 37 -37.95 -12.09 18.88
N ASP G 38 -39.12 -12.71 18.86
CA ASP G 38 -40.32 -12.14 19.46
C ASP G 38 -41.07 -13.26 20.17
N SER G 39 -41.24 -13.13 21.49
CA SER G 39 -41.94 -14.16 22.24
C SER G 39 -43.41 -14.25 21.85
N ASP G 40 -43.95 -13.24 21.18
CA ASP G 40 -45.32 -13.27 20.67
C ASP G 40 -45.41 -13.79 19.24
N ALA G 41 -44.30 -13.86 18.52
CA ALA G 41 -44.31 -14.40 17.17
C ALA G 41 -44.65 -15.88 17.19
N ALA G 42 -45.36 -16.33 16.16
CA ALA G 42 -45.80 -17.72 16.11
C ALA G 42 -44.63 -18.68 15.89
N SER G 43 -43.55 -18.20 15.27
CA SER G 43 -42.44 -19.08 14.92
C SER G 43 -41.73 -19.61 16.16
N GLN G 44 -41.61 -18.78 17.20
CA GLN G 44 -40.86 -19.14 18.41
C GLN G 44 -39.42 -19.51 18.07
N ARG G 45 -38.84 -18.79 17.10
CA ARG G 45 -37.50 -19.06 16.62
C ARG G 45 -36.77 -17.75 16.40
N MET G 46 -35.45 -17.81 16.46
CA MET G 46 -34.63 -16.69 16.01
C MET G 46 -34.70 -16.60 14.49
N GLU G 47 -35.06 -15.43 13.98
CA GLU G 47 -35.30 -15.30 12.56
C GLU G 47 -34.26 -14.40 11.90
N PRO G 48 -33.92 -14.65 10.65
CA PRO G 48 -32.97 -13.79 9.94
C PRO G 48 -33.62 -12.49 9.47
N ARG G 49 -32.81 -11.42 9.49
CA ARG G 49 -33.24 -10.14 8.98
C ARG G 49 -32.28 -9.56 7.94
N ALA G 50 -31.21 -10.29 7.60
CA ALA G 50 -30.28 -9.91 6.56
C ALA G 50 -30.02 -11.11 5.66
N PRO G 51 -29.74 -10.88 4.38
CA PRO G 51 -29.50 -12.03 3.48
C PRO G 51 -28.29 -12.85 3.86
N TRP G 52 -27.20 -12.20 4.28
CA TRP G 52 -25.94 -12.90 4.50
C TRP G 52 -25.96 -13.81 5.72
N ILE G 53 -26.94 -13.65 6.61
CA ILE G 53 -27.02 -14.52 7.78
C ILE G 53 -27.82 -15.79 7.49
N GLU G 54 -28.60 -15.81 6.40
CA GLU G 54 -29.38 -17.00 6.06
C GLU G 54 -28.50 -18.18 5.68
N GLN G 55 -27.24 -17.93 5.28
CA GLN G 55 -26.35 -19.02 4.90
C GLN G 55 -25.87 -19.85 6.08
N GLU G 56 -26.12 -19.43 7.31
CA GLU G 56 -25.76 -20.22 8.47
C GLU G 56 -26.58 -21.50 8.51
N GLY G 57 -25.99 -22.56 9.05
CA GLY G 57 -26.60 -23.86 9.04
C GLY G 57 -27.73 -23.98 10.04
N PRO G 58 -28.45 -25.10 9.96
CA PRO G 58 -29.57 -25.31 10.89
C PRO G 58 -29.15 -25.36 12.36
N GLU G 59 -27.93 -25.82 12.63
CA GLU G 59 -27.45 -25.84 14.01
C GLU G 59 -27.34 -24.44 14.58
N TYR G 60 -26.90 -23.48 13.76
CA TYR G 60 -26.79 -22.10 14.21
C TYR G 60 -28.12 -21.58 14.70
N TRP G 61 -29.18 -21.76 13.91
CA TRP G 61 -30.48 -21.24 14.31
C TRP G 61 -31.06 -22.00 15.50
N ASP G 62 -30.69 -23.29 15.65
CA ASP G 62 -31.12 -24.04 16.82
C ASP G 62 -30.46 -23.50 18.09
N GLY G 63 -29.14 -23.28 18.03
CA GLY G 63 -28.43 -22.81 19.21
C GLY G 63 -28.81 -21.40 19.62
N GLU G 64 -28.97 -20.50 18.64
CA GLU G 64 -29.36 -19.14 18.95
C GLU G 64 -30.78 -19.09 19.53
N THR G 65 -31.68 -19.93 19.02
CA THR G 65 -33.02 -19.99 19.57
C THR G 65 -33.02 -20.50 21.00
N ARG G 66 -32.25 -21.55 21.29
CA ARG G 66 -32.22 -22.09 22.64
C ARG G 66 -31.62 -21.10 23.62
N LYS G 67 -30.62 -20.33 23.19
CA LYS G 67 -30.02 -19.35 24.08
C LYS G 67 -30.94 -18.16 24.29
N VAL G 68 -31.59 -17.68 23.23
CA VAL G 68 -32.46 -16.52 23.37
C VAL G 68 -33.71 -16.87 24.19
N LYS G 69 -34.15 -18.13 24.15
CA LYS G 69 -35.29 -18.53 24.98
C LYS G 69 -34.91 -18.59 26.46
N ALA G 70 -33.70 -19.06 26.77
CA ALA G 70 -33.25 -19.05 28.15
C ALA G 70 -33.11 -17.63 28.67
N HIS G 71 -32.67 -16.71 27.82
CA HIS G 71 -32.54 -15.32 28.22
C HIS G 71 -33.90 -14.68 28.48
N SER G 72 -34.91 -15.04 27.67
CA SER G 72 -36.23 -14.48 27.89
C SER G 72 -36.78 -14.88 29.26
N GLN G 73 -36.45 -16.08 29.72
CA GLN G 73 -36.86 -16.50 31.05
C GLN G 73 -36.08 -15.75 32.13
N THR G 74 -34.81 -15.44 31.88
CA THR G 74 -34.02 -14.69 32.86
C THR G 74 -34.60 -13.30 33.07
N HIS G 75 -34.88 -12.58 31.98
CA HIS G 75 -35.40 -11.23 32.11
C HIS G 75 -36.85 -11.21 32.58
N ARG G 76 -37.60 -12.28 32.34
CA ARG G 76 -38.95 -12.37 32.90
C ARG G 76 -38.89 -12.43 34.42
N VAL G 77 -38.00 -13.26 34.96
CA VAL G 77 -37.84 -13.34 36.41
C VAL G 77 -37.36 -12.02 36.97
N ASP G 78 -36.48 -11.33 36.24
CA ASP G 78 -35.96 -10.05 36.70
C ASP G 78 -37.07 -9.02 36.84
N LEU G 79 -38.11 -9.11 36.02
CA LEU G 79 -39.24 -8.19 36.15
C LEU G 79 -39.94 -8.35 37.49
N GLY G 80 -40.10 -9.59 37.95
CA GLY G 80 -40.68 -9.80 39.27
C GLY G 80 -39.74 -9.41 40.39
N THR G 81 -38.44 -9.68 40.23
CA THR G 81 -37.47 -9.33 41.27
C THR G 81 -37.38 -7.82 41.45
N LEU G 82 -37.22 -7.09 40.35
CA LEU G 82 -37.08 -5.64 40.45
C LEU G 82 -38.37 -4.97 40.91
N ARG G 83 -39.53 -5.57 40.61
CA ARG G 83 -40.78 -5.02 41.11
C ARG G 83 -40.84 -5.11 42.63
N GLY G 84 -40.25 -6.15 43.22
CA GLY G 84 -40.18 -6.27 44.65
C GLY G 84 -39.10 -5.39 45.25
N TYR G 85 -37.96 -5.30 44.56
CA TYR G 85 -36.85 -4.47 45.04
C TYR G 85 -37.26 -3.01 45.17
N TYR G 86 -38.18 -2.55 44.33
CA TYR G 86 -38.63 -1.16 44.36
C TYR G 86 -40.03 -1.01 44.94
N ASN G 87 -40.60 -2.07 45.49
CA ASN G 87 -41.89 -2.02 46.18
C ASN G 87 -42.96 -1.37 45.30
N GLN G 88 -43.10 -1.89 44.09
CA GLN G 88 -44.05 -1.36 43.12
C GLN G 88 -45.28 -2.26 43.03
N SER G 89 -46.35 -1.70 42.48
CA SER G 89 -47.60 -2.42 42.36
C SER G 89 -47.48 -3.58 41.37
N GLU G 90 -48.26 -4.63 41.62
CA GLU G 90 -48.33 -5.77 40.73
C GLU G 90 -49.15 -5.50 39.47
N ALA G 91 -49.72 -4.31 39.33
CA ALA G 91 -50.63 -4.00 38.24
C ALA G 91 -50.07 -2.95 37.29
N GLY G 92 -48.78 -2.65 37.38
CA GLY G 92 -48.14 -1.70 36.49
C GLY G 92 -47.24 -2.42 35.49
N SER G 93 -47.12 -1.84 34.30
CA SER G 93 -46.25 -2.37 33.26
C SER G 93 -44.84 -1.81 33.43
N HIS G 94 -43.86 -2.70 33.50
CA HIS G 94 -42.47 -2.31 33.70
C HIS G 94 -41.59 -2.98 32.64
N THR G 95 -40.41 -2.43 32.45
CA THR G 95 -39.51 -2.82 31.37
C THR G 95 -38.12 -3.13 31.91
N VAL G 96 -37.51 -4.20 31.41
CA VAL G 96 -36.09 -4.44 31.58
C VAL G 96 -35.45 -4.50 30.20
N GLN G 97 -34.22 -4.02 30.12
CA GLN G 97 -33.48 -4.00 28.86
C GLN G 97 -32.03 -4.37 29.14
N ARG G 98 -31.45 -5.17 28.26
CA ARG G 98 -30.04 -5.51 28.32
C ARG G 98 -29.42 -5.27 26.96
N MET G 99 -28.16 -4.82 26.97
CA MET G 99 -27.44 -4.55 25.74
C MET G 99 -25.99 -4.96 25.95
N TYR G 100 -25.44 -5.72 24.99
CA TYR G 100 -24.02 -6.04 25.05
C TYR G 100 -23.49 -6.23 23.64
N GLY G 101 -22.21 -6.01 23.48
CA GLY G 101 -21.58 -6.15 22.18
C GLY G 101 -20.12 -5.76 22.26
N CYS G 102 -19.48 -5.80 21.10
CA CYS G 102 -18.04 -5.53 21.02
C CYS G 102 -17.76 -4.66 19.80
N ASP G 103 -16.66 -3.91 19.89
CA ASP G 103 -16.16 -3.12 18.79
C ASP G 103 -14.82 -3.67 18.33
N VAL G 104 -14.54 -3.53 17.05
CA VAL G 104 -13.23 -3.81 16.49
C VAL G 104 -12.77 -2.59 15.71
N GLY G 105 -11.46 -2.36 15.71
CA GLY G 105 -10.89 -1.24 14.99
C GLY G 105 -10.83 -1.50 13.50
N SER G 106 -10.04 -0.66 12.82
CA SER G 106 -9.82 -0.86 11.39
C SER G 106 -8.99 -2.10 11.11
N ASP G 107 -8.28 -2.61 12.12
CA ASP G 107 -7.52 -3.85 12.00
C ASP G 107 -8.34 -5.08 12.36
N TRP G 108 -9.63 -4.89 12.69
CA TRP G 108 -10.53 -5.96 13.10
C TRP G 108 -10.09 -6.65 14.39
N ARG G 109 -9.25 -5.99 15.19
CA ARG G 109 -8.91 -6.48 16.52
C ARG G 109 -9.82 -5.87 17.57
N PHE G 110 -9.95 -6.56 18.69
CA PHE G 110 -10.84 -6.12 19.75
C PHE G 110 -10.51 -4.70 20.20
N LEU G 111 -11.56 -3.89 20.37
CA LEU G 111 -11.41 -2.48 20.74
C LEU G 111 -12.11 -2.16 22.05
N ARG G 112 -13.42 -2.41 22.14
N ARG G 112 -13.42 -2.39 22.13
CA ARG G 112 -14.17 -2.14 23.36
CA ARG G 112 -14.17 -2.14 23.36
C ARG G 112 -15.20 -3.23 23.58
C ARG G 112 -15.21 -3.22 23.57
N GLY G 113 -15.67 -3.33 24.82
CA GLY G 113 -16.72 -4.25 25.16
C GLY G 113 -17.79 -3.54 25.96
N TYR G 114 -19.03 -3.97 25.77
CA TYR G 114 -20.19 -3.35 26.38
C TYR G 114 -21.07 -4.42 27.02
N HIS G 115 -21.66 -4.07 28.16
CA HIS G 115 -22.73 -4.88 28.75
C HIS G 115 -23.43 -4.03 29.78
N GLN G 116 -24.63 -3.55 29.45
CA GLN G 116 -25.38 -2.65 30.30
C GLN G 116 -26.78 -3.20 30.54
N TYR G 117 -27.40 -2.73 31.61
CA TYR G 117 -28.71 -3.18 32.04
C TYR G 117 -29.52 -1.98 32.52
N ALA G 118 -30.81 -1.97 32.21
CA ALA G 118 -31.68 -0.87 32.59
C ALA G 118 -33.01 -1.41 33.08
N TYR G 119 -33.64 -0.64 33.98
CA TYR G 119 -34.98 -0.93 34.46
C TYR G 119 -35.82 0.32 34.28
N ASP G 120 -36.94 0.18 33.57
CA ASP G 120 -37.84 1.30 33.27
C ASP G 120 -37.09 2.45 32.59
N GLY G 121 -36.14 2.10 31.73
CA GLY G 121 -35.44 3.08 30.93
C GLY G 121 -34.32 3.83 31.63
N LYS G 122 -33.96 3.42 32.86
CA LYS G 122 -32.90 4.07 33.62
C LYS G 122 -31.78 3.08 33.88
N ASP G 123 -30.55 3.56 33.81
CA ASP G 123 -29.38 2.73 34.04
C ASP G 123 -29.49 1.99 35.37
N TYR G 124 -29.23 0.69 35.35
CA TYR G 124 -29.30 -0.15 36.55
C TYR G 124 -27.90 -0.65 36.92
N ILE G 125 -27.30 -1.51 36.11
CA ILE G 125 -25.95 -1.99 36.37
C ILE G 125 -25.23 -2.12 35.03
N ALA G 126 -23.93 -1.84 35.03
CA ALA G 126 -23.15 -1.82 33.79
C ALA G 126 -21.76 -2.36 34.05
N LEU G 127 -21.23 -3.08 33.06
CA LEU G 127 -19.84 -3.51 33.09
C LEU G 127 -18.96 -2.35 32.63
N LYS G 128 -17.89 -2.07 33.38
CA LYS G 128 -17.02 -0.97 33.02
C LYS G 128 -16.15 -1.35 31.83
N GLU G 129 -15.44 -0.35 31.29
CA GLU G 129 -14.66 -0.56 30.07
C GLU G 129 -13.55 -1.59 30.29
N ASP G 130 -12.97 -1.65 31.50
CA ASP G 130 -11.95 -2.64 31.77
C ASP G 130 -12.50 -4.07 31.84
N LEU G 131 -13.83 -4.23 31.79
CA LEU G 131 -14.49 -5.54 31.75
C LEU G 131 -14.12 -6.40 32.96
N ARG G 132 -13.87 -5.77 34.11
CA ARG G 132 -13.53 -6.49 35.33
C ARG G 132 -14.26 -6.01 36.57
N SER G 133 -15.03 -4.92 36.48
CA SER G 133 -15.77 -4.40 37.62
C SER G 133 -17.07 -3.80 37.12
N TRP G 134 -17.94 -3.45 38.06
CA TRP G 134 -19.32 -3.07 37.75
C TRP G 134 -19.65 -1.69 38.28
N THR G 135 -20.64 -1.07 37.63
CA THR G 135 -21.17 0.22 38.00
C THR G 135 -22.63 0.04 38.40
N ALA G 136 -22.95 0.32 39.66
CA ALA G 136 -24.29 0.13 40.20
C ALA G 136 -24.94 1.49 40.46
N ALA G 137 -26.25 1.57 40.19
CA ALA G 137 -26.96 2.84 40.26
C ALA G 137 -27.52 3.14 41.64
N ASP G 138 -27.95 2.13 42.39
CA ASP G 138 -28.55 2.34 43.70
C ASP G 138 -28.39 1.07 44.53
N MET G 139 -29.11 1.01 45.65
CA MET G 139 -28.95 -0.11 46.58
C MET G 139 -29.39 -1.42 45.95
N ALA G 140 -30.48 -1.40 45.19
CA ALA G 140 -30.93 -2.61 44.49
C ALA G 140 -29.87 -3.09 43.50
N ALA G 141 -29.28 -2.17 42.74
CA ALA G 141 -28.25 -2.56 41.78
C ALA G 141 -26.99 -3.05 42.47
N GLN G 142 -26.66 -2.52 43.65
CA GLN G 142 -25.52 -3.03 44.39
C GLN G 142 -25.75 -4.46 44.84
N THR G 143 -27.00 -4.82 45.13
CA THR G 143 -27.32 -6.22 45.44
C THR G 143 -26.97 -7.12 44.27
N THR G 144 -27.34 -6.71 43.06
CA THR G 144 -26.99 -7.46 41.86
C THR G 144 -25.48 -7.47 41.65
N LYS G 145 -24.81 -6.35 41.89
CA LYS G 145 -23.37 -6.28 41.69
C LYS G 145 -22.64 -7.26 42.58
N HIS G 146 -22.96 -7.28 43.88
CA HIS G 146 -22.31 -8.20 44.79
C HIS G 146 -22.62 -9.65 44.44
N LYS G 147 -23.80 -9.91 43.87
CA LYS G 147 -24.14 -11.27 43.45
C LYS G 147 -23.36 -11.67 42.21
N TRP G 148 -23.23 -10.76 41.25
CA TRP G 148 -22.52 -11.07 40.01
C TRP G 148 -21.02 -11.14 40.22
N GLU G 149 -20.49 -10.43 41.22
CA GLU G 149 -19.07 -10.53 41.53
C GLU G 149 -18.73 -11.90 42.09
N ALA G 150 -19.63 -12.47 42.89
CA ALA G 150 -19.40 -13.81 43.43
C ALA G 150 -19.43 -14.86 42.33
N ALA G 151 -20.27 -14.67 41.31
CA ALA G 151 -20.41 -15.62 40.22
C ALA G 151 -19.37 -15.41 39.12
N HIS G 152 -18.44 -14.47 39.30
CA HIS G 152 -17.41 -14.18 38.31
C HIS G 152 -18.01 -13.84 36.95
N VAL G 153 -19.14 -13.13 36.97
CA VAL G 153 -19.84 -12.79 35.73
C VAL G 153 -18.97 -11.93 34.83
N ALA G 154 -18.19 -11.02 35.42
CA ALA G 154 -17.31 -10.18 34.62
C ALA G 154 -16.25 -11.00 33.90
N GLU G 155 -15.74 -12.05 34.56
CA GLU G 155 -14.76 -12.90 33.91
C GLU G 155 -15.38 -13.70 32.77
N GLN G 156 -16.61 -14.18 32.95
CA GLN G 156 -17.28 -14.91 31.88
C GLN G 156 -17.61 -14.00 30.71
N LEU G 157 -18.09 -12.79 30.99
CA LEU G 157 -18.43 -11.86 29.93
C LEU G 157 -17.20 -11.33 29.21
N ARG G 158 -16.06 -11.21 29.91
CA ARG G 158 -14.86 -10.72 29.26
C ARG G 158 -14.35 -11.73 28.22
N ALA G 159 -14.38 -13.02 28.57
CA ALA G 159 -13.96 -14.04 27.62
C ALA G 159 -14.83 -14.02 26.37
N TYR G 160 -16.13 -13.82 26.52
CA TYR G 160 -17.00 -13.72 25.35
C TYR G 160 -16.73 -12.45 24.56
N LEU G 161 -16.75 -11.29 25.23
CA LEU G 161 -16.65 -10.03 24.52
C LEU G 161 -15.33 -9.89 23.79
N GLU G 162 -14.24 -10.38 24.38
CA GLU G 162 -12.93 -10.29 23.76
C GLU G 162 -12.65 -11.42 22.79
N GLY G 163 -13.34 -12.55 22.92
CA GLY G 163 -13.11 -13.69 22.06
C GLY G 163 -14.27 -14.02 21.14
N THR G 164 -15.32 -14.62 21.70
CA THR G 164 -16.43 -15.10 20.88
C THR G 164 -17.07 -13.97 20.09
N CYS G 165 -17.31 -12.83 20.75
CA CYS G 165 -17.96 -11.71 20.07
C CYS G 165 -17.13 -11.22 18.89
N VAL G 166 -15.81 -11.07 19.08
CA VAL G 166 -14.95 -10.56 18.02
C VAL G 166 -14.85 -11.58 16.88
N GLU G 167 -14.69 -12.85 17.23
CA GLU G 167 -14.51 -13.89 16.21
C GLU G 167 -15.74 -14.01 15.33
N TRP G 168 -16.94 -13.98 15.93
CA TRP G 168 -18.15 -14.05 15.14
C TRP G 168 -18.42 -12.76 14.38
N LEU G 169 -17.95 -11.62 14.90
CA LEU G 169 -18.10 -10.38 14.16
C LEU G 169 -17.29 -10.41 12.86
N ARG G 170 -16.07 -10.95 12.91
CA ARG G 170 -15.28 -11.09 11.69
C ARG G 170 -15.94 -12.06 10.72
N ARG G 171 -16.45 -13.19 11.24
CA ARG G 171 -17.18 -14.15 10.42
C ARG G 171 -18.34 -13.48 9.70
N TYR G 172 -19.09 -12.63 10.40
CA TYR G 172 -20.23 -11.94 9.79
C TYR G 172 -19.77 -10.91 8.76
N LEU G 173 -18.70 -10.17 9.08
CA LEU G 173 -18.19 -9.18 8.12
C LEU G 173 -17.75 -9.84 6.83
N GLU G 174 -17.23 -11.07 6.90
CA GLU G 174 -16.80 -11.77 5.69
C GLU G 174 -18.00 -12.32 4.92
N ASN G 175 -18.92 -12.99 5.61
CA ASN G 175 -20.09 -13.56 4.95
C ASN G 175 -20.96 -12.47 4.35
N GLY G 176 -21.05 -11.32 5.01
CA GLY G 176 -21.85 -10.22 4.51
C GLY G 176 -21.01 -9.10 3.96
N LYS G 177 -19.89 -9.46 3.31
CA LYS G 177 -18.95 -8.47 2.80
C LYS G 177 -19.63 -7.50 1.82
N GLU G 178 -20.57 -8.01 1.03
CA GLU G 178 -21.18 -7.19 -0.02
C GLU G 178 -21.92 -5.99 0.57
N THR G 179 -22.54 -6.15 1.73
CA THR G 179 -23.33 -5.09 2.34
C THR G 179 -22.67 -4.47 3.56
N LEU G 180 -22.00 -5.26 4.38
CA LEU G 180 -21.43 -4.74 5.61
C LEU G 180 -20.18 -3.91 5.35
N GLN G 181 -19.28 -4.40 4.48
CA GLN G 181 -18.05 -3.67 4.15
C GLN G 181 -18.25 -2.68 3.02
N ARG G 182 -19.46 -2.16 2.84
CA ARG G 182 -19.75 -1.17 1.82
C ARG G 182 -19.84 0.21 2.45
N THR G 183 -19.75 1.23 1.60
CA THR G 183 -19.78 2.62 2.08
C THR G 183 -20.46 3.48 1.01
N ASP G 184 -21.79 3.47 1.04
CA ASP G 184 -22.57 4.26 0.08
C ASP G 184 -22.39 5.75 0.38
N ALA G 185 -21.88 6.48 -0.59
CA ALA G 185 -21.69 7.91 -0.41
C ALA G 185 -23.03 8.64 -0.51
N PRO G 186 -23.18 9.75 0.21
CA PRO G 186 -24.47 10.46 0.21
C PRO G 186 -24.69 11.23 -1.09
N LYS G 187 -25.86 10.99 -1.70
CA LYS G 187 -26.32 11.83 -2.80
C LYS G 187 -26.90 13.11 -2.21
N THR G 188 -26.37 14.26 -2.60
CA THR G 188 -26.70 15.52 -1.97
C THR G 188 -27.30 16.50 -2.98
N HIS G 189 -28.13 17.40 -2.47
CA HIS G 189 -28.70 18.48 -3.26
C HIS G 189 -29.23 19.54 -2.30
N MET G 190 -29.49 20.72 -2.85
CA MET G 190 -29.98 21.85 -2.08
C MET G 190 -31.29 22.35 -2.67
N THR G 191 -32.19 22.80 -1.80
CA THR G 191 -33.49 23.31 -2.21
C THR G 191 -33.73 24.68 -1.58
N HIS G 192 -34.60 25.46 -2.23
CA HIS G 192 -34.89 26.82 -1.85
C HIS G 192 -36.39 26.99 -1.68
N HIS G 193 -36.81 27.56 -0.55
CA HIS G 193 -38.22 27.73 -0.24
C HIS G 193 -38.45 29.11 0.35
N ALA G 194 -39.31 29.91 -0.29
CA ALA G 194 -39.60 31.24 0.18
C ALA G 194 -40.55 31.15 1.38
N VAL G 195 -40.08 31.64 2.54
CA VAL G 195 -40.92 31.71 3.73
C VAL G 195 -41.53 33.10 3.94
N SER G 196 -41.18 34.06 3.09
CA SER G 196 -41.67 35.44 3.17
C SER G 196 -41.20 36.14 1.90
N ASP G 197 -41.38 37.46 1.85
CA ASP G 197 -40.92 38.25 0.72
C ASP G 197 -39.53 38.82 0.91
N HIS G 198 -38.94 38.68 2.11
CA HIS G 198 -37.57 39.11 2.35
C HIS G 198 -36.70 38.00 2.92
N GLU G 199 -37.24 36.80 3.10
CA GLU G 199 -36.51 35.68 3.67
C GLU G 199 -36.70 34.45 2.79
N ALA G 200 -35.92 33.42 3.10
CA ALA G 200 -35.96 32.17 2.37
C ALA G 200 -35.33 31.08 3.24
N THR G 201 -35.58 29.84 2.88
CA THR G 201 -35.05 28.68 3.59
C THR G 201 -34.21 27.86 2.61
N LEU G 202 -32.93 27.68 2.93
CA LEU G 202 -32.06 26.80 2.19
C LEU G 202 -31.93 25.50 2.97
N ARG G 203 -32.29 24.39 2.34
CA ARG G 203 -32.23 23.07 2.97
C ARG G 203 -31.25 22.20 2.21
N CYS G 204 -30.30 21.64 2.95
CA CYS G 204 -29.23 20.81 2.38
C CYS G 204 -29.55 19.35 2.67
N TRP G 205 -29.63 18.54 1.62
CA TRP G 205 -30.10 17.17 1.72
C TRP G 205 -28.93 16.19 1.60
N ALA G 206 -28.99 15.13 2.40
CA ALA G 206 -28.07 13.99 2.28
C ALA G 206 -28.91 12.73 2.24
N LEU G 207 -28.84 12.00 1.13
CA LEU G 207 -29.73 10.87 0.90
C LEU G 207 -28.93 9.65 0.44
N SER G 208 -29.48 8.47 0.76
N SER G 208 -29.48 8.47 0.75
CA SER G 208 -28.96 7.19 0.26
CA SER G 208 -28.96 7.19 0.26
C SER G 208 -27.52 6.93 0.68
C SER G 208 -27.50 6.99 0.67
N PHE G 209 -27.18 7.28 1.92
CA PHE G 209 -25.84 7.07 2.44
C PHE G 209 -25.83 5.97 3.50
N TYR G 210 -24.67 5.34 3.65
CA TYR G 210 -24.42 4.28 4.60
C TYR G 210 -22.92 4.28 4.90
N PRO G 211 -22.52 4.15 6.16
CA PRO G 211 -23.34 3.98 7.38
C PRO G 211 -24.05 5.25 7.80
N ALA G 212 -24.72 5.23 8.96
CA ALA G 212 -25.58 6.34 9.36
C ALA G 212 -24.78 7.54 9.83
N GLU G 213 -23.54 7.35 10.29
CA GLU G 213 -22.74 8.46 10.76
C GLU G 213 -22.52 9.47 9.63
N ILE G 214 -22.81 10.74 9.93
CA ILE G 214 -22.69 11.81 8.93
C ILE G 214 -22.66 13.13 9.69
N THR G 215 -22.06 14.14 9.06
CA THR G 215 -22.01 15.49 9.62
C THR G 215 -22.45 16.49 8.56
N LEU G 216 -23.45 17.30 8.90
CA LEU G 216 -23.94 18.37 8.04
C LEU G 216 -23.74 19.70 8.75
N THR G 217 -23.14 20.66 8.06
CA THR G 217 -22.82 21.95 8.66
C THR G 217 -23.08 23.08 7.68
N TRP G 218 -23.83 24.08 8.14
CA TRP G 218 -24.04 25.31 7.38
C TRP G 218 -23.13 26.40 7.92
N GLN G 219 -22.44 27.10 7.02
CA GLN G 219 -21.64 28.26 7.41
C GLN G 219 -21.89 29.38 6.41
N ARG G 220 -21.83 30.62 6.91
CA ARG G 220 -22.11 31.82 6.13
C ARG G 220 -20.84 32.66 6.09
N ASP G 221 -20.24 32.76 4.91
CA ASP G 221 -18.97 33.50 4.71
C ASP G 221 -17.86 32.95 5.60
N GLY G 222 -17.91 31.66 5.90
CA GLY G 222 -16.94 31.05 6.79
C GLY G 222 -17.31 31.08 8.24
N GLU G 223 -18.42 31.72 8.60
CA GLU G 223 -18.86 31.83 9.98
C GLU G 223 -19.79 30.67 10.30
N ASP G 224 -19.52 29.99 11.42
CA ASP G 224 -20.29 28.82 11.82
C ASP G 224 -21.72 29.22 12.16
N GLN G 225 -22.67 28.83 11.29
CA GLN G 225 -24.07 29.19 11.45
C GLN G 225 -24.83 28.24 12.36
N THR G 226 -24.15 27.56 13.28
CA THR G 226 -24.82 26.75 14.28
C THR G 226 -25.53 27.66 15.28
N GLN G 227 -26.44 27.05 16.06
CA GLN G 227 -27.39 27.69 16.97
C GLN G 227 -28.47 28.45 16.22
N ASP G 228 -28.42 28.49 14.88
CA ASP G 228 -29.48 29.03 14.06
C ASP G 228 -29.85 28.09 12.92
N THR G 229 -29.23 26.92 12.84
CA THR G 229 -29.51 25.94 11.81
C THR G 229 -30.34 24.80 12.41
N GLU G 230 -31.35 24.36 11.65
CA GLU G 230 -32.20 23.26 12.09
C GLU G 230 -31.64 21.94 11.55
N LEU G 231 -31.41 20.99 12.44
CA LEU G 231 -30.90 19.68 12.08
C LEU G 231 -31.87 18.61 12.56
N VAL G 232 -32.31 17.77 11.65
CA VAL G 232 -33.16 16.64 12.01
C VAL G 232 -32.27 15.43 12.31
N GLU G 233 -32.74 14.60 13.25
CA GLU G 233 -32.03 13.37 13.55
C GLU G 233 -31.94 12.49 12.31
N THR G 234 -30.81 11.81 12.15
CA THR G 234 -30.65 10.88 11.04
C THR G 234 -31.72 9.81 11.09
N ARG G 235 -32.41 9.60 9.96
CA ARG G 235 -33.56 8.73 9.87
C ARG G 235 -33.35 7.64 8.81
N PRO G 236 -33.87 6.44 9.04
CA PRO G 236 -33.72 5.37 8.05
C PRO G 236 -34.68 5.56 6.88
N ALA G 237 -34.17 5.30 5.68
CA ALA G 237 -35.00 5.41 4.48
C ALA G 237 -35.91 4.21 4.29
N GLY G 238 -35.64 3.10 4.97
CA GLY G 238 -36.40 1.88 4.82
C GLY G 238 -35.79 0.87 3.87
N ASP G 239 -34.76 1.27 3.13
CA ASP G 239 -34.09 0.38 2.18
C ASP G 239 -32.67 0.03 2.60
N GLY G 240 -32.29 0.34 3.85
CA GLY G 240 -30.95 0.09 4.31
C GLY G 240 -30.03 1.30 4.28
N THR G 241 -30.48 2.42 3.73
CA THR G 241 -29.72 3.67 3.73
C THR G 241 -30.39 4.66 4.68
N PHE G 242 -29.74 5.81 4.86
CA PHE G 242 -30.20 6.80 5.81
C PHE G 242 -30.31 8.17 5.15
N GLN G 243 -30.98 9.09 5.84
CA GLN G 243 -31.23 10.43 5.35
C GLN G 243 -30.99 11.43 6.48
N LYS G 244 -30.72 12.67 6.09
CA LYS G 244 -30.55 13.78 7.02
C LYS G 244 -30.57 15.07 6.22
N TRP G 245 -31.08 16.14 6.84
CA TRP G 245 -31.03 17.45 6.21
C TRP G 245 -30.82 18.52 7.26
N ALA G 246 -30.27 19.65 6.82
CA ALA G 246 -30.05 20.82 7.65
C ALA G 246 -30.51 22.06 6.88
N ALA G 247 -31.13 22.99 7.60
CA ALA G 247 -31.71 24.17 6.96
C ALA G 247 -31.38 25.42 7.75
N VAL G 248 -31.35 26.55 7.06
CA VAL G 248 -31.08 27.84 7.67
C VAL G 248 -31.90 28.90 6.95
N VAL G 249 -32.39 29.88 7.70
CA VAL G 249 -33.16 30.98 7.14
C VAL G 249 -32.20 32.06 6.67
N VAL G 250 -32.34 32.45 5.41
CA VAL G 250 -31.40 33.35 4.75
C VAL G 250 -32.13 34.58 4.20
N PRO G 251 -31.58 35.78 4.34
CA PRO G 251 -32.18 36.94 3.67
C PRO G 251 -32.12 36.79 2.16
N SER G 252 -33.16 37.28 1.49
CA SER G 252 -33.28 37.13 0.05
C SER G 252 -32.14 37.82 -0.67
N GLY G 253 -31.65 37.19 -1.73
CA GLY G 253 -30.53 37.68 -2.50
C GLY G 253 -29.17 37.22 -2.01
N GLN G 254 -29.05 36.83 -0.74
CA GLN G 254 -27.78 36.43 -0.14
C GLN G 254 -27.66 34.93 0.02
N GLU G 255 -28.21 34.17 -0.94
CA GLU G 255 -28.13 32.71 -0.85
C GLU G 255 -26.74 32.21 -1.15
N GLN G 256 -26.04 32.87 -2.08
CA GLN G 256 -24.70 32.45 -2.46
C GLN G 256 -23.67 32.68 -1.36
N ARG G 257 -24.00 33.48 -0.34
CA ARG G 257 -23.10 33.70 0.77
C ARG G 257 -23.15 32.57 1.80
N TYR G 258 -23.92 31.52 1.54
CA TYR G 258 -24.06 30.38 2.42
C TYR G 258 -23.52 29.14 1.73
N THR G 259 -22.93 28.24 2.52
CA THR G 259 -22.39 27.01 1.99
C THR G 259 -22.73 25.87 2.93
N CYS G 260 -23.02 24.71 2.35
CA CYS G 260 -23.31 23.49 3.09
C CYS G 260 -22.13 22.54 2.98
N HIS G 261 -21.84 21.82 4.06
CA HIS G 261 -20.67 20.95 4.12
C HIS G 261 -21.08 19.58 4.62
N VAL G 262 -20.71 18.55 3.86
CA VAL G 262 -21.11 17.17 4.12
C VAL G 262 -19.85 16.35 4.34
N GLN G 263 -19.76 15.71 5.50
CA GLN G 263 -18.69 14.78 5.82
C GLN G 263 -19.27 13.38 5.96
N HIS G 264 -18.71 12.43 5.22
CA HIS G 264 -19.17 11.05 5.30
C HIS G 264 -18.01 10.13 4.95
N GLU G 265 -18.08 8.91 5.49
CA GLU G 265 -17.00 7.94 5.29
C GLU G 265 -16.79 7.64 3.81
N GLY G 266 -17.88 7.62 3.02
CA GLY G 266 -17.79 7.34 1.61
C GLY G 266 -17.33 8.50 0.75
N LEU G 267 -17.17 9.69 1.34
CA LEU G 267 -16.74 10.87 0.59
C LEU G 267 -15.23 11.04 0.77
N PRO G 268 -14.44 10.97 -0.29
CA PRO G 268 -13.00 11.18 -0.14
C PRO G 268 -12.64 12.54 0.42
N LYS G 269 -13.39 13.58 0.04
CA LYS G 269 -13.17 14.93 0.53
C LYS G 269 -14.53 15.52 0.91
N PRO G 270 -14.63 16.22 2.03
CA PRO G 270 -15.93 16.79 2.44
C PRO G 270 -16.52 17.69 1.36
N LEU G 271 -17.75 17.39 0.99
CA LEU G 271 -18.44 18.09 -0.09
C LEU G 271 -18.90 19.47 0.37
N THR G 272 -19.02 20.39 -0.59
CA THR G 272 -19.50 21.74 -0.34
C THR G 272 -20.55 22.07 -1.38
N LEU G 273 -21.75 22.44 -0.93
CA LEU G 273 -22.86 22.76 -1.80
C LEU G 273 -23.20 24.24 -1.68
N ARG G 274 -23.49 24.87 -2.82
CA ARG G 274 -23.83 26.27 -2.90
C ARG G 274 -25.06 26.45 -3.77
N TRP G 275 -25.90 27.42 -3.41
CA TRP G 275 -27.12 27.68 -4.15
C TRP G 275 -26.79 28.25 -5.53
N GLU G 276 -27.21 27.54 -6.58
CA GLU G 276 -26.99 27.96 -7.95
C GLU G 276 -28.29 28.47 -8.56
N PRO G 277 -28.37 29.75 -8.94
CA PRO G 277 -29.58 30.35 -9.54
C PRO G 277 -29.95 29.71 -10.87
N GLY H 2 41.92 11.35 -4.37
CA GLY H 2 40.65 12.04 -4.21
C GLY H 2 40.09 12.59 -5.52
N SER H 3 40.64 12.12 -6.63
CA SER H 3 40.17 12.54 -7.93
C SER H 3 38.91 11.78 -8.32
N HIS H 4 38.10 12.40 -9.17
CA HIS H 4 36.81 11.83 -9.55
C HIS H 4 36.60 11.97 -11.05
N SER H 5 35.57 11.31 -11.55
CA SER H 5 35.32 11.28 -12.99
C SER H 5 33.86 10.99 -13.25
N MET H 6 33.37 11.47 -14.40
CA MET H 6 32.06 11.13 -14.91
C MET H 6 32.24 10.60 -16.33
N ARG H 7 31.51 9.55 -16.68
CA ARG H 7 31.68 8.88 -17.96
C ARG H 7 30.32 8.46 -18.51
N TYR H 8 30.16 8.58 -19.82
CA TYR H 8 29.00 8.06 -20.52
C TYR H 8 29.47 7.09 -21.60
N PHE H 9 28.90 5.89 -21.60
CA PHE H 9 29.24 4.84 -22.55
C PHE H 9 28.03 4.56 -23.43
N PHE H 10 28.24 4.54 -24.74
CA PHE H 10 27.19 4.29 -25.71
C PHE H 10 27.57 3.10 -26.57
N THR H 11 26.60 2.22 -26.81
CA THR H 11 26.80 1.06 -27.67
C THR H 11 25.58 0.91 -28.55
N SER H 12 25.80 0.70 -29.84
CA SER H 12 24.73 0.42 -30.79
C SER H 12 25.16 -0.75 -31.66
N VAL H 13 24.36 -1.80 -31.68
CA VAL H 13 24.68 -3.03 -32.38
C VAL H 13 23.59 -3.28 -33.42
N SER H 14 23.98 -3.41 -34.67
CA SER H 14 23.03 -3.72 -35.74
C SER H 14 22.67 -5.20 -35.72
N ARG H 15 21.43 -5.48 -36.08
CA ARG H 15 20.93 -6.85 -36.20
C ARG H 15 20.14 -6.95 -37.50
N PRO H 16 20.83 -7.14 -38.61
CA PRO H 16 20.16 -7.13 -39.91
C PRO H 16 19.09 -8.21 -40.01
N GLY H 17 17.89 -7.80 -40.42
CA GLY H 17 16.76 -8.70 -40.54
C GLY H 17 15.96 -8.87 -39.27
N ARG H 18 16.51 -8.52 -38.12
CA ARG H 18 15.87 -8.72 -36.82
C ARG H 18 15.53 -7.40 -36.14
N GLY H 19 15.28 -6.35 -36.92
CA GLY H 19 14.82 -5.08 -36.41
C GLY H 19 15.92 -4.03 -36.39
N GLU H 20 15.55 -2.85 -35.90
CA GLU H 20 16.46 -1.73 -35.82
C GLU H 20 17.57 -2.02 -34.82
N PRO H 21 18.70 -1.32 -34.93
CA PRO H 21 19.83 -1.58 -34.02
C PRO H 21 19.46 -1.36 -32.56
N ARG H 22 20.11 -2.14 -31.69
CA ARG H 22 19.92 -2.05 -30.25
C ARG H 22 20.88 -1.00 -29.68
N PHE H 23 20.33 -0.03 -28.94
CA PHE H 23 21.11 1.06 -28.37
C PHE H 23 21.05 1.00 -26.86
N ILE H 24 22.23 1.00 -26.23
CA ILE H 24 22.36 0.97 -24.78
C ILE H 24 23.30 2.09 -24.36
N ALA H 25 22.90 2.85 -23.34
CA ALA H 25 23.72 3.93 -22.80
C ALA H 25 23.73 3.82 -21.29
N VAL H 26 24.91 3.95 -20.69
CA VAL H 26 25.06 3.94 -19.24
C VAL H 26 25.91 5.11 -18.80
N GLY H 27 25.66 5.61 -17.61
CA GLY H 27 26.41 6.71 -17.05
C GLY H 27 27.07 6.30 -15.74
N TYR H 28 28.31 6.74 -15.55
CA TYR H 28 29.11 6.39 -14.39
C TYR H 28 29.67 7.63 -13.74
N VAL H 29 29.65 7.66 -12.41
CA VAL H 29 30.48 8.56 -11.61
C VAL H 29 31.44 7.69 -10.83
N ASP H 30 32.73 7.85 -11.08
CA ASP H 30 33.77 7.01 -10.49
C ASP H 30 33.45 5.56 -10.89
N ASP H 31 33.36 4.63 -9.93
CA ASP H 31 32.99 3.24 -10.21
C ASP H 31 31.54 2.95 -9.86
N THR H 32 30.66 3.93 -9.98
CA THR H 32 29.25 3.76 -9.61
C THR H 32 28.37 4.20 -10.79
N GLN H 33 27.57 3.28 -11.31
CA GLN H 33 26.62 3.59 -12.36
C GLN H 33 25.38 4.25 -11.78
N PHE H 34 24.87 5.27 -12.47
CA PHE H 34 23.72 6.01 -11.99
C PHE H 34 22.59 6.19 -12.98
N VAL H 35 22.81 5.94 -14.28
CA VAL H 35 21.73 6.01 -15.27
C VAL H 35 21.94 4.89 -16.29
N ARG H 36 20.85 4.57 -16.99
CA ARG H 36 20.87 3.56 -18.03
C ARG H 36 19.76 3.86 -19.03
N PHE H 37 19.97 3.41 -20.27
CA PHE H 37 18.95 3.50 -21.30
C PHE H 37 19.10 2.31 -22.22
N ASP H 38 17.98 1.73 -22.63
CA ASP H 38 17.96 0.58 -23.52
C ASP H 38 16.83 0.78 -24.51
N SER H 39 17.17 0.83 -25.80
CA SER H 39 16.16 1.01 -26.84
C SER H 39 15.18 -0.15 -26.89
N ASP H 40 15.53 -1.30 -26.31
CA ASP H 40 14.64 -2.44 -26.23
C ASP H 40 13.80 -2.47 -24.97
N ALA H 41 14.16 -1.68 -23.95
CA ALA H 41 13.37 -1.62 -22.74
C ALA H 41 11.99 -1.02 -23.02
N ALA H 42 11.00 -1.49 -22.28
CA ALA H 42 9.64 -1.03 -22.51
C ALA H 42 9.43 0.41 -22.06
N SER H 43 10.24 0.88 -21.10
CA SER H 43 10.02 2.21 -20.56
C SER H 43 10.32 3.30 -21.58
N GLN H 44 11.33 3.08 -22.43
CA GLN H 44 11.77 4.09 -23.41
C GLN H 44 12.17 5.39 -22.71
N ARG H 45 12.80 5.25 -21.54
CA ARG H 45 13.18 6.40 -20.73
C ARG H 45 14.56 6.17 -20.14
N MET H 46 15.24 7.27 -19.82
CA MET H 46 16.45 7.20 -19.01
C MET H 46 16.07 6.81 -17.59
N GLU H 47 16.69 5.75 -17.09
CA GLU H 47 16.26 5.23 -15.79
C GLU H 47 17.35 5.40 -14.75
N PRO H 48 16.98 5.59 -13.48
CA PRO H 48 17.98 5.71 -12.42
C PRO H 48 18.55 4.35 -12.04
N ARG H 49 19.84 4.37 -11.69
CA ARG H 49 20.52 3.17 -11.19
C ARG H 49 21.23 3.41 -9.87
N ALA H 50 21.14 4.60 -9.30
CA ALA H 50 21.67 4.94 -7.99
C ALA H 50 20.63 5.69 -7.19
N PRO H 51 20.65 5.57 -5.86
CA PRO H 51 19.65 6.28 -5.05
C PRO H 51 19.76 7.79 -5.17
N TRP H 52 20.97 8.32 -5.22
CA TRP H 52 21.16 9.77 -5.18
C TRP H 52 20.73 10.47 -6.46
N ILE H 53 20.55 9.74 -7.55
CA ILE H 53 20.08 10.36 -8.79
C ILE H 53 18.55 10.38 -8.87
N GLU H 54 17.86 9.57 -8.07
CA GLU H 54 16.40 9.57 -8.09
C GLU H 54 15.80 10.87 -7.58
N GLN H 55 16.56 11.65 -6.81
CA GLN H 55 16.07 12.92 -6.31
C GLN H 55 15.95 13.99 -7.40
N GLU H 56 16.47 13.74 -8.59
CA GLU H 56 16.35 14.69 -9.68
C GLU H 56 14.90 14.82 -10.13
N GLY H 57 14.54 16.01 -10.58
CA GLY H 57 13.17 16.31 -10.92
C GLY H 57 12.77 15.73 -12.26
N PRO H 58 11.48 15.84 -12.58
CA PRO H 58 11.00 15.32 -13.86
C PRO H 58 11.60 16.01 -15.06
N GLU H 59 11.99 17.28 -14.94
CA GLU H 59 12.63 17.98 -16.06
C GLU H 59 13.95 17.32 -16.42
N TYR H 60 14.71 16.88 -15.41
CA TYR H 60 15.97 16.19 -15.67
C TYR H 60 15.74 14.92 -16.48
N TRP H 61 14.80 14.09 -16.04
CA TRP H 61 14.56 12.81 -16.71
C TRP H 61 13.96 13.00 -18.10
N ASP H 62 13.19 14.08 -18.31
CA ASP H 62 12.68 14.37 -19.64
C ASP H 62 13.82 14.76 -20.60
N GLY H 63 14.71 15.64 -20.14
CA GLY H 63 15.78 16.10 -21.00
C GLY H 63 16.80 15.01 -21.32
N GLU H 64 17.16 14.19 -20.34
CA GLU H 64 18.10 13.11 -20.58
C GLU H 64 17.52 12.06 -21.51
N THR H 65 16.23 11.78 -21.39
CA THR H 65 15.59 10.82 -22.29
C THR H 65 15.59 11.35 -23.73
N ARG H 66 15.24 12.63 -23.92
CA ARG H 66 15.19 13.19 -25.26
C ARG H 66 16.58 13.23 -25.90
N LYS H 67 17.62 13.52 -25.10
CA LYS H 67 18.96 13.58 -25.66
C LYS H 67 19.49 12.19 -25.99
N VAL H 68 19.25 11.21 -25.12
CA VAL H 68 19.75 9.86 -25.39
C VAL H 68 19.01 9.25 -26.57
N LYS H 69 17.77 9.65 -26.82
CA LYS H 69 17.05 9.17 -27.99
C LYS H 69 17.62 9.79 -29.27
N ALA H 70 17.99 11.06 -29.21
CA ALA H 70 18.63 11.69 -30.37
C ALA H 70 19.97 11.03 -30.67
N HIS H 71 20.73 10.65 -29.64
CA HIS H 71 21.99 9.97 -29.85
C HIS H 71 21.80 8.59 -30.48
N SER H 72 20.75 7.88 -30.06
CA SER H 72 20.51 6.54 -30.62
C SER H 72 20.27 6.60 -32.12
N GLN H 73 19.61 7.66 -32.60
CA GLN H 73 19.40 7.79 -34.04
C GLN H 73 20.71 8.14 -34.75
N THR H 74 21.57 8.92 -34.10
CA THR H 74 22.85 9.26 -34.70
C THR H 74 23.72 8.02 -34.89
N HIS H 75 23.84 7.21 -33.83
CA HIS H 75 24.67 6.01 -33.92
C HIS H 75 24.03 4.94 -34.79
N ARG H 76 22.70 4.94 -34.91
CA ARG H 76 22.04 4.02 -35.83
C ARG H 76 22.42 4.34 -37.27
N VAL H 77 22.38 5.63 -37.63
CA VAL H 77 22.78 6.05 -38.97
C VAL H 77 24.26 5.74 -39.20
N ASP H 78 25.08 5.89 -38.17
CA ASP H 78 26.51 5.63 -38.31
C ASP H 78 26.78 4.17 -38.64
N LEU H 79 25.92 3.25 -38.20
CA LEU H 79 26.09 1.84 -38.55
C LEU H 79 25.96 1.63 -40.05
N GLY H 80 25.02 2.33 -40.69
CA GLY H 80 24.90 2.25 -42.14
C GLY H 80 26.04 2.96 -42.85
N THR H 81 26.46 4.11 -42.32
CA THR H 81 27.54 4.86 -42.95
C THR H 81 28.85 4.08 -42.90
N LEU H 82 29.22 3.56 -41.73
CA LEU H 82 30.46 2.81 -41.60
C LEU H 82 30.41 1.49 -42.35
N ARG H 83 29.21 0.91 -42.50
CA ARG H 83 29.09 -0.30 -43.29
C ARG H 83 29.46 -0.06 -44.76
N GLY H 84 29.17 1.13 -45.27
CA GLY H 84 29.56 1.50 -46.61
C GLY H 84 31.01 1.92 -46.73
N TYR H 85 31.51 2.67 -45.74
CA TYR H 85 32.90 3.12 -45.77
C TYR H 85 33.88 1.96 -45.81
N TYR H 86 33.51 0.82 -45.22
CA TYR H 86 34.39 -0.34 -45.18
C TYR H 86 33.94 -1.45 -46.12
N ASN H 87 32.94 -1.18 -46.96
CA ASN H 87 32.49 -2.12 -47.99
C ASN H 87 32.18 -3.49 -47.40
N GLN H 88 31.33 -3.49 -46.37
CA GLN H 88 30.94 -4.73 -45.70
C GLN H 88 29.53 -5.14 -46.09
N SER H 89 29.23 -6.40 -45.84
CA SER H 89 27.93 -6.96 -46.21
C SER H 89 26.81 -6.37 -45.37
N GLU H 90 25.62 -6.30 -45.95
CA GLU H 90 24.42 -5.83 -45.27
C GLU H 90 23.86 -6.85 -44.29
N ALA H 91 24.47 -8.04 -44.18
CA ALA H 91 23.94 -9.13 -43.38
C ALA H 91 24.82 -9.48 -42.18
N GLY H 92 25.78 -8.62 -41.84
CA GLY H 92 26.64 -8.85 -40.71
C GLY H 92 26.28 -7.91 -39.56
N SER H 93 26.48 -8.40 -38.34
CA SER H 93 26.25 -7.60 -37.14
C SER H 93 27.50 -6.81 -36.80
N HIS H 94 27.36 -5.50 -36.66
CA HIS H 94 28.48 -4.62 -36.36
C HIS H 94 28.12 -3.73 -35.18
N THR H 95 29.16 -3.16 -34.56
CA THR H 95 29.01 -2.42 -33.32
C THR H 95 29.67 -1.05 -33.45
N VAL H 96 29.00 -0.03 -32.92
CA VAL H 96 29.56 1.31 -32.79
CA VAL H 96 29.53 1.32 -32.79
C VAL H 96 29.50 1.71 -31.33
N GLN H 97 30.58 2.33 -30.85
CA GLN H 97 30.69 2.74 -29.46
C GLN H 97 31.22 4.15 -29.37
N ARG H 98 30.64 4.93 -28.47
CA ARG H 98 31.12 6.27 -28.15
C ARG H 98 31.28 6.39 -26.65
N MET H 99 32.30 7.13 -26.22
CA MET H 99 32.57 7.34 -24.81
C MET H 99 33.07 8.76 -24.63
N TYR H 100 32.51 9.48 -23.66
CA TYR H 100 33.02 10.80 -23.33
C TYR H 100 32.77 11.08 -21.86
N GLY H 101 33.61 11.94 -21.29
CA GLY H 101 33.49 12.29 -19.89
C GLY H 101 34.62 13.22 -19.50
N CYS H 102 34.65 13.55 -18.21
CA CYS H 102 35.61 14.50 -17.68
C CYS H 102 36.16 14.00 -16.35
N ASP H 103 37.38 14.44 -16.05
CA ASP H 103 38.03 14.15 -14.79
C ASP H 103 38.19 15.45 -14.00
N VAL H 104 38.14 15.32 -12.67
CA VAL H 104 38.48 16.40 -11.76
C VAL H 104 39.52 15.91 -10.79
N GLY H 105 40.40 16.82 -10.37
CA GLY H 105 41.43 16.50 -9.41
C GLY H 105 40.87 16.42 -8.01
N SER H 106 41.77 16.45 -7.03
CA SER H 106 41.35 16.47 -5.64
C SER H 106 40.71 17.80 -5.25
N ASP H 107 40.93 18.85 -6.04
CA ASP H 107 40.29 20.15 -5.83
C ASP H 107 38.95 20.28 -6.56
N TRP H 108 38.50 19.22 -7.23
CA TRP H 108 37.26 19.20 -8.01
C TRP H 108 37.28 20.19 -9.18
N ARG H 109 38.48 20.61 -9.61
CA ARG H 109 38.60 21.41 -10.81
C ARG H 109 38.89 20.53 -12.01
N PHE H 110 38.57 21.05 -13.20
CA PHE H 110 38.74 20.29 -14.43
C PHE H 110 40.18 19.80 -14.57
N LEU H 111 40.32 18.53 -14.96
CA LEU H 111 41.63 17.90 -15.09
C LEU H 111 41.87 17.38 -16.51
N ARG H 112 41.01 16.50 -17.02
N ARG H 112 40.99 16.52 -17.02
CA ARG H 112 41.15 15.96 -18.36
CA ARG H 112 41.16 15.95 -18.36
C ARG H 112 39.77 15.81 -19.00
C ARG H 112 39.80 15.74 -18.99
N GLY H 113 39.77 15.76 -20.32
CA GLY H 113 38.54 15.55 -21.07
C GLY H 113 38.71 14.40 -22.05
N TYR H 114 37.62 13.67 -22.27
CA TYR H 114 37.63 12.47 -23.10
C TYR H 114 36.47 12.53 -24.09
N HIS H 115 36.74 12.04 -25.31
CA HIS H 115 35.68 11.78 -26.29
C HIS H 115 36.27 10.88 -27.37
N GLN H 116 35.91 9.61 -27.35
CA GLN H 116 36.46 8.63 -28.27
C GLN H 116 35.33 7.89 -28.97
N TYR H 117 35.66 7.32 -30.13
CA TYR H 117 34.70 6.64 -30.98
C TYR H 117 35.36 5.38 -31.54
N ALA H 118 34.60 4.29 -31.61
CA ALA H 118 35.13 3.03 -32.09
C ALA H 118 34.13 2.34 -32.99
N TYR H 119 34.64 1.55 -33.93
CA TYR H 119 33.83 0.71 -34.81
C TYR H 119 34.34 -0.71 -34.74
N ASP H 120 33.45 -1.64 -34.41
CA ASP H 120 33.79 -3.07 -34.25
C ASP H 120 34.94 -3.26 -33.27
N GLY H 121 34.94 -2.46 -32.20
CA GLY H 121 35.90 -2.62 -31.13
C GLY H 121 37.28 -2.05 -31.38
N LYS H 122 37.47 -1.32 -32.47
CA LYS H 122 38.76 -0.72 -32.79
C LYS H 122 38.63 0.79 -32.82
N ASP H 123 39.66 1.47 -32.32
CA ASP H 123 39.68 2.93 -32.29
C ASP H 123 39.40 3.49 -33.67
N TYR H 124 38.48 4.45 -33.73
CA TYR H 124 38.10 5.09 -34.98
C TYR H 124 38.56 6.54 -34.99
N ILE H 125 37.98 7.39 -34.15
CA ILE H 125 38.40 8.78 -34.03
C ILE H 125 38.33 9.18 -32.56
N ALA H 126 39.26 10.03 -32.14
CA ALA H 126 39.37 10.44 -30.75
C ALA H 126 39.76 11.90 -30.68
N LEU H 127 39.19 12.60 -29.70
CA LEU H 127 39.60 13.96 -29.40
C LEU H 127 40.89 13.93 -28.59
N LYS H 128 41.87 14.73 -28.99
CA LYS H 128 43.14 14.72 -28.26
C LYS H 128 42.98 15.43 -26.92
N GLU H 129 44.02 15.31 -26.10
CA GLU H 129 43.93 15.83 -24.73
C GLU H 129 43.75 17.34 -24.72
N ASP H 130 44.31 18.04 -25.70
CA ASP H 130 44.11 19.49 -25.78
C ASP H 130 42.68 19.88 -26.13
N LEU H 131 41.84 18.91 -26.48
CA LEU H 131 40.42 19.14 -26.76
C LEU H 131 40.21 20.14 -27.88
N ARG H 132 41.15 20.19 -28.83
CA ARG H 132 41.06 21.12 -29.95
C ARG H 132 41.39 20.49 -31.29
N SER H 133 41.85 19.23 -31.34
CA SER H 133 42.17 18.56 -32.58
C SER H 133 41.84 17.08 -32.44
N TRP H 134 41.91 16.37 -33.56
CA TRP H 134 41.39 15.02 -33.64
C TRP H 134 42.47 14.03 -34.08
N THR H 135 42.29 12.78 -33.67
CA THR H 135 43.15 11.66 -34.05
C THR H 135 42.32 10.66 -34.83
N ALA H 136 42.69 10.43 -36.09
CA ALA H 136 41.96 9.55 -36.99
C ALA H 136 42.77 8.29 -37.27
N ALA H 137 42.09 7.15 -37.35
CA ALA H 137 42.74 5.86 -37.48
C ALA H 137 43.04 5.44 -38.91
N ASP H 138 42.20 5.82 -39.87
CA ASP H 138 42.39 5.41 -41.25
C ASP H 138 41.71 6.43 -42.16
N MET H 139 41.57 6.08 -43.44
CA MET H 139 41.02 7.00 -44.41
C MET H 139 39.56 7.33 -44.12
N ALA H 140 38.78 6.32 -43.72
CA ALA H 140 37.39 6.58 -43.33
C ALA H 140 37.32 7.53 -42.14
N ALA H 141 38.19 7.34 -41.15
CA ALA H 141 38.18 8.21 -39.98
C ALA H 141 38.64 9.62 -40.33
N GLN H 142 39.54 9.77 -41.31
CA GLN H 142 39.92 11.10 -41.76
C GLN H 142 38.77 11.82 -42.44
N THR H 143 37.89 11.06 -43.12
CA THR H 143 36.70 11.64 -43.70
C THR H 143 35.81 12.25 -42.61
N THR H 144 35.59 11.50 -41.53
CA THR H 144 34.82 12.01 -40.41
C THR H 144 35.55 13.18 -39.73
N LYS H 145 36.88 13.08 -39.61
CA LYS H 145 37.64 14.13 -38.96
C LYS H 145 37.49 15.46 -39.68
N HIS H 146 37.64 15.46 -41.00
CA HIS H 146 37.49 16.70 -41.76
C HIS H 146 36.07 17.24 -41.68
N LYS H 147 35.07 16.35 -41.55
CA LYS H 147 33.70 16.82 -41.42
C LYS H 147 33.46 17.44 -40.04
N TRP H 148 34.00 16.83 -38.99
CA TRP H 148 33.80 17.35 -37.64
C TRP H 148 34.61 18.63 -37.41
N GLU H 149 35.73 18.79 -38.14
CA GLU H 149 36.47 20.04 -38.07
C GLU H 149 35.68 21.19 -38.67
N ALA H 150 34.94 20.92 -39.74
CA ALA H 150 34.12 21.95 -40.36
C ALA H 150 32.99 22.38 -39.44
N ALA H 151 32.42 21.44 -38.69
CA ALA H 151 31.32 21.71 -37.79
C ALA H 151 31.76 22.22 -36.42
N HIS H 152 33.06 22.42 -36.21
CA HIS H 152 33.61 22.88 -34.93
C HIS H 152 33.20 21.96 -33.79
N VAL H 153 33.17 20.65 -34.07
CA VAL H 153 32.77 19.68 -33.06
C VAL H 153 33.70 19.74 -31.85
N ALA H 154 34.99 19.96 -32.10
CA ALA H 154 35.94 20.03 -30.99
C ALA H 154 35.64 21.23 -30.09
N GLU H 155 35.21 22.35 -30.67
CA GLU H 155 34.88 23.51 -29.85
C GLU H 155 33.63 23.28 -29.01
N GLN H 156 32.61 22.63 -29.60
CA GLN H 156 31.40 22.35 -28.85
C GLN H 156 31.65 21.34 -27.73
N LEU H 157 32.44 20.31 -28.00
CA LEU H 157 32.72 19.31 -26.99
C LEU H 157 33.62 19.87 -25.88
N ARG H 158 34.48 20.83 -26.21
CA ARG H 158 35.35 21.44 -25.20
C ARG H 158 34.53 22.27 -24.21
N ALA H 159 33.56 23.03 -24.70
CA ALA H 159 32.72 23.82 -23.82
C ALA H 159 31.95 22.93 -22.86
N TYR H 160 31.46 21.78 -23.34
CA TYR H 160 30.76 20.85 -22.47
C TYR H 160 31.71 20.20 -21.47
N LEU H 161 32.81 19.61 -21.97
CA LEU H 161 33.68 18.84 -21.10
C LEU H 161 34.33 19.71 -20.03
N GLU H 162 34.66 20.96 -20.36
CA GLU H 162 35.30 21.85 -19.40
C GLU H 162 34.28 22.56 -18.50
N GLY H 163 33.04 22.69 -18.93
CA GLY H 163 32.04 23.40 -18.14
C GLY H 163 30.93 22.51 -17.63
N THR H 164 30.01 22.15 -18.53
CA THR H 164 28.81 21.41 -18.13
C THR H 164 29.18 20.09 -17.45
N CYS H 165 30.12 19.35 -18.02
CA CYS H 165 30.50 18.05 -17.48
C CYS H 165 31.04 18.18 -16.06
N VAL H 166 31.92 19.15 -15.82
CA VAL H 166 32.52 19.32 -14.50
C VAL H 166 31.47 19.78 -13.48
N GLU H 167 30.63 20.74 -13.88
CA GLU H 167 29.64 21.29 -12.95
C GLU H 167 28.64 20.22 -12.52
N TRP H 168 28.18 19.39 -13.45
CA TRP H 168 27.25 18.33 -13.08
C TRP H 168 27.94 17.21 -12.31
N LEU H 169 29.25 17.03 -12.53
CA LEU H 169 30.00 16.06 -11.73
C LEU H 169 30.05 16.47 -10.27
N ARG H 170 30.25 17.77 -10.01
CA ARG H 170 30.23 18.26 -8.64
C ARG H 170 28.85 18.11 -8.02
N ARG H 171 27.80 18.46 -8.79
CA ARG H 171 26.43 18.29 -8.31
C ARG H 171 26.15 16.85 -7.91
N TYR H 172 26.61 15.89 -8.73
CA TYR H 172 26.37 14.48 -8.41
C TYR H 172 27.18 14.04 -7.20
N LEU H 173 28.44 14.46 -7.10
CA LEU H 173 29.26 14.10 -5.94
C LEU H 173 28.65 14.63 -4.65
N GLU H 174 27.99 15.78 -4.70
CA GLU H 174 27.37 16.34 -3.51
C GLU H 174 26.09 15.59 -3.15
N ASN H 175 25.20 15.36 -4.12
CA ASN H 175 23.95 14.67 -3.83
C ASN H 175 24.20 13.25 -3.34
N GLY H 176 25.23 12.59 -3.88
CA GLY H 176 25.55 11.23 -3.47
C GLY H 176 26.78 11.12 -2.61
N LYS H 177 27.01 12.11 -1.75
CA LYS H 177 28.22 12.14 -0.93
C LYS H 177 28.36 10.87 -0.08
N GLU H 178 27.24 10.32 0.40
CA GLU H 178 27.31 9.18 1.31
C GLU H 178 27.98 7.97 0.65
N THR H 179 27.77 7.80 -0.66
CA THR H 179 28.32 6.65 -1.37
C THR H 179 29.47 7.02 -2.30
N LEU H 180 29.42 8.18 -2.95
CA LEU H 180 30.47 8.55 -3.90
C LEU H 180 31.73 9.02 -3.18
N GLN H 181 31.59 9.87 -2.17
CA GLN H 181 32.73 10.39 -1.42
C GLN H 181 33.16 9.48 -0.28
N ARG H 182 32.90 8.19 -0.38
CA ARG H 182 33.30 7.22 0.63
C ARG H 182 34.55 6.47 0.19
N THR H 183 35.21 5.83 1.16
CA THR H 183 36.44 5.08 0.86
C THR H 183 36.50 3.87 1.79
N ASP H 184 35.79 2.82 1.41
CA ASP H 184 35.78 1.58 2.18
C ASP H 184 37.13 0.88 2.06
N ALA H 185 37.79 0.67 3.19
CA ALA H 185 39.07 -0.01 3.18
C ALA H 185 38.89 -1.51 2.95
N PRO H 186 39.86 -2.17 2.32
CA PRO H 186 39.71 -3.59 2.01
C PRO H 186 39.88 -4.46 3.25
N LYS H 187 38.91 -5.34 3.47
CA LYS H 187 39.04 -6.39 4.48
C LYS H 187 39.91 -7.50 3.88
N THR H 188 41.00 -7.83 4.57
CA THR H 188 42.01 -8.72 4.02
C THR H 188 42.16 -9.96 4.90
N HIS H 189 42.56 -11.06 4.26
CA HIS H 189 42.87 -12.30 4.96
C HIS H 189 43.66 -13.18 4.01
N MET H 190 44.29 -14.22 4.57
CA MET H 190 45.08 -15.15 3.79
C MET H 190 44.59 -16.57 4.04
N THR H 191 44.63 -17.40 3.01
CA THR H 191 44.21 -18.79 3.10
C THR H 191 45.31 -19.69 2.55
N HIS H 192 45.32 -20.95 3.02
CA HIS H 192 46.35 -21.91 2.67
C HIS H 192 45.70 -23.19 2.15
N HIS H 193 46.17 -23.67 1.01
CA HIS H 193 45.64 -24.87 0.39
C HIS H 193 46.81 -25.70 -0.11
N ALA H 194 46.95 -26.91 0.41
CA ALA H 194 48.07 -27.77 0.03
C ALA H 194 47.83 -28.41 -1.33
N VAL H 195 48.66 -28.06 -2.30
CA VAL H 195 48.70 -28.75 -3.59
C VAL H 195 49.89 -29.68 -3.56
N SER H 196 49.63 -30.99 -3.66
CA SER H 196 50.63 -32.06 -3.57
C SER H 196 51.27 -32.06 -2.18
N ASP H 197 52.31 -32.87 -1.99
CA ASP H 197 53.01 -32.97 -0.72
C ASP H 197 54.26 -32.10 -0.60
N HIS H 198 54.68 -31.42 -1.66
CA HIS H 198 55.85 -30.57 -1.60
C HIS H 198 55.58 -29.12 -1.99
N GLU H 199 54.34 -28.78 -2.33
CA GLU H 199 53.97 -27.43 -2.71
C GLU H 199 52.72 -27.02 -1.95
N ALA H 200 52.37 -25.75 -2.06
CA ALA H 200 51.21 -25.20 -1.39
C ALA H 200 50.80 -23.91 -2.09
N THR H 201 49.58 -23.47 -1.82
CA THR H 201 49.04 -22.26 -2.40
C THR H 201 48.67 -21.29 -1.29
N LEU H 202 49.29 -20.12 -1.29
CA LEU H 202 48.92 -19.03 -0.40
C LEU H 202 48.15 -18.00 -1.21
N ARG H 203 46.93 -17.71 -0.79
CA ARG H 203 46.07 -16.77 -1.50
C ARG H 203 45.75 -15.59 -0.60
N CYS H 204 46.02 -14.38 -1.10
CA CYS H 204 45.82 -13.15 -0.35
C CYS H 204 44.57 -12.46 -0.88
N TRP H 205 43.61 -12.20 0.02
CA TRP H 205 42.30 -11.70 -0.36
C TRP H 205 42.13 -10.23 0.01
N ALA H 206 41.45 -9.50 -0.87
CA ALA H 206 41.00 -8.14 -0.62
C ALA H 206 39.53 -8.06 -0.96
N LEU H 207 38.69 -7.79 0.04
CA LEU H 207 37.25 -7.85 -0.12
C LEU H 207 36.60 -6.59 0.42
N SER H 208 35.46 -6.23 -0.18
CA SER H 208 34.60 -5.15 0.30
C SER H 208 35.32 -3.81 0.33
N PHE H 209 36.04 -3.49 -0.74
CA PHE H 209 36.75 -2.22 -0.82
C PHE H 209 36.17 -1.35 -1.92
N TYR H 210 36.35 -0.03 -1.76
CA TYR H 210 35.88 0.95 -2.70
C TYR H 210 36.77 2.19 -2.56
N PRO H 211 37.21 2.80 -3.66
CA PRO H 211 36.94 2.45 -5.07
C PRO H 211 37.68 1.20 -5.54
N ALA H 212 37.59 0.87 -6.83
CA ALA H 212 38.10 -0.41 -7.32
C ALA H 212 39.63 -0.45 -7.42
N GLU H 213 40.29 0.70 -7.55
CA GLU H 213 41.73 0.71 -7.68
C GLU H 213 42.40 0.10 -6.46
N ILE H 214 43.28 -0.87 -6.69
CA ILE H 214 43.97 -1.56 -5.60
C ILE H 214 45.21 -2.23 -6.19
N THR H 215 46.19 -2.50 -5.33
CA THR H 215 47.43 -3.18 -5.73
C THR H 215 47.72 -4.32 -4.77
N LEU H 216 47.90 -5.52 -5.33
CA LEU H 216 48.27 -6.70 -4.57
C LEU H 216 49.62 -7.20 -5.05
N THR H 217 50.54 -7.42 -4.12
CA THR H 217 51.91 -7.80 -4.44
C THR H 217 52.40 -8.85 -3.45
N TRP H 218 52.95 -9.93 -3.97
CA TRP H 218 53.62 -10.94 -3.17
C TRP H 218 55.12 -10.72 -3.21
N GLN H 219 55.76 -10.81 -2.04
CA GLN H 219 57.20 -10.69 -1.93
C GLN H 219 57.74 -11.83 -1.08
N ARG H 220 58.91 -12.34 -1.46
CA ARG H 220 59.54 -13.45 -0.77
C ARG H 220 60.92 -12.99 -0.29
N ASP H 221 61.07 -12.81 1.02
CA ASP H 221 62.31 -12.33 1.62
C ASP H 221 62.74 -11.00 1.01
N GLY H 222 61.78 -10.18 0.58
CA GLY H 222 62.06 -8.92 -0.06
C GLY H 222 62.19 -8.98 -1.57
N GLU H 223 62.14 -10.18 -2.16
CA GLU H 223 62.25 -10.32 -3.61
C GLU H 223 60.84 -10.30 -4.22
N ASP H 224 60.65 -9.44 -5.22
CA ASP H 224 59.34 -9.31 -5.85
C ASP H 224 59.01 -10.60 -6.61
N GLN H 225 58.04 -11.35 -6.10
CA GLN H 225 57.70 -12.64 -6.70
C GLN H 225 56.73 -12.47 -7.86
N THR H 226 56.78 -11.33 -8.53
CA THR H 226 56.00 -11.16 -9.73
C THR H 226 56.57 -12.07 -10.83
N GLN H 227 55.77 -12.27 -11.88
CA GLN H 227 55.99 -13.24 -12.95
C GLN H 227 55.84 -14.68 -12.46
N ASP H 228 55.57 -14.89 -11.17
CA ASP H 228 55.23 -16.20 -10.64
C ASP H 228 53.97 -16.17 -9.76
N THR H 229 53.34 -15.01 -9.61
CA THR H 229 52.13 -14.87 -8.83
C THR H 229 50.94 -14.67 -9.77
N GLU H 230 49.83 -15.34 -9.46
CA GLU H 230 48.62 -15.23 -10.26
C GLU H 230 47.71 -14.14 -9.68
N LEU H 231 47.30 -13.20 -10.53
CA LEU H 231 46.42 -12.11 -10.14
C LEU H 231 45.17 -12.13 -10.99
N VAL H 232 44.02 -12.15 -10.34
CA VAL H 232 42.72 -12.07 -11.04
C VAL H 232 42.32 -10.62 -11.18
N GLU H 233 41.62 -10.32 -12.26
CA GLU H 233 41.09 -8.98 -12.48
C GLU H 233 40.13 -8.60 -11.36
N THR H 234 40.16 -7.32 -10.97
CA THR H 234 39.24 -6.82 -9.95
C THR H 234 37.80 -7.01 -10.41
N ARG H 235 36.99 -7.61 -9.53
CA ARG H 235 35.63 -8.01 -9.89
C ARG H 235 34.63 -7.35 -8.94
N PRO H 236 33.45 -6.98 -9.45
CA PRO H 236 32.43 -6.40 -8.56
C PRO H 236 31.74 -7.47 -7.73
N ALA H 237 31.51 -7.13 -6.46
CA ALA H 237 30.82 -8.05 -5.56
C ALA H 237 29.32 -8.03 -5.75
N GLY H 238 28.77 -7.01 -6.42
CA GLY H 238 27.34 -6.87 -6.61
C GLY H 238 26.67 -5.96 -5.61
N ASP H 239 27.36 -5.55 -4.55
CA ASP H 239 26.81 -4.66 -3.53
C ASP H 239 27.44 -3.28 -3.54
N GLY H 240 28.21 -2.95 -4.58
CA GLY H 240 28.90 -1.68 -4.67
C GLY H 240 30.36 -1.72 -4.27
N THR H 241 30.85 -2.85 -3.78
CA THR H 241 32.25 -3.02 -3.46
C THR H 241 32.89 -3.98 -4.46
N PHE H 242 34.21 -4.15 -4.34
CA PHE H 242 34.96 -4.95 -5.28
C PHE H 242 35.81 -5.97 -4.53
N GLN H 243 36.34 -6.94 -5.30
CA GLN H 243 37.16 -8.02 -4.75
C GLN H 243 38.36 -8.23 -5.66
N LYS H 244 39.40 -8.84 -5.10
CA LYS H 244 40.60 -9.20 -5.83
C LYS H 244 41.43 -10.12 -4.94
N TRP H 245 42.16 -11.05 -5.57
CA TRP H 245 43.08 -11.90 -4.84
C TRP H 245 44.31 -12.20 -5.68
N ALA H 246 45.40 -12.53 -4.99
CA ALA H 246 46.65 -12.92 -5.61
C ALA H 246 47.20 -14.15 -4.89
N ALA H 247 47.76 -15.08 -5.65
CA ALA H 247 48.22 -16.35 -5.09
C ALA H 247 49.59 -16.70 -5.66
N VAL H 248 50.33 -17.49 -4.90
CA VAL H 248 51.67 -17.92 -5.29
C VAL H 248 51.89 -19.34 -4.78
N VAL H 249 52.62 -20.13 -5.56
CA VAL H 249 52.95 -21.50 -5.18
C VAL H 249 54.20 -21.48 -4.32
N VAL H 250 54.12 -22.06 -3.13
CA VAL H 250 55.18 -21.99 -2.12
C VAL H 250 55.57 -23.41 -1.72
N PRO H 251 56.86 -23.72 -1.59
CA PRO H 251 57.24 -25.02 -1.01
C PRO H 251 56.76 -25.11 0.44
N SER H 252 56.32 -26.31 0.82
CA SER H 252 55.79 -26.49 2.16
C SER H 252 56.89 -26.27 3.20
N GLY H 253 56.50 -25.64 4.31
CA GLY H 253 57.44 -25.26 5.34
C GLY H 253 58.03 -23.87 5.19
N GLN H 254 58.06 -23.32 3.97
CA GLN H 254 58.65 -22.01 3.71
C GLN H 254 57.58 -20.94 3.50
N GLU H 255 56.46 -21.02 4.21
CA GLU H 255 55.38 -20.04 4.05
C GLU H 255 55.73 -18.71 4.71
N GLN H 256 56.45 -18.74 5.83
CA GLN H 256 56.81 -17.49 6.52
C GLN H 256 57.77 -16.63 5.71
N ARG H 257 58.40 -17.19 4.67
CA ARG H 257 59.27 -16.42 3.80
C ARG H 257 58.50 -15.60 2.77
N TYR H 258 57.17 -15.64 2.79
CA TYR H 258 56.33 -14.92 1.84
C TYR H 258 55.47 -13.89 2.57
N THR H 259 55.25 -12.76 1.89
CA THR H 259 54.44 -11.67 2.43
C THR H 259 53.55 -11.10 1.34
N CYS H 260 52.34 -10.71 1.72
CA CYS H 260 51.40 -10.06 0.82
C CYS H 260 51.32 -8.58 1.19
N HIS H 261 51.19 -7.73 0.17
CA HIS H 261 51.18 -6.29 0.36
C HIS H 261 49.98 -5.69 -0.36
N VAL H 262 49.19 -4.90 0.36
CA VAL H 262 47.95 -4.35 -0.14
C VAL H 262 48.04 -2.83 -0.09
N GLN H 263 47.88 -2.19 -1.23
CA GLN H 263 47.80 -0.73 -1.32
C GLN H 263 46.40 -0.34 -1.76
N HIS H 264 45.76 0.54 -0.99
CA HIS H 264 44.42 1.00 -1.33
C HIS H 264 44.22 2.40 -0.76
N GLU H 265 43.31 3.14 -1.41
CA GLU H 265 43.06 4.52 -1.01
C GLU H 265 42.58 4.62 0.43
N GLY H 266 41.80 3.64 0.89
CA GLY H 266 41.28 3.65 2.24
C GLY H 266 42.24 3.24 3.33
N LEU H 267 43.44 2.76 2.97
CA LEU H 267 44.41 2.33 3.95
C LEU H 267 45.42 3.43 4.22
N PRO H 268 45.53 3.95 5.44
CA PRO H 268 46.56 4.95 5.73
C PRO H 268 47.96 4.43 5.50
N LYS H 269 48.20 3.14 5.76
CA LYS H 269 49.48 2.49 5.54
C LYS H 269 49.26 1.18 4.80
N PRO H 270 50.07 0.89 3.79
CA PRO H 270 49.93 -0.38 3.06
C PRO H 270 50.08 -1.57 4.00
N LEU H 271 49.08 -2.44 3.99
CA LEU H 271 49.05 -3.59 4.88
C LEU H 271 50.00 -4.68 4.41
N THR H 272 50.46 -5.49 5.36
CA THR H 272 51.34 -6.62 5.08
C THR H 272 50.79 -7.85 5.79
N LEU H 273 50.50 -8.89 5.02
CA LEU H 273 49.95 -10.13 5.54
C LEU H 273 50.95 -11.27 5.38
N ARG H 274 51.10 -12.06 6.43
CA ARG H 274 51.94 -13.25 6.42
C ARG H 274 51.13 -14.42 6.97
N TRP H 275 51.40 -15.61 6.46
CA TRP H 275 50.64 -16.78 6.88
C TRP H 275 51.00 -17.13 8.32
N GLU H 276 50.05 -16.99 9.23
CA GLU H 276 50.24 -17.36 10.62
C GLU H 276 49.37 -18.57 10.93
N PRO H 277 49.96 -19.73 11.26
CA PRO H 277 49.18 -20.93 11.59
C PRO H 277 48.33 -20.76 12.84
N ILE I 1 22.27 10.75 6.77
CA ILE I 1 21.55 11.71 5.94
C ILE I 1 21.60 13.10 6.60
N GLN I 2 21.76 14.12 5.77
CA GLN I 2 21.87 15.50 6.21
C GLN I 2 20.65 16.29 5.75
N ARG I 3 20.20 17.21 6.61
CA ARG I 3 19.02 18.03 6.33
C ARG I 3 19.36 19.49 6.51
N THR I 4 18.94 20.33 5.55
CA THR I 4 19.25 21.75 5.55
C THR I 4 18.29 22.52 6.46
N PRO I 5 18.78 23.58 7.11
CA PRO I 5 17.94 24.28 8.09
C PRO I 5 16.92 25.21 7.45
N LYS I 6 15.73 25.25 8.06
CA LYS I 6 14.76 26.31 7.79
C LYS I 6 15.10 27.51 8.65
N ILE I 7 14.89 28.71 8.11
CA ILE I 7 15.36 29.94 8.73
C ILE I 7 14.22 30.93 8.80
N GLN I 8 13.99 31.49 9.99
CA GLN I 8 13.05 32.59 10.19
C GLN I 8 13.71 33.66 11.05
N VAL I 9 13.66 34.90 10.58
CA VAL I 9 14.17 36.05 11.33
C VAL I 9 13.00 36.98 11.61
N TYR I 10 12.85 37.37 12.87
CA TYR I 10 11.66 38.05 13.33
C TYR I 10 11.93 38.67 14.69
N SER I 11 11.00 39.52 15.14
CA SER I 11 11.10 40.17 16.44
C SER I 11 10.21 39.47 17.46
N ARG I 12 10.62 39.54 18.73
CA ARG I 12 9.85 38.91 19.80
C ARG I 12 8.49 39.57 19.95
N HIS I 13 8.44 40.90 19.88
CA HIS I 13 7.22 41.68 19.98
C HIS I 13 7.01 42.45 18.69
N PRO I 14 5.79 42.91 18.42
CA PRO I 14 5.55 43.74 17.23
C PRO I 14 6.48 44.94 17.20
N ALA I 15 7.20 45.09 16.10
CA ALA I 15 8.25 46.11 16.02
C ALA I 15 7.64 47.50 15.95
N GLU I 16 8.16 48.39 16.80
CA GLU I 16 7.79 49.81 16.78
C GLU I 16 9.07 50.63 16.81
N ASN I 17 9.17 51.59 15.90
CA ASN I 17 10.39 52.39 15.78
C ASN I 17 10.67 53.15 17.07
N GLY I 18 11.81 52.85 17.68
CA GLY I 18 12.27 53.53 18.88
C GLY I 18 12.07 52.77 20.16
N LYS I 19 11.36 51.64 20.15
CA LYS I 19 11.09 50.88 21.37
C LYS I 19 11.92 49.61 21.38
N SER I 20 12.52 49.32 22.53
CA SER I 20 13.38 48.16 22.67
CA SER I 20 13.38 48.16 22.67
C SER I 20 12.63 46.88 22.37
N ASN I 21 13.35 45.90 21.82
CA ASN I 21 12.77 44.66 21.36
C ASN I 21 13.86 43.59 21.39
N PHE I 22 13.56 42.42 20.80
CA PHE I 22 14.53 41.34 20.63
C PHE I 22 14.48 40.84 19.20
N LEU I 23 15.64 40.74 18.57
CA LEU I 23 15.74 40.19 17.23
C LEU I 23 16.05 38.69 17.34
N ASN I 24 15.24 37.88 16.67
CA ASN I 24 15.34 36.43 16.73
C ASN I 24 15.70 35.86 15.36
N CYS I 25 16.53 34.82 15.37
CA CYS I 25 16.77 33.99 14.20
C CYS I 25 16.56 32.54 14.63
N TYR I 26 15.47 31.94 14.17
CA TYR I 26 15.10 30.58 14.53
C TYR I 26 15.49 29.65 13.38
N VAL I 27 16.38 28.70 13.66
CA VAL I 27 16.79 27.70 12.70
C VAL I 27 16.32 26.34 13.20
N SER I 28 15.71 25.56 12.32
CA SER I 28 15.10 24.30 12.71
C SER I 28 15.19 23.33 11.55
N GLY I 29 14.91 22.06 11.85
CA GLY I 29 14.86 21.04 10.82
C GLY I 29 16.18 20.67 10.21
N PHE I 30 17.30 20.98 10.86
CA PHE I 30 18.62 20.72 10.31
C PHE I 30 19.28 19.55 11.00
N HIS I 31 20.24 18.96 10.29
CA HIS I 31 21.06 17.86 10.77
C HIS I 31 22.30 17.77 9.89
N PRO I 32 23.51 17.63 10.46
CA PRO I 32 23.84 17.50 11.89
C PRO I 32 23.74 18.81 12.67
N SER I 33 24.20 18.80 13.93
CA SER I 33 23.90 19.91 14.84
C SER I 33 24.81 21.11 14.63
N ASP I 34 26.04 20.89 14.15
CA ASP I 34 26.97 22.01 13.95
C ASP I 34 26.38 23.02 12.99
N ILE I 35 26.20 24.25 13.46
CA ILE I 35 25.60 25.32 12.68
C ILE I 35 26.16 26.64 13.17
N GLU I 36 26.24 27.62 12.28
CA GLU I 36 26.69 28.95 12.61
C GLU I 36 25.61 29.95 12.24
N VAL I 37 25.23 30.79 13.21
CA VAL I 37 24.22 31.82 12.98
C VAL I 37 24.80 33.15 13.44
N ASP I 38 24.74 34.14 12.56
CA ASP I 38 25.12 35.51 12.88
C ASP I 38 23.93 36.42 12.59
N LEU I 39 23.76 37.45 13.41
CA LEU I 39 22.80 38.50 13.14
C LEU I 39 23.54 39.69 12.54
N LEU I 40 22.92 40.32 11.55
CA LEU I 40 23.56 41.40 10.80
C LEU I 40 22.76 42.68 10.96
N LYS I 41 23.47 43.80 11.06
CA LYS I 41 22.85 45.12 11.10
C LYS I 41 23.60 46.02 10.13
N ASN I 42 22.91 46.45 9.08
CA ASN I 42 23.47 47.36 8.08
C ASN I 42 24.74 46.81 7.45
N GLY I 43 24.81 45.49 7.30
CA GLY I 43 25.93 44.87 6.63
C GLY I 43 27.12 44.52 7.49
N GLU I 44 26.94 44.38 8.80
CA GLU I 44 28.04 43.95 9.65
C GLU I 44 27.49 43.12 10.80
N ARG I 45 28.37 42.33 11.39
CA ARG I 45 27.98 41.35 12.40
C ARG I 45 27.60 42.04 13.71
N ILE I 46 26.54 41.54 14.33
CA ILE I 46 26.13 41.95 15.68
C ILE I 46 26.89 41.07 16.67
N GLU I 47 27.65 41.69 17.57
CA GLU I 47 28.68 40.96 18.30
C GLU I 47 28.08 40.05 19.37
N LYS I 48 27.27 40.61 20.26
CA LYS I 48 26.74 39.85 21.40
C LYS I 48 25.41 39.23 21.00
N VAL I 49 25.42 37.92 20.75
CA VAL I 49 24.24 37.16 20.38
C VAL I 49 24.20 35.90 21.25
N GLU I 50 23.05 35.62 21.83
CA GLU I 50 22.87 34.44 22.66
C GLU I 50 22.01 33.43 21.91
N HIS I 51 22.01 32.19 22.41
CA HIS I 51 21.23 31.15 21.76
C HIS I 51 20.72 30.16 22.80
N SER I 52 19.61 29.51 22.45
CA SER I 52 19.01 28.51 23.32
C SER I 52 19.83 27.23 23.29
N ASP I 53 19.49 26.32 24.21
CA ASP I 53 20.20 25.05 24.30
C ASP I 53 19.72 24.11 23.19
N LEU I 54 20.60 23.19 22.81
CA LEU I 54 20.33 22.32 21.68
C LEU I 54 19.24 21.31 22.00
N SER I 55 18.22 21.26 21.15
CA SER I 55 17.15 20.28 21.25
C SER I 55 16.80 19.84 19.84
N PHE I 56 15.99 18.79 19.74
CA PHE I 56 15.60 18.24 18.45
C PHE I 56 14.13 17.82 18.49
N SER I 57 13.59 17.58 17.30
CA SER I 57 12.17 17.34 17.10
C SER I 57 11.89 15.84 17.04
N LYS I 58 10.64 15.49 16.70
CA LYS I 58 10.26 14.08 16.62
C LYS I 58 11.07 13.35 15.55
N ASP I 59 11.31 14.00 14.41
CA ASP I 59 12.10 13.43 13.33
C ASP I 59 13.61 13.54 13.55
N TRP I 60 14.05 13.92 14.75
CA TRP I 60 15.43 14.02 15.21
C TRP I 60 16.15 15.25 14.67
N SER I 61 15.50 16.12 13.90
CA SER I 61 16.16 17.31 13.39
C SER I 61 16.22 18.38 14.47
N PHE I 62 17.37 19.06 14.56
CA PHE I 62 17.62 20.00 15.64
C PHE I 62 16.96 21.34 15.38
N TYR I 63 16.85 22.14 16.44
CA TYR I 63 16.38 23.50 16.34
C TYR I 63 17.07 24.36 17.39
N LEU I 64 17.26 25.62 17.06
CA LEU I 64 17.95 26.57 17.92
C LEU I 64 17.35 27.96 17.68
N LEU I 65 17.37 28.78 18.73
CA LEU I 65 16.94 30.17 18.63
C LEU I 65 18.11 31.07 18.99
N TYR I 66 18.47 31.96 18.08
CA TYR I 66 19.50 32.96 18.31
C TYR I 66 18.81 34.31 18.50
N TYR I 67 19.20 35.05 19.52
CA TYR I 67 18.48 36.26 19.87
C TYR I 67 19.45 37.30 20.43
N THR I 68 19.09 38.56 20.26
CA THR I 68 19.81 39.68 20.86
C THR I 68 18.85 40.85 20.98
N GLU I 69 19.20 41.76 21.89
CA GLU I 69 18.41 42.97 22.07
C GLU I 69 18.66 43.94 20.92
N PHE I 70 17.61 44.65 20.52
CA PHE I 70 17.73 45.65 19.47
C PHE I 70 16.56 46.60 19.54
N THR I 71 16.73 47.77 18.94
CA THR I 71 15.69 48.79 18.86
C THR I 71 15.48 49.16 17.40
N PRO I 72 14.36 48.78 16.78
CA PRO I 72 14.19 49.02 15.35
C PRO I 72 14.05 50.51 15.04
N THR I 73 14.59 50.90 13.89
CA THR I 73 14.40 52.22 13.32
C THR I 73 13.86 52.07 11.91
N GLU I 74 13.56 53.19 11.26
CA GLU I 74 12.92 53.12 9.95
C GLU I 74 13.90 52.69 8.86
N LYS I 75 15.19 52.98 9.02
CA LYS I 75 16.16 52.73 7.97
C LYS I 75 17.18 51.64 8.29
N ASP I 76 17.34 51.27 9.56
CA ASP I 76 18.31 50.24 9.91
C ASP I 76 17.82 48.90 9.37
N GLU I 77 18.66 48.25 8.57
CA GLU I 77 18.34 46.96 7.96
C GLU I 77 18.93 45.84 8.78
N TYR I 78 18.11 44.85 9.10
CA TYR I 78 18.54 43.69 9.86
C TYR I 78 18.37 42.43 9.02
N ALA I 79 19.15 41.41 9.34
CA ALA I 79 19.13 40.15 8.62
C ALA I 79 19.82 39.09 9.46
N CYS I 80 19.80 37.86 8.97
CA CYS I 80 20.40 36.71 9.62
CA CYS I 80 20.43 36.73 9.62
C CYS I 80 21.20 35.92 8.59
N ARG I 81 22.39 35.45 8.99
CA ARG I 81 23.25 34.67 8.12
C ARG I 81 23.50 33.33 8.77
N VAL I 82 23.19 32.25 8.05
CA VAL I 82 23.26 30.89 8.57
C VAL I 82 24.23 30.10 7.71
N ASN I 83 25.07 29.30 8.37
CA ASN I 83 26.03 28.45 7.68
C ASN I 83 25.91 27.03 8.21
N HIS I 84 25.92 26.07 7.29
CA HIS I 84 25.71 24.67 7.64
C HIS I 84 26.37 23.81 6.58
N VAL I 85 26.69 22.57 6.96
CA VAL I 85 27.37 21.66 6.04
C VAL I 85 26.56 21.41 4.78
N THR I 86 25.24 21.59 4.85
CA THR I 86 24.37 21.39 3.70
C THR I 86 24.34 22.58 2.76
N LEU I 87 25.06 23.66 3.08
CA LEU I 87 25.03 24.89 2.30
C LEU I 87 26.39 25.10 1.65
N SER I 88 26.39 25.37 0.33
CA SER I 88 27.64 25.65 -0.36
C SER I 88 28.17 27.04 -0.03
N GLN I 89 27.31 27.95 0.46
CA GLN I 89 27.71 29.25 0.92
C GLN I 89 26.69 29.70 1.97
N PRO I 90 27.08 30.56 2.91
CA PRO I 90 26.14 30.99 3.94
C PRO I 90 24.92 31.68 3.34
N LYS I 91 23.75 31.37 3.88
CA LYS I 91 22.50 31.92 3.42
C LYS I 91 22.09 33.10 4.29
N ILE I 92 21.65 34.17 3.64
CA ILE I 92 21.25 35.40 4.33
C ILE I 92 19.75 35.58 4.12
N VAL I 93 19.01 35.72 5.22
CA VAL I 93 17.57 35.98 5.21
C VAL I 93 17.35 37.32 5.87
N LYS I 94 16.81 38.28 5.11
CA LYS I 94 16.56 39.61 5.65
C LYS I 94 15.33 39.59 6.55
N TRP I 95 15.30 40.54 7.48
CA TRP I 95 14.17 40.68 8.40
C TRP I 95 13.13 41.59 7.78
N ASP I 96 11.90 41.07 7.66
CA ASP I 96 10.75 41.87 7.23
C ASP I 96 9.84 42.03 8.43
N ARG I 97 9.45 43.28 8.71
CA ARG I 97 8.62 43.56 9.89
CA ARG I 97 8.63 43.55 9.89
C ARG I 97 7.28 42.85 9.81
N ASP I 98 6.74 42.66 8.61
CA ASP I 98 5.45 42.02 8.42
C ASP I 98 5.57 40.51 8.21
N MET I 99 6.70 39.92 8.56
CA MET I 99 6.92 38.48 8.39
C MET I 99 7.68 37.90 9.58
N ILE J 1 -39.11 6.62 34.43
CA ILE J 1 -39.23 7.84 33.64
C ILE J 1 -39.84 7.53 32.28
N GLN J 2 -40.72 8.42 31.81
CA GLN J 2 -41.37 8.29 30.52
C GLN J 2 -40.91 9.41 29.61
N ARG J 3 -40.71 9.08 28.32
CA ARG J 3 -40.23 10.04 27.33
C ARG J 3 -41.17 10.03 26.13
N THR J 4 -41.53 11.22 25.66
CA THR J 4 -42.44 11.34 24.54
C THR J 4 -41.69 11.16 23.22
N PRO J 5 -42.34 10.58 22.20
CA PRO J 5 -41.63 10.28 20.97
C PRO J 5 -41.40 11.50 20.09
N LYS J 6 -40.23 11.53 19.46
CA LYS J 6 -40.00 12.44 18.34
C LYS J 6 -40.56 11.81 17.07
N ILE J 7 -41.12 12.63 16.19
CA ILE J 7 -41.86 12.16 15.04
C ILE J 7 -41.35 12.84 13.78
N GLN J 8 -41.02 12.04 12.77
CA GLN J 8 -40.66 12.53 11.45
C GLN J 8 -41.44 11.74 10.41
N VAL J 9 -42.13 12.45 9.52
CA VAL J 9 -42.85 11.83 8.40
C VAL J 9 -42.22 12.33 7.11
N TYR J 10 -41.90 11.40 6.21
CA TYR J 10 -41.09 11.72 5.04
C TYR J 10 -41.19 10.57 4.06
N SER J 11 -40.72 10.81 2.84
CA SER J 11 -40.72 9.81 1.79
C SER J 11 -39.33 9.17 1.66
N ARG J 12 -39.31 7.90 1.23
CA ARG J 12 -38.05 7.20 1.07
C ARG J 12 -37.21 7.84 -0.02
N HIS J 13 -37.84 8.24 -1.12
CA HIS J 13 -37.17 8.91 -2.23
C HIS J 13 -37.76 10.30 -2.40
N PRO J 14 -37.03 11.23 -3.04
CA PRO J 14 -37.60 12.55 -3.31
C PRO J 14 -38.93 12.42 -4.06
N ALA J 15 -39.95 13.06 -3.52
CA ALA J 15 -41.31 12.90 -4.03
C ALA J 15 -41.46 13.55 -5.40
N GLU J 16 -42.03 12.80 -6.34
CA GLU J 16 -42.40 13.29 -7.65
C GLU J 16 -43.84 12.87 -7.92
N ASN J 17 -44.67 13.82 -8.34
CA ASN J 17 -46.07 13.53 -8.57
C ASN J 17 -46.23 12.46 -9.64
N GLY J 18 -46.83 11.34 -9.27
CA GLY J 18 -47.09 10.25 -10.20
C GLY J 18 -46.15 9.07 -10.08
N LYS J 19 -45.09 9.15 -9.28
CA LYS J 19 -44.11 8.08 -9.16
C LYS J 19 -44.33 7.36 -7.84
N SER J 20 -44.39 6.04 -7.89
CA SER J 20 -44.55 5.26 -6.67
C SER J 20 -43.38 5.49 -5.73
N ASN J 21 -43.68 5.48 -4.44
CA ASN J 21 -42.73 5.86 -3.39
C ASN J 21 -43.09 5.09 -2.13
N PHE J 22 -42.47 5.46 -1.02
CA PHE J 22 -42.78 4.91 0.29
C PHE J 22 -42.95 6.05 1.28
N LEU J 23 -44.06 6.05 2.00
CA LEU J 23 -44.31 7.01 3.05
C LEU J 23 -43.84 6.45 4.38
N ASN J 24 -42.98 7.20 5.07
CA ASN J 24 -42.36 6.76 6.31
C ASN J 24 -42.82 7.64 7.48
N CYS J 25 -43.02 7.00 8.63
CA CYS J 25 -43.20 7.70 9.90
C CYS J 25 -42.20 7.09 10.88
N TYR J 26 -41.19 7.87 11.22
CA TYR J 26 -40.11 7.44 12.11
C TYR J 26 -40.36 8.02 13.50
N VAL J 27 -40.55 7.14 14.47
CA VAL J 27 -40.74 7.52 15.87
C VAL J 27 -39.55 7.04 16.68
N SER J 28 -38.99 7.92 17.50
CA SER J 28 -37.78 7.59 18.25
C SER J 28 -37.79 8.35 19.56
N GLY J 29 -36.88 7.95 20.45
CA GLY J 29 -36.66 8.64 21.70
C GLY J 29 -37.78 8.50 22.71
N PHE J 30 -38.65 7.51 22.57
CA PHE J 30 -39.80 7.35 23.45
C PHE J 30 -39.58 6.20 24.42
N HIS J 31 -40.32 6.24 25.53
CA HIS J 31 -40.30 5.22 26.56
C HIS J 31 -41.55 5.37 27.42
N PRO J 32 -42.28 4.28 27.72
CA PRO J 32 -42.00 2.88 27.39
C PRO J 32 -42.29 2.53 25.92
N SER J 33 -42.22 1.24 25.57
CA SER J 33 -42.20 0.86 24.17
C SER J 33 -43.58 0.84 23.52
N ASP J 34 -44.64 0.62 24.31
CA ASP J 34 -45.99 0.54 23.74
C ASP J 34 -46.34 1.85 23.03
N ILE J 35 -46.63 1.75 21.73
CA ILE J 35 -46.92 2.91 20.92
C ILE J 35 -47.79 2.48 19.75
N GLU J 36 -48.63 3.41 19.27
CA GLU J 36 -49.46 3.19 18.09
C GLU J 36 -49.18 4.27 17.08
N VAL J 37 -48.94 3.86 15.83
CA VAL J 37 -48.69 4.77 14.74
C VAL J 37 -49.65 4.43 13.61
N ASP J 38 -50.36 5.42 13.11
CA ASP J 38 -51.20 5.29 11.94
C ASP J 38 -50.75 6.29 10.89
N LEU J 39 -50.83 5.89 9.63
CA LEU J 39 -50.63 6.82 8.52
C LEU J 39 -51.99 7.25 7.98
N LEU J 40 -52.11 8.52 7.64
CA LEU J 40 -53.36 9.11 7.24
C LEU J 40 -53.27 9.64 5.81
N LYS J 41 -54.35 9.48 5.06
CA LYS J 41 -54.46 10.03 3.71
C LYS J 41 -55.81 10.72 3.57
N ASN J 42 -55.78 12.05 3.38
CA ASN J 42 -56.98 12.84 3.15
C ASN J 42 -58.01 12.66 4.26
N GLY J 43 -57.54 12.48 5.49
CA GLY J 43 -58.41 12.40 6.64
C GLY J 43 -58.95 11.03 6.99
N GLU J 44 -58.30 9.96 6.55
CA GLU J 44 -58.71 8.62 6.93
C GLU J 44 -57.50 7.72 7.02
N ARG J 45 -57.67 6.62 7.75
CA ARG J 45 -56.56 5.72 8.04
C ARG J 45 -56.14 4.93 6.81
N ILE J 46 -54.84 4.76 6.63
CA ILE J 46 -54.28 3.87 5.62
C ILE J 46 -54.18 2.48 6.24
N GLU J 47 -54.83 1.49 5.61
CA GLU J 47 -55.10 0.24 6.29
C GLU J 47 -53.84 -0.60 6.47
N LYS J 48 -53.15 -0.92 5.37
CA LYS J 48 -51.99 -1.80 5.42
C LYS J 48 -50.73 -0.96 5.58
N VAL J 49 -50.17 -0.97 6.79
CA VAL J 49 -48.95 -0.26 7.14
C VAL J 49 -48.04 -1.24 7.86
N GLU J 50 -46.77 -1.28 7.48
CA GLU J 50 -45.79 -2.17 8.08
C GLU J 50 -44.84 -1.38 8.96
N HIS J 51 -44.10 -2.09 9.81
CA HIS J 51 -43.17 -1.43 10.71
C HIS J 51 -41.98 -2.33 11.00
N SER J 52 -40.84 -1.69 11.32
CA SER J 52 -39.61 -2.38 11.67
C SER J 52 -39.70 -2.96 13.08
N ASP J 53 -38.71 -3.77 13.42
CA ASP J 53 -38.66 -4.43 14.72
C ASP J 53 -38.19 -3.47 15.81
N LEU J 54 -38.58 -3.76 17.04
CA LEU J 54 -38.31 -2.86 18.16
C LEU J 54 -36.84 -2.88 18.53
N SER J 55 -36.23 -1.70 18.56
CA SER J 55 -34.86 -1.51 19.02
C SER J 55 -34.81 -0.23 19.82
N PHE J 56 -33.69 0.00 20.50
CA PHE J 56 -33.54 1.19 21.33
C PHE J 56 -32.12 1.73 21.21
N SER J 57 -31.94 2.95 21.70
CA SER J 57 -30.70 3.70 21.54
C SER J 57 -29.82 3.56 22.78
N LYS J 58 -28.73 4.34 22.82
CA LYS J 58 -27.80 4.27 23.95
C LYS J 58 -28.49 4.64 25.26
N ASP J 59 -29.36 5.65 25.22
CA ASP J 59 -30.09 6.08 26.41
C ASP J 59 -31.31 5.21 26.72
N TRP J 60 -31.43 4.06 26.06
CA TRP J 60 -32.46 3.04 26.22
C TRP J 60 -33.81 3.42 25.60
N SER J 61 -33.93 4.58 24.95
CA SER J 61 -35.20 4.96 24.35
C SER J 61 -35.39 4.27 23.01
N PHE J 62 -36.62 3.81 22.77
CA PHE J 62 -36.93 2.97 21.62
C PHE J 62 -37.08 3.80 20.35
N TYR J 63 -37.01 3.11 19.20
CA TYR J 63 -37.30 3.73 17.92
C TYR J 63 -37.92 2.69 16.99
N LEU J 64 -38.76 3.17 16.09
CA LEU J 64 -39.50 2.32 15.14
C LEU J 64 -39.72 3.10 13.85
N LEU J 65 -39.79 2.36 12.74
CA LEU J 65 -40.11 2.94 11.44
C LEU J 65 -41.39 2.30 10.92
N TYR J 66 -42.39 3.13 10.64
CA TYR J 66 -43.63 2.69 10.01
C TYR J 66 -43.62 3.17 8.56
N TYR J 67 -43.97 2.28 7.64
CA TYR J 67 -43.85 2.60 6.23
C TYR J 67 -44.95 1.92 5.44
N THR J 68 -45.31 2.52 4.31
CA THR J 68 -46.25 1.92 3.38
C THR J 68 -46.00 2.51 2.00
N GLU J 69 -46.44 1.79 0.98
CA GLU J 69 -46.32 2.27 -0.38
C GLU J 69 -47.34 3.35 -0.65
N PHE J 70 -46.96 4.36 -1.43
CA PHE J 70 -47.88 5.42 -1.83
C PHE J 70 -47.30 6.13 -3.04
N THR J 71 -48.17 6.82 -3.76
CA THR J 71 -47.78 7.59 -4.94
C THR J 71 -48.26 9.03 -4.76
N PRO J 72 -47.36 9.99 -4.53
CA PRO J 72 -47.80 11.36 -4.26
C PRO J 72 -48.48 11.99 -5.47
N THR J 73 -49.47 12.82 -5.20
CA THR J 73 -50.12 13.65 -6.20
C THR J 73 -50.08 15.10 -5.72
N GLU J 74 -50.60 15.99 -6.55
CA GLU J 74 -50.51 17.42 -6.24
C GLU J 74 -51.42 17.82 -5.09
N LYS J 75 -52.55 17.14 -4.92
CA LYS J 75 -53.56 17.56 -3.94
C LYS J 75 -53.75 16.61 -2.77
N ASP J 76 -53.30 15.36 -2.88
CA ASP J 76 -53.50 14.41 -1.79
C ASP J 76 -52.63 14.79 -0.59
N GLU J 77 -53.28 14.90 0.57
CA GLU J 77 -52.61 15.27 1.81
C GLU J 77 -52.34 14.02 2.64
N TYR J 78 -51.10 13.87 3.08
CA TYR J 78 -50.69 12.73 3.89
C TYR J 78 -50.21 13.23 5.25
N ALA J 79 -50.28 12.34 6.24
CA ALA J 79 -49.88 12.70 7.60
C ALA J 79 -49.66 11.41 8.39
N CYS J 80 -49.21 11.59 9.63
CA CYS J 80 -48.95 10.48 10.56
CA CYS J 80 -48.99 10.48 10.54
C CYS J 80 -49.58 10.83 11.90
N ARG J 81 -50.15 9.83 12.57
CA ARG J 81 -50.78 10.02 13.87
C ARG J 81 -50.14 9.05 14.86
N VAL J 82 -49.59 9.59 15.94
CA VAL J 82 -48.84 8.82 16.92
C VAL J 82 -49.55 8.94 18.26
N ASN J 83 -49.65 7.82 18.97
CA ASN J 83 -50.28 7.78 20.27
C ASN J 83 -49.35 7.09 21.25
N HIS J 84 -49.22 7.66 22.44
CA HIS J 84 -48.29 7.17 23.45
C HIS J 84 -48.79 7.59 24.81
N VAL J 85 -48.35 6.86 25.85
CA VAL J 85 -48.80 7.13 27.20
C VAL J 85 -48.45 8.55 27.64
N THR J 86 -47.41 9.15 27.03
CA THR J 86 -47.00 10.50 27.37
C THR J 86 -47.84 11.58 26.71
N LEU J 87 -48.84 11.21 25.91
CA LEU J 87 -49.66 12.16 25.16
C LEU J 87 -51.08 12.14 25.70
N SER J 88 -51.61 13.33 25.97
CA SER J 88 -53.01 13.43 26.40
C SER J 88 -53.98 13.18 25.26
N GLN J 89 -53.53 13.36 24.01
CA GLN J 89 -54.31 13.05 22.83
C GLN J 89 -53.35 12.72 21.71
N PRO J 90 -53.76 11.91 20.73
CA PRO J 90 -52.84 11.54 19.64
C PRO J 90 -52.32 12.76 18.89
N LYS J 91 -51.04 12.72 18.54
CA LYS J 91 -50.38 13.82 17.85
C LYS J 91 -50.35 13.52 16.36
N ILE J 92 -50.68 14.53 15.56
CA ILE J 92 -50.71 14.41 14.11
C ILE J 92 -49.65 15.32 13.52
N VAL J 93 -48.76 14.74 12.72
CA VAL J 93 -47.72 15.48 12.01
C VAL J 93 -47.96 15.32 10.51
N LYS J 94 -48.22 16.42 9.82
CA LYS J 94 -48.48 16.36 8.39
C LYS J 94 -47.19 16.11 7.62
N TRP J 95 -47.34 15.53 6.43
CA TRP J 95 -46.22 15.26 5.55
C TRP J 95 -45.97 16.47 4.66
N ASP J 96 -44.76 17.01 4.74
CA ASP J 96 -44.30 18.07 3.84
C ASP J 96 -43.26 17.46 2.92
N ARG J 97 -43.51 17.50 1.61
CA ARG J 97 -42.58 16.89 0.67
C ARG J 97 -41.22 17.59 0.67
N ASP J 98 -41.14 18.81 1.21
CA ASP J 98 -39.88 19.54 1.32
C ASP J 98 -39.19 19.33 2.65
N MET J 99 -39.57 18.31 3.41
CA MET J 99 -38.97 18.04 4.71
C MET J 99 -38.81 16.55 4.93
N ILE K 1 37.22 -6.66 -34.77
CA ILE K 1 38.00 -7.61 -34.00
C ILE K 1 37.12 -8.26 -32.93
N GLN K 2 37.33 -9.55 -32.70
CA GLN K 2 36.57 -10.29 -31.70
C GLN K 2 37.49 -10.74 -30.58
N ARG K 3 36.99 -10.65 -29.34
CA ARG K 3 37.73 -11.01 -28.15
C ARG K 3 36.90 -11.96 -27.30
N THR K 4 37.54 -13.03 -26.80
CA THR K 4 36.85 -14.03 -26.02
C THR K 4 36.72 -13.58 -24.56
N PRO K 5 35.64 -13.94 -23.89
CA PRO K 5 35.40 -13.41 -22.54
C PRO K 5 36.24 -14.10 -21.48
N LYS K 6 36.71 -13.29 -20.52
CA LYS K 6 37.24 -13.82 -19.27
C LYS K 6 36.08 -14.07 -18.31
N ILE K 7 36.20 -15.15 -17.53
CA ILE K 7 35.09 -15.63 -16.70
C ILE K 7 35.57 -15.86 -15.28
N GLN K 8 34.83 -15.31 -14.31
CA GLN K 8 35.06 -15.58 -12.89
C GLN K 8 33.73 -15.89 -12.23
N VAL K 9 33.67 -17.00 -11.50
CA VAL K 9 32.48 -17.37 -10.73
C VAL K 9 32.86 -17.39 -9.27
N TYR K 10 32.07 -16.71 -8.44
CA TYR K 10 32.44 -16.45 -7.05
C TYR K 10 31.20 -16.00 -6.29
N SER K 11 31.33 -15.94 -4.98
CA SER K 11 30.24 -15.49 -4.10
C SER K 11 30.48 -14.06 -3.66
N ARG K 12 29.37 -13.34 -3.43
CA ARG K 12 29.48 -11.95 -2.99
C ARG K 12 30.15 -11.84 -1.63
N HIS K 13 29.81 -12.74 -0.71
CA HIS K 13 30.39 -12.77 0.62
C HIS K 13 31.12 -14.09 0.82
N PRO K 14 32.05 -14.16 1.77
CA PRO K 14 32.70 -15.44 2.07
C PRO K 14 31.68 -16.53 2.38
N ALA K 15 31.78 -17.64 1.66
CA ALA K 15 30.78 -18.68 1.73
C ALA K 15 30.83 -19.40 3.07
N GLU K 16 29.67 -19.53 3.71
CA GLU K 16 29.52 -20.34 4.92
C GLU K 16 28.31 -21.23 4.71
N ASN K 17 28.48 -22.52 4.97
CA ASN K 17 27.40 -23.49 4.72
C ASN K 17 26.17 -23.15 5.55
N GLY K 18 25.06 -22.87 4.85
CA GLY K 18 23.81 -22.58 5.50
C GLY K 18 23.42 -21.12 5.53
N LYS K 19 24.29 -20.21 5.09
CA LYS K 19 24.01 -18.78 5.13
C LYS K 19 23.71 -18.29 3.73
N SER K 20 22.60 -17.57 3.58
CA SER K 20 22.23 -17.04 2.28
C SER K 20 23.33 -16.14 1.75
N ASN K 21 23.45 -16.09 0.43
CA ASN K 21 24.59 -15.45 -0.24
C ASN K 21 24.13 -15.06 -1.64
N PHE K 22 25.09 -14.64 -2.47
CA PHE K 22 24.83 -14.34 -3.87
C PHE K 22 25.90 -15.02 -4.71
N LEU K 23 25.48 -15.75 -5.74
CA LEU K 23 26.40 -16.37 -6.68
C LEU K 23 26.60 -15.44 -7.86
N ASN K 24 27.85 -15.13 -8.17
CA ASN K 24 28.21 -14.18 -9.22
C ASN K 24 28.95 -14.88 -10.34
N CYS K 25 28.68 -14.46 -11.57
CA CYS K 25 29.49 -14.81 -12.74
C CYS K 25 29.84 -13.52 -13.46
N TYR K 26 31.09 -13.13 -13.39
CA TYR K 26 31.59 -11.89 -13.99
C TYR K 26 32.29 -12.23 -15.29
N VAL K 27 31.75 -11.72 -16.40
CA VAL K 27 32.33 -11.90 -17.72
C VAL K 27 32.82 -10.55 -18.22
N SER K 28 34.04 -10.51 -18.73
CA SER K 28 34.65 -9.25 -19.13
C SER K 28 35.60 -9.49 -20.30
N GLY K 29 36.02 -8.40 -20.92
CA GLY K 29 37.00 -8.45 -21.98
C GLY K 29 36.54 -9.08 -23.27
N PHE K 30 35.23 -9.18 -23.49
CA PHE K 30 34.70 -9.83 -24.69
C PHE K 30 34.18 -8.80 -25.68
N HIS K 31 34.11 -9.22 -26.94
CA HIS K 31 33.61 -8.41 -28.03
C HIS K 31 33.26 -9.34 -29.19
N PRO K 32 32.08 -9.20 -29.81
CA PRO K 32 31.04 -8.19 -29.57
C PRO K 32 30.21 -8.46 -28.31
N SER K 33 29.14 -7.69 -28.10
CA SER K 33 28.48 -7.66 -26.80
C SER K 33 27.53 -8.84 -26.59
N ASP K 34 26.99 -9.41 -27.66
CA ASP K 34 26.05 -10.51 -27.54
C ASP K 34 26.69 -11.69 -26.81
N ILE K 35 26.12 -12.09 -25.69
CA ILE K 35 26.66 -13.16 -24.86
C ILE K 35 25.52 -13.81 -24.10
N GLU K 36 25.68 -15.10 -23.80
CA GLU K 36 24.73 -15.83 -22.98
C GLU K 36 25.46 -16.40 -21.77
N VAL K 37 24.90 -16.17 -20.59
CA VAL K 37 25.47 -16.66 -19.34
C VAL K 37 24.37 -17.38 -18.58
N ASP K 38 24.65 -18.60 -18.15
CA ASP K 38 23.77 -19.37 -17.28
C ASP K 38 24.52 -19.75 -16.01
N LEU K 39 23.80 -19.78 -14.90
CA LEU K 39 24.32 -20.33 -13.67
C LEU K 39 23.78 -21.73 -13.51
N LEU K 40 24.64 -22.65 -13.07
CA LEU K 40 24.31 -24.06 -12.97
C LEU K 40 24.41 -24.53 -11.53
N LYS K 41 23.49 -25.40 -11.13
CA LYS K 41 23.50 -26.04 -9.82
C LYS K 41 23.29 -27.52 -10.01
N ASN K 42 24.31 -28.32 -9.66
CA ASN K 42 24.24 -29.78 -9.72
C ASN K 42 23.87 -30.27 -11.11
N GLY K 43 24.31 -29.56 -12.15
CA GLY K 43 24.10 -30.00 -13.51
C GLY K 43 22.81 -29.56 -14.16
N GLU K 44 22.17 -28.50 -13.66
CA GLU K 44 20.98 -27.98 -14.32
C GLU K 44 20.92 -26.47 -14.11
N ARG K 45 20.18 -25.81 -15.00
CA ARG K 45 20.15 -24.35 -15.05
C ARG K 45 19.39 -23.77 -13.86
N ILE K 46 19.92 -22.67 -13.31
CA ILE K 46 19.23 -21.89 -12.29
C ILE K 46 18.35 -20.88 -13.00
N GLU K 47 17.05 -20.92 -12.71
CA GLU K 47 16.07 -20.26 -13.58
C GLU K 47 16.13 -18.74 -13.46
N LYS K 48 16.01 -18.21 -12.25
CA LYS K 48 15.93 -16.76 -12.05
C LYS K 48 17.34 -16.22 -11.83
N VAL K 49 17.90 -15.59 -12.86
CA VAL K 49 19.21 -14.96 -12.81
C VAL K 49 19.11 -13.56 -13.39
N GLU K 50 19.67 -12.58 -12.69
CA GLU K 50 19.67 -11.20 -13.12
C GLU K 50 21.08 -10.80 -13.57
N HIS K 51 21.16 -9.67 -14.26
CA HIS K 51 22.46 -9.21 -14.75
C HIS K 51 22.51 -7.70 -14.78
N SER K 52 23.73 -7.16 -14.67
CA SER K 52 23.96 -5.73 -14.72
C SER K 52 23.82 -5.22 -16.16
N ASP K 53 23.81 -3.90 -16.29
CA ASP K 53 23.66 -3.27 -17.59
C ASP K 53 24.98 -3.29 -18.36
N LEU K 54 24.87 -3.24 -19.68
CA LEU K 54 26.04 -3.41 -20.55
C LEU K 54 26.94 -2.19 -20.47
N SER K 55 28.22 -2.42 -20.19
CA SER K 55 29.25 -1.38 -20.19
C SER K 55 30.51 -1.97 -20.79
N PHE K 56 31.49 -1.11 -21.08
CA PHE K 56 32.74 -1.55 -21.68
C PHE K 56 33.89 -0.77 -21.08
N SER K 57 35.11 -1.27 -21.34
CA SER K 57 36.34 -0.79 -20.73
C SER K 57 37.05 0.21 -21.64
N LYS K 58 38.27 0.58 -21.26
CA LYS K 58 39.06 1.53 -22.05
C LYS K 58 39.34 0.96 -23.45
N ASP K 59 39.64 -0.33 -23.53
CA ASP K 59 39.91 -0.98 -24.81
C ASP K 59 38.65 -1.36 -25.57
N TRP K 60 37.48 -0.87 -25.14
CA TRP K 60 36.16 -1.04 -25.74
C TRP K 60 35.55 -2.42 -25.50
N SER K 61 36.23 -3.31 -24.78
CA SER K 61 35.68 -4.65 -24.53
C SER K 61 34.66 -4.59 -23.39
N PHE K 62 33.56 -5.32 -23.58
CA PHE K 62 32.42 -5.24 -22.68
C PHE K 62 32.63 -6.06 -21.41
N TYR K 63 31.80 -5.77 -20.41
CA TYR K 63 31.75 -6.58 -19.19
C TYR K 63 30.33 -6.60 -18.66
N LEU K 64 29.99 -7.70 -17.99
CA LEU K 64 28.67 -7.93 -17.43
C LEU K 64 28.81 -8.77 -16.17
N LEU K 65 27.89 -8.56 -15.23
CA LEU K 65 27.81 -9.35 -14.01
C LEU K 65 26.47 -10.05 -13.94
N TYR K 66 26.49 -11.38 -13.84
CA TYR K 66 25.28 -12.19 -13.66
C TYR K 66 25.27 -12.69 -12.22
N TYR K 67 24.12 -12.56 -11.55
CA TYR K 67 24.04 -12.88 -10.14
C TYR K 67 22.68 -13.44 -9.79
N THR K 68 22.64 -14.25 -8.74
CA THR K 68 21.39 -14.76 -8.19
C THR K 68 21.62 -15.13 -6.72
N GLU K 69 20.51 -15.20 -5.98
CA GLU K 69 20.58 -15.61 -4.59
C GLU K 69 20.81 -17.11 -4.49
N PHE K 70 21.59 -17.53 -3.49
CA PHE K 70 21.82 -18.95 -3.26
C PHE K 70 22.36 -19.11 -1.84
N THR K 71 22.24 -20.32 -1.32
CA THR K 71 22.75 -20.66 0.01
C THR K 71 23.69 -21.84 -0.10
N PRO K 72 24.99 -21.66 0.07
CA PRO K 72 25.93 -22.76 -0.14
C PRO K 72 25.75 -23.86 0.88
N THR K 73 25.94 -25.10 0.43
CA THR K 73 26.00 -26.27 1.28
C THR K 73 27.30 -27.01 1.00
N GLU K 74 27.54 -28.10 1.74
CA GLU K 74 28.81 -28.80 1.63
C GLU K 74 28.95 -29.56 0.32
N LYS K 75 27.84 -30.05 -0.24
CA LYS K 75 27.90 -30.94 -1.38
C LYS K 75 27.32 -30.37 -2.67
N ASP K 76 26.53 -29.31 -2.60
CA ASP K 76 25.96 -28.73 -3.81
C ASP K 76 27.05 -28.07 -4.64
N GLU K 77 27.16 -28.47 -5.90
CA GLU K 77 28.17 -27.96 -6.82
C GLU K 77 27.56 -26.88 -7.70
N TYR K 78 28.23 -25.75 -7.79
CA TYR K 78 27.78 -24.62 -8.60
C TYR K 78 28.81 -24.33 -9.68
N ALA K 79 28.34 -23.70 -10.76
CA ALA K 79 29.21 -23.39 -11.89
C ALA K 79 28.51 -22.34 -12.76
N CYS K 80 29.25 -21.87 -13.76
CA CYS K 80 28.78 -20.87 -14.71
CA CYS K 80 28.75 -20.89 -14.71
C CYS K 80 29.09 -21.35 -16.12
N ARG K 81 28.15 -21.13 -17.04
CA ARG K 81 28.32 -21.51 -18.44
C ARG K 81 28.14 -20.30 -19.32
N VAL K 82 29.15 -20.01 -20.15
CA VAL K 82 29.19 -18.82 -20.97
C VAL K 82 29.27 -19.22 -22.44
N ASN K 83 28.51 -18.52 -23.29
CA ASN K 83 28.50 -18.77 -24.72
C ASN K 83 28.74 -17.45 -25.45
N HIS K 84 29.60 -17.49 -26.46
CA HIS K 84 30.02 -16.30 -27.19
C HIS K 84 30.44 -16.73 -28.59
N VAL K 85 30.40 -15.77 -29.51
CA VAL K 85 30.74 -16.05 -30.91
C VAL K 85 32.16 -16.55 -31.05
N THR K 86 33.05 -16.22 -30.12
CA THR K 86 34.43 -16.65 -30.17
C THR K 86 34.62 -18.07 -29.64
N LEU K 87 33.56 -18.74 -29.21
CA LEU K 87 33.65 -20.06 -28.60
C LEU K 87 33.00 -21.09 -29.52
N SER K 88 33.72 -22.19 -29.78
CA SER K 88 33.15 -23.26 -30.57
C SER K 88 32.12 -24.06 -29.79
N GLN K 89 32.18 -24.02 -28.46
CA GLN K 89 31.18 -24.65 -27.61
C GLN K 89 31.13 -23.89 -26.30
N PRO K 90 30.00 -23.90 -25.59
CA PRO K 90 29.90 -23.15 -24.33
C PRO K 90 30.94 -23.64 -23.32
N LYS K 91 31.53 -22.68 -22.63
CA LYS K 91 32.56 -22.94 -21.63
C LYS K 91 31.96 -22.93 -20.24
N ILE K 92 32.35 -23.90 -19.42
CA ILE K 92 31.86 -24.04 -18.06
C ILE K 92 33.02 -23.83 -17.09
N VAL K 93 32.84 -22.91 -16.15
CA VAL K 93 33.80 -22.64 -15.10
C VAL K 93 33.12 -22.98 -13.77
N LYS K 94 33.68 -23.96 -13.06
CA LYS K 94 33.10 -24.38 -11.80
C LYS K 94 33.42 -23.37 -10.70
N TRP K 95 32.55 -23.32 -9.69
CA TRP K 95 32.73 -22.41 -8.56
C TRP K 95 33.58 -23.08 -7.50
N ASP K 96 34.68 -22.45 -7.15
CA ASP K 96 35.51 -22.85 -6.02
C ASP K 96 35.36 -21.79 -4.94
N ARG K 97 34.85 -22.20 -3.78
CA ARG K 97 34.66 -21.24 -2.69
C ARG K 97 35.96 -20.62 -2.22
N ASP K 98 37.09 -21.23 -2.53
CA ASP K 98 38.41 -20.69 -2.21
C ASP K 98 38.98 -19.83 -3.33
N MET K 99 38.16 -19.42 -4.29
CA MET K 99 38.61 -18.61 -5.41
C MET K 99 37.55 -17.57 -5.81
N GLU L 1 12.87 14.21 36.80
CA GLU L 1 14.03 13.43 37.23
C GLU L 1 14.46 12.47 36.13
N LEU L 2 15.77 12.34 35.94
CA LEU L 2 16.30 11.44 34.93
C LEU L 2 16.09 9.98 35.34
N ALA L 3 16.11 9.10 34.34
CA ALA L 3 16.01 7.67 34.60
C ALA L 3 17.35 7.15 35.12
N GLY L 4 17.32 6.49 36.28
CA GLY L 4 18.52 5.97 36.88
C GLY L 4 18.89 4.59 36.37
N ILE L 5 17.91 3.88 35.80
CA ILE L 5 18.12 2.54 35.29
C ILE L 5 17.53 2.44 33.89
N GLY L 6 18.07 1.52 33.10
CA GLY L 6 17.58 1.25 31.77
C GLY L 6 18.36 1.91 30.65
N ILE L 7 19.32 2.77 30.97
CA ILE L 7 20.12 3.48 29.97
C ILE L 7 21.42 2.71 29.81
N LEU L 8 21.47 1.84 28.80
CA LEU L 8 22.61 0.97 28.55
C LEU L 8 23.27 1.34 27.22
N THR L 9 24.45 0.76 26.99
CA THR L 9 25.16 0.97 25.74
C THR L 9 24.50 0.19 24.61
N VAL L 10 24.69 0.68 23.39
CA VAL L 10 24.12 0.03 22.22
C VAL L 10 25.07 -1.05 21.69
N GLU M 1 -23.23 -14.19 17.12
CA GLU M 1 -23.63 -15.25 18.03
C GLU M 1 -23.91 -14.70 19.44
N LEU M 2 -24.96 -15.19 20.06
CA LEU M 2 -25.32 -14.76 21.41
C LEU M 2 -24.32 -15.29 22.43
N ALA M 3 -24.29 -14.61 23.57
CA ALA M 3 -23.45 -15.04 24.69
C ALA M 3 -24.10 -16.22 25.40
N GLY M 4 -23.35 -17.32 25.52
CA GLY M 4 -23.87 -18.51 26.17
C GLY M 4 -23.71 -18.52 27.67
N ILE M 5 -22.79 -17.71 28.19
CA ILE M 5 -22.52 -17.63 29.62
C ILE M 5 -22.47 -16.18 30.05
N GLY M 6 -22.78 -15.94 31.33
CA GLY M 6 -22.69 -14.63 31.92
C GLY M 6 -23.99 -13.86 32.01
N ILE M 7 -25.08 -14.38 31.46
CA ILE M 7 -26.37 -13.72 31.48
C ILE M 7 -27.17 -14.30 32.64
N LEU M 8 -27.12 -13.63 33.78
CA LEU M 8 -27.76 -14.11 35.00
C LEU M 8 -28.89 -13.16 35.41
N THR M 9 -29.68 -13.62 36.38
CA THR M 9 -30.75 -12.80 36.93
C THR M 9 -30.18 -11.71 37.82
N VAL M 10 -30.94 -10.63 37.95
CA VAL M 10 -30.54 -9.50 38.78
C VAL M 10 -30.97 -9.71 40.22
N GLU N 1 24.75 14.80 -16.62
CA GLU N 1 24.00 15.29 -17.76
C GLU N 1 24.70 14.95 -19.08
N LEU N 2 23.90 14.52 -20.07
CA LEU N 2 24.43 14.21 -21.39
C LEU N 2 24.83 15.48 -22.12
N ALA N 3 25.70 15.31 -23.12
CA ALA N 3 26.09 16.43 -23.96
C ALA N 3 24.97 16.77 -24.94
N GLY N 4 24.54 18.03 -24.93
CA GLY N 4 23.47 18.47 -25.80
C GLY N 4 23.95 18.87 -27.18
N ILE N 5 25.24 19.17 -27.30
CA ILE N 5 25.84 19.59 -28.55
C ILE N 5 27.13 18.81 -28.78
N GLY N 6 27.51 18.66 -30.04
CA GLY N 6 28.77 18.03 -30.41
C GLY N 6 28.66 16.57 -30.80
N ILE N 7 27.49 15.96 -30.68
CA ILE N 7 27.31 14.55 -31.00
C ILE N 7 26.73 14.48 -32.42
N LEU N 8 27.61 14.28 -33.40
CA LEU N 8 27.23 14.26 -34.80
C LEU N 8 27.44 12.87 -35.40
N THR N 9 26.93 12.69 -36.61
CA THR N 9 27.09 11.43 -37.31
C THR N 9 28.51 11.29 -37.85
N VAL N 10 28.93 10.03 -38.01
CA VAL N 10 30.26 9.71 -38.51
C VAL N 10 30.27 9.65 -40.03
N GLU O 1 25.37 46.51 -8.17
CA GLU O 1 26.44 45.79 -8.84
C GLU O 1 27.81 45.99 -8.19
N VAL O 2 28.36 44.89 -7.65
CA VAL O 2 29.67 44.88 -7.04
C VAL O 2 30.44 43.66 -7.54
N LYS O 3 31.65 43.89 -8.04
CA LYS O 3 32.55 42.84 -8.47
C LYS O 3 33.74 42.78 -7.53
N LEU O 4 34.14 41.56 -7.15
CA LEU O 4 35.27 41.34 -6.26
C LEU O 4 36.37 40.63 -7.02
N VAL O 5 37.56 41.25 -7.07
CA VAL O 5 38.70 40.73 -7.79
C VAL O 5 39.77 40.33 -6.78
N GLU O 6 40.12 39.06 -6.75
CA GLU O 6 41.09 38.52 -5.80
C GLU O 6 42.44 38.30 -6.47
N SER O 7 43.47 38.21 -5.64
CA SER O 7 44.82 37.97 -6.13
C SER O 7 45.69 37.50 -4.98
N GLY O 8 46.79 36.83 -5.32
CA GLY O 8 47.79 36.42 -4.37
C GLY O 8 47.82 34.94 -4.08
N GLY O 9 46.84 34.16 -4.55
CA GLY O 9 46.84 32.74 -4.30
C GLY O 9 47.97 32.03 -5.02
N GLY O 10 48.32 30.85 -4.51
CA GLY O 10 49.39 30.07 -5.12
C GLY O 10 49.93 29.05 -4.14
N LEU O 11 51.10 28.52 -4.49
CA LEU O 11 51.73 27.45 -3.73
C LEU O 11 52.73 28.03 -2.73
N VAL O 12 52.74 27.45 -1.53
CA VAL O 12 53.61 27.93 -0.45
C VAL O 12 54.07 26.74 0.38
N GLN O 13 55.25 26.87 0.99
CA GLN O 13 55.82 25.83 1.82
C GLN O 13 55.17 25.83 3.20
N PRO O 14 55.16 24.70 3.89
CA PRO O 14 54.71 24.68 5.29
C PRO O 14 55.59 25.57 6.15
N GLY O 15 54.94 26.40 6.98
CA GLY O 15 55.64 27.36 7.80
C GLY O 15 55.88 28.71 7.14
N GLY O 16 55.48 28.87 5.88
CA GLY O 16 55.67 30.12 5.17
C GLY O 16 54.49 31.05 5.30
N SER O 17 54.57 32.16 4.57
CA SER O 17 53.54 33.19 4.63
C SER O 17 53.08 33.54 3.22
N LEU O 18 51.88 34.11 3.15
CA LEU O 18 51.26 34.48 1.89
C LEU O 18 50.30 35.63 2.14
N ARG O 19 50.22 36.56 1.19
CA ARG O 19 49.41 37.76 1.35
C ARG O 19 48.40 37.84 0.21
N LEU O 20 47.12 37.73 0.53
CA LEU O 20 46.04 37.86 -0.44
C LEU O 20 45.51 39.29 -0.46
N SER O 21 44.93 39.67 -1.58
CA SER O 21 44.28 40.97 -1.72
C SER O 21 42.96 40.79 -2.45
N CYS O 22 42.07 41.76 -2.29
CA CYS O 22 40.76 41.71 -2.91
C CYS O 22 40.23 43.13 -3.06
N ALA O 23 39.90 43.53 -4.28
CA ALA O 23 39.39 44.86 -4.56
C ALA O 23 37.96 44.78 -5.07
N ALA O 24 37.14 45.76 -4.68
CA ALA O 24 35.76 45.85 -5.14
C ALA O 24 35.64 46.91 -6.22
N SER O 25 35.09 46.53 -7.36
CA SER O 25 34.78 47.44 -8.45
C SER O 25 33.28 47.71 -8.51
N GLY O 26 32.92 48.87 -9.05
CA GLY O 26 31.53 49.21 -9.30
C GLY O 26 31.08 50.38 -8.45
N SER O 27 29.78 50.42 -8.16
CA SER O 27 29.24 51.42 -7.26
C SER O 27 29.69 51.14 -5.83
N ILE O 28 30.99 51.21 -5.59
CA ILE O 28 31.59 51.01 -4.27
C ILE O 28 31.06 52.03 -3.29
N PHE O 29 31.58 52.00 -2.06
CA PHE O 29 31.13 52.79 -0.93
C PHE O 29 29.75 52.34 -0.48
N SER O 30 29.16 51.35 -1.15
CA SER O 30 27.95 50.68 -0.74
C SER O 30 28.26 49.34 -0.08
N ILE O 31 29.52 49.08 0.22
CA ILE O 31 29.96 47.82 0.81
C ILE O 31 30.43 48.10 2.23
N ASN O 32 29.84 47.40 3.19
CA ASN O 32 30.28 47.48 4.58
C ASN O 32 31.33 46.41 4.84
N THR O 33 30.91 45.22 5.28
CA THR O 33 31.86 44.17 5.64
C THR O 33 32.49 43.54 4.40
N MET O 34 33.82 43.34 4.45
CA MET O 34 34.53 42.55 3.48
C MET O 34 35.38 41.52 4.22
N GLY O 35 35.66 40.40 3.57
CA GLY O 35 36.44 39.37 4.22
C GLY O 35 36.65 38.16 3.34
N TRP O 36 37.07 37.07 3.98
CA TRP O 36 37.45 35.84 3.29
C TRP O 36 36.81 34.65 3.97
N TYR O 37 36.30 33.73 3.15
CA TYR O 37 35.93 32.39 3.54
C TYR O 37 36.84 31.41 2.79
N ARG O 38 37.02 30.21 3.34
CA ARG O 38 37.82 29.20 2.68
C ARG O 38 37.03 27.89 2.64
N GLN O 39 37.31 27.09 1.61
CA GLN O 39 36.49 25.90 1.37
C GLN O 39 37.31 24.83 0.68
N THR O 40 37.23 23.61 1.19
CA THR O 40 37.73 22.42 0.54
C THR O 40 36.58 21.70 -0.16
N PRO O 41 36.87 20.88 -1.17
CA PRO O 41 35.79 20.24 -1.93
C PRO O 41 34.91 19.37 -1.06
N GLY O 42 33.60 19.48 -1.28
CA GLY O 42 32.62 18.67 -0.59
C GLY O 42 32.09 19.24 0.70
N LYS O 43 32.81 20.17 1.31
CA LYS O 43 32.44 20.75 2.60
C LYS O 43 31.98 22.19 2.41
N GLN O 44 31.50 22.79 3.50
CA GLN O 44 31.06 24.17 3.43
C GLN O 44 32.26 25.10 3.48
N ARG O 45 32.01 26.39 3.25
CA ARG O 45 33.05 27.40 3.35
C ARG O 45 33.02 28.00 4.75
N ASP O 46 34.18 28.04 5.39
CA ASP O 46 34.32 28.54 6.75
C ASP O 46 34.90 29.95 6.75
N LEU O 47 34.47 30.75 7.72
CA LEU O 47 34.97 32.10 7.84
C LEU O 47 36.44 32.09 8.21
N VAL O 48 37.23 32.90 7.50
CA VAL O 48 38.65 33.06 7.79
C VAL O 48 38.82 34.36 8.58
N ALA O 49 38.43 35.47 7.97
CA ALA O 49 38.54 36.77 8.59
C ALA O 49 37.69 37.75 7.81
N ASP O 50 37.08 38.71 8.50
CA ASP O 50 36.37 39.79 7.84
C ASP O 50 36.52 41.06 8.67
N ILE O 51 36.18 42.18 8.05
CA ILE O 51 36.35 43.50 8.66
C ILE O 51 35.28 44.42 8.08
N SER O 52 34.67 45.21 8.94
CA SER O 52 33.66 46.17 8.52
C SER O 52 34.32 47.47 8.08
N SER O 53 33.52 48.35 7.49
CA SER O 53 34.02 49.67 7.13
C SER O 53 34.47 50.47 8.36
N GLY O 54 33.97 50.13 9.54
CA GLY O 54 34.43 50.72 10.78
C GLY O 54 35.65 50.08 11.39
N GLY O 55 36.10 48.94 10.85
CA GLY O 55 37.29 48.27 11.34
C GLY O 55 37.06 47.12 12.28
N SER O 56 35.80 46.75 12.55
CA SER O 56 35.51 45.64 13.42
C SER O 56 35.82 44.33 12.70
N THR O 57 36.71 43.53 13.29
CA THR O 57 37.20 42.31 12.64
C THR O 57 36.80 41.07 13.42
N LYS O 58 36.71 39.95 12.71
CA LYS O 58 36.43 38.65 13.29
C LYS O 58 37.30 37.62 12.59
N TYR O 59 37.89 36.71 13.37
CA TYR O 59 38.76 35.67 12.85
C TYR O 59 38.19 34.30 13.17
N GLY O 60 38.33 33.38 12.23
CA GLY O 60 38.02 31.99 12.52
C GLY O 60 38.95 31.42 13.57
N ASP O 61 38.42 30.47 14.34
CA ASP O 61 39.18 29.94 15.48
C ASP O 61 40.47 29.27 15.03
N SER O 62 40.45 28.58 13.90
CA SER O 62 41.62 27.82 13.46
C SER O 62 42.73 28.71 12.92
N VAL O 63 42.43 29.97 12.60
CA VAL O 63 43.44 30.88 12.05
C VAL O 63 43.72 32.07 12.96
N LYS O 64 42.99 32.23 14.06
CA LYS O 64 43.21 33.37 14.94
C LYS O 64 44.60 33.30 15.55
N GLY O 65 45.35 34.39 15.45
CA GLY O 65 46.71 34.45 15.92
C GLY O 65 47.76 34.22 14.85
N ARG O 66 47.36 33.72 13.68
CA ARG O 66 48.27 33.51 12.56
C ARG O 66 47.94 34.36 11.36
N PHE O 67 46.66 34.64 11.11
CA PHE O 67 46.23 35.49 10.00
C PHE O 67 45.87 36.88 10.51
N THR O 68 45.97 37.86 9.62
CA THR O 68 45.63 39.24 9.96
C THR O 68 45.01 39.90 8.74
N ILE O 69 43.86 40.53 8.95
CA ILE O 69 43.15 41.23 7.88
C ILE O 69 43.32 42.73 8.10
N SER O 70 43.50 43.47 6.99
CA SER O 70 43.59 44.92 7.02
C SER O 70 42.77 45.46 5.87
N ARG O 71 42.60 46.78 5.83
CA ARG O 71 41.65 47.34 4.89
C ARG O 71 41.99 48.79 4.57
N ASP O 72 41.72 49.16 3.32
CA ASP O 72 41.85 50.53 2.83
C ASP O 72 40.50 50.92 2.21
N ASN O 73 39.69 51.67 2.96
CA ASN O 73 38.37 52.06 2.48
C ASN O 73 38.43 52.99 1.27
N THR O 74 39.54 53.73 1.10
CA THR O 74 39.60 54.69 -0.01
C THR O 74 39.55 54.00 -1.36
N LYS O 75 40.02 52.74 -1.43
CA LYS O 75 39.93 51.94 -2.65
C LYS O 75 39.16 50.66 -2.45
N ASN O 76 38.54 50.46 -1.28
CA ASN O 76 37.70 49.30 -0.99
C ASN O 76 38.47 47.99 -1.23
N THR O 77 39.63 47.89 -0.59
CA THR O 77 40.50 46.74 -0.73
C THR O 77 40.81 46.17 0.65
N VAL O 78 40.75 44.84 0.76
CA VAL O 78 41.11 44.13 1.97
C VAL O 78 42.32 43.25 1.68
N TYR O 79 43.15 43.06 2.70
CA TYR O 79 44.36 42.27 2.58
C TYR O 79 44.37 41.21 3.68
N LEU O 80 44.79 40.00 3.32
CA LEU O 80 44.86 38.89 4.27
C LEU O 80 46.31 38.44 4.36
N GLN O 81 46.96 38.76 5.48
CA GLN O 81 48.34 38.32 5.74
C GLN O 81 48.27 36.98 6.47
N MET O 82 48.66 35.91 5.78
CA MET O 82 48.60 34.56 6.32
C MET O 82 50.01 34.16 6.73
N ASN O 83 50.21 33.95 8.03
CA ASN O 83 51.51 33.55 8.56
C ASN O 83 51.44 32.14 9.14
N SER O 84 52.61 31.53 9.27
CA SER O 84 52.77 30.21 9.90
C SER O 84 51.80 29.20 9.29
N LEU O 85 51.77 29.16 7.96
CA LEU O 85 50.82 28.32 7.24
C LEU O 85 51.09 26.84 7.50
N LYS O 86 50.01 26.08 7.52
CA LYS O 86 50.02 24.64 7.73
C LYS O 86 49.34 23.95 6.55
N PRO O 87 49.62 22.66 6.32
CA PRO O 87 48.94 21.95 5.23
C PRO O 87 47.42 21.98 5.35
N GLU O 88 46.89 22.14 6.56
CA GLU O 88 45.44 22.22 6.76
C GLU O 88 44.85 23.53 6.25
N ASP O 89 45.67 24.53 5.97
CA ASP O 89 45.19 25.79 5.40
C ASP O 89 44.95 25.70 3.90
N THR O 90 45.24 24.56 3.28
CA THR O 90 45.00 24.39 1.85
C THR O 90 43.51 24.39 1.56
N ALA O 91 43.07 25.34 0.74
CA ALA O 91 41.66 25.48 0.38
C ALA O 91 41.56 26.55 -0.70
N VAL O 92 40.34 26.79 -1.17
CA VAL O 92 40.04 27.92 -2.04
C VAL O 92 39.52 29.06 -1.18
N TYR O 93 40.20 30.20 -1.25
CA TYR O 93 39.87 31.37 -0.43
C TYR O 93 39.00 32.30 -1.26
N TYR O 94 37.74 32.46 -0.83
CA TYR O 94 36.77 33.32 -1.51
C TYR O 94 36.67 34.64 -0.78
N CYS O 95 36.80 35.73 -1.53
CA CYS O 95 36.53 37.06 -1.00
C CYS O 95 35.03 37.34 -1.04
N TYR O 96 34.54 38.07 -0.05
CA TYR O 96 33.11 38.37 0.00
C TYR O 96 32.89 39.76 0.56
N GLY O 97 31.69 40.27 0.35
CA GLY O 97 31.32 41.58 0.84
C GLY O 97 29.84 41.66 1.10
N LEU O 98 29.46 42.53 2.04
CA LEU O 98 28.07 42.78 2.38
C LEU O 98 27.76 44.25 2.19
N SER O 99 26.69 44.54 1.45
CA SER O 99 26.24 45.92 1.34
C SER O 99 25.62 46.37 2.66
N TYR O 100 25.36 47.68 2.74
CA TYR O 100 24.67 48.20 3.93
C TYR O 100 23.22 47.77 4.00
N SER O 101 22.72 47.08 2.97
CA SER O 101 21.40 46.47 2.97
C SER O 101 21.48 44.95 3.11
N ASN O 102 22.63 44.44 3.55
CA ASN O 102 22.84 43.01 3.79
C ASN O 102 22.76 42.19 2.50
N ASP O 103 23.14 42.78 1.37
CA ASP O 103 23.31 42.03 0.13
C ASP O 103 24.74 41.50 0.05
N ASP O 104 24.88 40.21 -0.23
CA ASP O 104 26.20 39.59 -0.24
C ASP O 104 26.71 39.39 -1.67
N TYR O 105 28.02 39.54 -1.82
CA TYR O 105 28.71 39.34 -3.08
C TYR O 105 29.94 38.47 -2.84
N TRP O 106 30.33 37.70 -3.87
CA TRP O 106 31.43 36.76 -3.74
C TRP O 106 32.34 36.87 -4.97
N GLY O 107 33.63 36.62 -4.74
CA GLY O 107 34.59 36.50 -5.83
C GLY O 107 34.69 35.08 -6.34
N GLN O 108 35.51 34.92 -7.39
CA GLN O 108 35.67 33.61 -8.01
C GLN O 108 36.54 32.67 -7.18
N GLY O 109 37.32 33.19 -6.26
CA GLY O 109 38.17 32.38 -5.41
C GLY O 109 39.59 32.28 -5.95
N THR O 110 40.53 32.05 -5.03
CA THR O 110 41.92 31.79 -5.38
C THR O 110 42.41 30.59 -4.57
N GLN O 111 43.08 29.67 -5.25
CA GLN O 111 43.60 28.47 -4.60
C GLN O 111 44.82 28.81 -3.77
N VAL O 112 44.91 28.21 -2.59
CA VAL O 112 46.08 28.30 -1.73
C VAL O 112 46.46 26.89 -1.33
N THR O 113 47.68 26.48 -1.68
CA THR O 113 48.15 25.13 -1.44
C THR O 113 49.41 25.20 -0.58
N VAL O 114 49.37 24.53 0.58
CA VAL O 114 50.50 24.47 1.48
C VAL O 114 51.00 23.04 1.47
N SER O 115 52.11 22.81 0.76
CA SER O 115 52.63 21.46 0.59
C SER O 115 54.13 21.54 0.37
N SER O 116 54.83 20.49 0.80
CA SER O 116 56.27 20.43 0.56
C SER O 116 56.58 19.94 -0.85
N GLY O 117 55.79 19.00 -1.36
CA GLY O 117 55.99 18.47 -2.69
C GLY O 117 55.22 19.23 -3.76
N GLU P 1 -63.66 26.07 14.38
CA GLU P 1 -64.21 25.86 13.04
C GLU P 1 -65.28 24.79 13.08
N VAL P 2 -64.85 23.54 13.25
CA VAL P 2 -65.77 22.41 13.41
C VAL P 2 -65.97 22.17 14.89
N LYS P 3 -67.24 22.12 15.30
CA LYS P 3 -67.60 21.81 16.68
C LYS P 3 -68.28 20.45 16.73
N LEU P 4 -67.92 19.65 17.74
CA LEU P 4 -68.48 18.32 17.91
C LEU P 4 -69.33 18.29 19.18
N VAL P 5 -70.60 17.95 19.03
CA VAL P 5 -71.55 17.94 20.13
C VAL P 5 -71.93 16.50 20.42
N GLU P 6 -71.60 16.03 21.63
CA GLU P 6 -71.85 14.66 22.05
C GLU P 6 -73.05 14.60 22.99
N SER P 7 -73.60 13.39 23.12
CA SER P 7 -74.72 13.15 24.02
C SER P 7 -74.85 11.66 24.25
N GLY P 8 -75.54 11.31 25.33
CA GLY P 8 -75.87 9.93 25.64
C GLY P 8 -75.10 9.31 26.78
N GLY P 9 -74.06 9.97 27.27
CA GLY P 9 -73.30 9.42 28.38
C GLY P 9 -74.10 9.37 29.67
N GLY P 10 -73.67 8.50 30.57
CA GLY P 10 -74.33 8.36 31.86
C GLY P 10 -74.00 7.02 32.50
N LEU P 11 -74.80 6.69 33.51
CA LEU P 11 -74.58 5.49 34.31
C LEU P 11 -75.41 4.33 33.76
N VAL P 12 -74.82 3.14 33.75
CA VAL P 12 -75.47 1.93 33.25
C VAL P 12 -74.97 0.75 34.07
N GLN P 13 -75.82 -0.28 34.18
CA GLN P 13 -75.48 -1.47 34.93
C GLN P 13 -74.53 -2.36 34.14
N PRO P 14 -73.73 -3.18 34.83
CA PRO P 14 -72.92 -4.18 34.12
C PRO P 14 -73.79 -5.14 33.31
N GLY P 15 -73.39 -5.36 32.07
CA GLY P 15 -74.16 -6.17 31.15
C GLY P 15 -75.22 -5.43 30.36
N GLY P 16 -75.37 -4.12 30.59
CA GLY P 16 -76.35 -3.34 29.89
C GLY P 16 -75.78 -2.69 28.64
N SER P 17 -76.61 -1.85 28.01
CA SER P 17 -76.24 -1.21 26.76
C SER P 17 -76.50 0.29 26.86
N LEU P 18 -75.81 1.03 25.98
CA LEU P 18 -75.89 2.49 25.96
C LEU P 18 -75.57 2.96 24.55
N ARG P 19 -76.24 4.03 24.12
CA ARG P 19 -76.10 4.54 22.76
C ARG P 19 -75.63 5.99 22.81
N LEU P 20 -74.41 6.24 22.33
CA LEU P 20 -73.86 7.58 22.22
C LEU P 20 -74.08 8.13 20.82
N SER P 21 -74.12 9.46 20.72
CA SER P 21 -74.23 10.14 19.44
C SER P 21 -73.28 11.33 19.42
N CYS P 22 -72.97 11.81 18.22
CA CYS P 22 -72.07 12.94 18.06
C CYS P 22 -72.36 13.62 16.73
N ALA P 23 -72.66 14.91 16.77
CA ALA P 23 -72.96 15.69 15.58
C ALA P 23 -71.90 16.76 15.38
N ALA P 24 -71.57 17.01 14.12
CA ALA P 24 -70.60 18.03 13.75
C ALA P 24 -71.31 19.27 13.22
N SER P 25 -70.96 20.42 13.78
CA SER P 25 -71.40 21.71 13.29
C SER P 25 -70.24 22.40 12.58
N GLY P 26 -70.53 23.56 12.01
CA GLY P 26 -69.48 24.42 11.48
C GLY P 26 -69.16 24.08 10.04
N SER P 27 -67.86 23.93 9.74
CA SER P 27 -67.37 23.55 8.42
C SER P 27 -67.65 22.09 8.08
N ILE P 28 -68.89 21.65 8.28
CA ILE P 28 -69.33 20.30 7.96
C ILE P 28 -69.14 20.03 6.46
N PHE P 29 -69.28 18.76 6.05
CA PHE P 29 -69.03 18.32 4.68
C PHE P 29 -67.54 18.26 4.38
N SER P 30 -66.71 19.01 5.11
CA SER P 30 -65.26 18.87 5.02
C SER P 30 -64.71 18.04 6.18
N ILE P 31 -65.48 17.07 6.66
CA ILE P 31 -65.04 16.15 7.72
C ILE P 31 -65.02 14.76 7.12
N ASN P 32 -63.87 14.10 7.20
CA ASN P 32 -63.79 12.71 6.76
C ASN P 32 -64.10 11.76 7.91
N THR P 33 -63.06 11.30 8.61
CA THR P 33 -63.25 10.32 9.66
C THR P 33 -63.86 10.95 10.91
N MET P 34 -64.85 10.25 11.49
CA MET P 34 -65.39 10.58 12.80
C MET P 34 -65.37 9.33 13.66
N GLY P 35 -65.27 9.52 14.97
CA GLY P 35 -65.22 8.36 15.85
C GLY P 35 -65.09 8.76 17.30
N TRP P 36 -64.70 7.79 18.12
CA TRP P 36 -64.65 7.92 19.57
C TRP P 36 -63.33 7.38 20.11
N TYR P 37 -62.75 8.13 21.04
CA TYR P 37 -61.68 7.66 21.90
C TYR P 37 -62.19 7.68 23.34
N ARG P 38 -61.58 6.87 24.20
CA ARG P 38 -61.94 6.86 25.60
C ARG P 38 -60.67 6.95 26.45
N GLN P 39 -60.82 7.53 27.64
CA GLN P 39 -59.66 7.84 28.47
C GLN P 39 -60.04 7.79 29.93
N THR P 40 -59.23 7.10 30.72
CA THR P 40 -59.30 7.16 32.17
C THR P 40 -58.26 8.15 32.68
N PRO P 41 -58.46 8.70 33.89
CA PRO P 41 -57.52 9.71 34.39
C PRO P 41 -56.10 9.17 34.51
N GLY P 42 -55.14 9.99 34.09
CA GLY P 42 -53.74 9.65 34.19
C GLY P 42 -53.18 8.91 33.00
N LYS P 43 -54.03 8.30 32.19
CA LYS P 43 -53.60 7.49 31.05
C LYS P 43 -53.94 8.21 29.75
N GLN P 44 -53.50 7.61 28.65
CA GLN P 44 -53.74 8.12 27.30
C GLN P 44 -55.16 7.78 26.83
N ARG P 45 -55.51 8.31 25.67
CA ARG P 45 -56.78 8.01 25.03
C ARG P 45 -56.63 6.83 24.08
N ASP P 46 -57.50 5.84 24.23
CA ASP P 46 -57.49 4.66 23.37
C ASP P 46 -58.64 4.73 22.38
N LEU P 47 -58.39 4.21 21.18
CA LEU P 47 -59.40 4.19 20.14
C LEU P 47 -60.54 3.26 20.52
N VAL P 48 -61.78 3.73 20.35
CA VAL P 48 -62.95 2.91 20.57
C VAL P 48 -63.46 2.43 19.22
N ALA P 49 -63.83 3.37 18.36
CA ALA P 49 -64.32 3.07 17.02
C ALA P 49 -64.32 4.35 16.21
N ASP P 50 -64.03 4.23 14.92
CA ASP P 50 -64.16 5.36 14.02
C ASP P 50 -64.61 4.86 12.65
N ILE P 51 -65.05 5.80 11.82
CA ILE P 51 -65.60 5.49 10.51
C ILE P 51 -65.34 6.67 9.59
N SER P 52 -64.94 6.37 8.36
CA SER P 52 -64.69 7.41 7.38
C SER P 52 -65.98 7.80 6.66
N SER P 53 -65.90 8.88 5.88
CA SER P 53 -67.04 9.26 5.05
C SER P 53 -67.36 8.19 4.01
N GLY P 54 -66.39 7.34 3.67
CA GLY P 54 -66.63 6.21 2.79
C GLY P 54 -67.14 4.98 3.47
N GLY P 55 -67.18 4.97 4.81
CA GLY P 55 -67.72 3.86 5.57
C GLY P 55 -66.70 2.89 6.13
N SER P 56 -65.41 3.15 5.96
CA SER P 56 -64.38 2.27 6.49
C SER P 56 -64.30 2.44 8.01
N THR P 57 -64.48 1.34 8.74
CA THR P 57 -64.56 1.38 10.19
C THR P 57 -63.38 0.63 10.81
N LYS P 58 -63.01 1.06 12.02
CA LYS P 58 -61.98 0.41 12.81
C LYS P 58 -62.43 0.42 14.27
N TYR P 59 -62.23 -0.72 14.94
CA TYR P 59 -62.63 -0.89 16.33
C TYR P 59 -61.42 -1.19 17.19
N GLY P 60 -61.42 -0.65 18.42
CA GLY P 60 -60.43 -1.07 19.39
C GLY P 60 -60.61 -2.54 19.75
N ASP P 61 -59.49 -3.18 20.08
CA ASP P 61 -59.51 -4.63 20.30
C ASP P 61 -60.41 -5.01 21.46
N SER P 62 -60.44 -4.19 22.52
CA SER P 62 -61.20 -4.53 23.72
C SER P 62 -62.70 -4.39 23.53
N VAL P 63 -63.15 -3.68 22.49
CA VAL P 63 -64.57 -3.44 22.26
C VAL P 63 -65.07 -4.10 20.98
N LYS P 64 -64.19 -4.71 20.19
CA LYS P 64 -64.62 -5.34 18.95
C LYS P 64 -65.55 -6.51 19.24
N GLY P 65 -66.71 -6.51 18.60
CA GLY P 65 -67.73 -7.51 18.82
C GLY P 65 -68.82 -7.10 19.79
N ARG P 66 -68.61 -6.03 20.55
CA ARG P 66 -69.62 -5.51 21.47
C ARG P 66 -70.10 -4.12 21.11
N PHE P 67 -69.24 -3.28 20.53
CA PHE P 67 -69.63 -1.94 20.11
C PHE P 67 -69.83 -1.92 18.60
N THR P 68 -70.65 -0.99 18.13
CA THR P 68 -70.93 -0.83 16.71
C THR P 68 -71.10 0.64 16.41
N ILE P 69 -70.38 1.13 15.40
CA ILE P 69 -70.46 2.52 14.98
C ILE P 69 -71.23 2.59 13.67
N SER P 70 -72.06 3.61 13.53
CA SER P 70 -72.82 3.86 12.32
C SER P 70 -72.77 5.35 12.02
N ARG P 71 -73.25 5.73 10.85
CA ARG P 71 -73.03 7.11 10.43
C ARG P 71 -74.08 7.54 9.42
N ASP P 72 -74.45 8.81 9.50
CA ASP P 72 -75.34 9.47 8.54
C ASP P 72 -74.60 10.71 8.04
N ASN P 73 -74.02 10.62 6.84
CA ASN P 73 -73.26 11.72 6.27
C ASN P 73 -74.14 12.94 5.97
N THR P 74 -75.43 12.74 5.76
CA THR P 74 -76.30 13.85 5.39
C THR P 74 -76.40 14.88 6.52
N LYS P 75 -76.23 14.44 7.77
CA LYS P 75 -76.23 15.36 8.91
C LYS P 75 -74.93 15.29 9.71
N ASN P 76 -73.92 14.58 9.20
CA ASN P 76 -72.60 14.52 9.83
C ASN P 76 -72.69 14.05 11.28
N THR P 77 -73.37 12.93 11.48
CA THR P 77 -73.60 12.38 12.81
C THR P 77 -73.14 10.93 12.84
N VAL P 78 -72.43 10.57 13.91
CA VAL P 78 -72.01 9.19 14.16
C VAL P 78 -72.70 8.69 15.42
N TYR P 79 -72.97 7.39 15.45
CA TYR P 79 -73.63 6.75 16.57
C TYR P 79 -72.80 5.57 17.04
N LEU P 80 -72.69 5.40 18.35
CA LEU P 80 -71.93 4.31 18.95
C LEU P 80 -72.87 3.47 19.81
N GLN P 81 -73.20 2.27 19.34
CA GLN P 81 -74.03 1.34 20.09
C GLN P 81 -73.11 0.46 20.93
N MET P 82 -73.14 0.66 22.25
CA MET P 82 -72.28 -0.06 23.18
C MET P 82 -73.12 -1.14 23.86
N ASN P 83 -72.81 -2.40 23.59
CA ASN P 83 -73.51 -3.53 24.18
C ASN P 83 -72.60 -4.31 25.11
N SER P 84 -73.22 -5.08 26.00
CA SER P 84 -72.52 -5.96 26.94
C SER P 84 -71.45 -5.20 27.71
N LEU P 85 -71.83 -4.04 28.24
CA LEU P 85 -70.87 -3.17 28.90
C LEU P 85 -70.29 -3.84 30.14
N LYS P 86 -69.03 -3.53 30.40
CA LYS P 86 -68.26 -4.06 31.51
C LYS P 86 -67.74 -2.91 32.36
N PRO P 87 -67.42 -3.17 33.63
CA PRO P 87 -66.86 -2.09 34.47
C PRO P 87 -65.58 -1.48 33.91
N GLU P 88 -64.83 -2.23 33.09
CA GLU P 88 -63.62 -1.69 32.49
C GLU P 88 -63.90 -0.66 31.40
N ASP P 89 -65.15 -0.60 30.91
CA ASP P 89 -65.53 0.39 29.90
C ASP P 89 -65.77 1.77 30.49
N THR P 90 -65.68 1.91 31.81
CA THR P 90 -65.87 3.22 32.44
C THR P 90 -64.73 4.15 32.05
N ALA P 91 -65.07 5.28 31.42
CA ALA P 91 -64.09 6.26 30.98
C ALA P 91 -64.85 7.48 30.47
N VAL P 92 -64.09 8.49 30.04
CA VAL P 92 -64.65 9.64 29.34
C VAL P 92 -64.51 9.37 27.85
N TYR P 93 -65.63 9.38 27.13
CA TYR P 93 -65.66 9.08 25.70
C TYR P 93 -65.65 10.39 24.92
N TYR P 94 -64.56 10.62 24.20
CA TYR P 94 -64.38 11.82 23.39
C TYR P 94 -64.71 11.53 21.94
N CYS P 95 -65.58 12.33 21.36
CA CYS P 95 -65.81 12.28 19.92
C CYS P 95 -64.74 13.08 19.20
N TYR P 96 -64.34 12.61 18.02
CA TYR P 96 -63.31 13.30 17.26
C TYR P 96 -63.61 13.22 15.77
N GLY P 97 -62.94 14.06 15.01
CA GLY P 97 -63.10 14.10 13.57
C GLY P 97 -61.82 14.56 12.91
N LEU P 98 -61.62 14.13 11.66
CA LEU P 98 -60.48 14.51 10.85
C LEU P 98 -60.99 15.17 9.58
N SER P 99 -60.48 16.36 9.28
CA SER P 99 -60.80 16.98 8.00
C SER P 99 -60.07 16.24 6.87
N TYR P 100 -60.44 16.59 5.64
CA TYR P 100 -59.75 16.01 4.49
C TYR P 100 -58.32 16.52 4.34
N SER P 101 -57.90 17.48 5.17
CA SER P 101 -56.51 17.93 5.23
C SER P 101 -55.80 17.42 6.47
N ASN P 102 -56.37 16.40 7.14
CA ASN P 102 -55.80 15.77 8.32
C ASN P 102 -55.72 16.71 9.52
N ASP P 103 -56.65 17.65 9.61
CA ASP P 103 -56.82 18.46 10.82
C ASP P 103 -57.81 17.76 11.75
N ASP P 104 -57.43 17.62 13.01
CA ASP P 104 -58.26 16.90 13.97
C ASP P 104 -59.03 17.86 14.87
N TYR P 105 -60.24 17.45 15.24
CA TYR P 105 -61.10 18.20 16.13
C TYR P 105 -61.65 17.26 17.18
N TRP P 106 -61.92 17.79 18.38
CA TRP P 106 -62.38 16.97 19.49
C TRP P 106 -63.55 17.64 20.19
N GLY P 107 -64.44 16.81 20.74
CA GLY P 107 -65.51 17.28 21.60
C GLY P 107 -65.07 17.31 23.05
N GLN P 108 -65.98 17.79 23.90
CA GLN P 108 -65.67 17.92 25.32
C GLN P 108 -65.70 16.58 26.05
N GLY P 109 -66.36 15.58 25.49
CA GLY P 109 -66.42 14.26 26.11
C GLY P 109 -67.69 14.08 26.93
N THR P 110 -68.10 12.82 27.08
CA THR P 110 -69.21 12.45 27.94
C THR P 110 -68.79 11.25 28.77
N GLN P 111 -69.08 11.31 30.07
CA GLN P 111 -68.71 10.24 30.98
C GLN P 111 -69.64 9.04 30.81
N VAL P 112 -69.06 7.85 30.89
CA VAL P 112 -69.80 6.59 30.86
C VAL P 112 -69.32 5.76 32.04
N THR P 113 -70.24 5.41 32.94
CA THR P 113 -69.93 4.69 34.16
C THR P 113 -70.68 3.38 34.17
N VAL P 114 -69.96 2.28 34.33
CA VAL P 114 -70.54 0.94 34.42
C VAL P 114 -70.30 0.46 35.84
N SER P 115 -71.36 0.45 36.66
CA SER P 115 -71.23 0.11 38.07
C SER P 115 -72.53 -0.49 38.56
N SER P 116 -72.41 -1.37 39.56
CA SER P 116 -73.59 -2.01 40.13
C SER P 116 -74.30 -1.09 41.13
N GLY P 117 -73.56 -0.30 41.88
CA GLY P 117 -74.15 0.61 42.85
C GLY P 117 -74.45 1.98 42.28
N GLU Q 1 34.10 -41.08 -19.84
CA GLU Q 1 33.81 -41.98 -20.94
C GLU Q 1 32.35 -41.90 -21.37
N VAL Q 2 31.57 -41.03 -20.73
CA VAL Q 2 30.18 -40.80 -21.13
C VAL Q 2 30.19 -40.55 -22.63
N LYS Q 3 29.46 -41.37 -23.38
CA LYS Q 3 29.31 -41.18 -24.81
C LYS Q 3 27.85 -40.85 -25.12
N LEU Q 4 27.64 -39.92 -26.03
CA LEU Q 4 26.32 -39.52 -26.46
C LEU Q 4 26.14 -39.99 -27.89
N VAL Q 5 25.13 -40.83 -28.12
CA VAL Q 5 24.88 -41.45 -29.41
C VAL Q 5 23.61 -40.84 -29.98
N GLU Q 6 23.76 -40.12 -31.09
CA GLU Q 6 22.66 -39.42 -31.73
C GLU Q 6 22.18 -40.17 -32.96
N SER Q 7 20.95 -39.87 -33.38
CA SER Q 7 20.38 -40.46 -34.57
C SER Q 7 19.18 -39.62 -34.98
N GLY Q 8 18.80 -39.75 -36.26
CA GLY Q 8 17.62 -39.11 -36.77
C GLY Q 8 17.87 -37.93 -37.69
N GLY Q 9 19.10 -37.44 -37.79
CA GLY Q 9 19.37 -36.34 -38.68
C GLY Q 9 19.23 -36.73 -40.13
N GLY Q 10 19.01 -35.73 -40.98
CA GLY Q 10 18.87 -35.99 -42.40
C GLY Q 10 18.17 -34.84 -43.10
N LEU Q 11 17.72 -35.12 -44.32
CA LEU Q 11 17.10 -34.11 -45.17
C LEU Q 11 15.59 -34.15 -45.02
N VAL Q 12 14.98 -32.96 -44.98
CA VAL Q 12 13.54 -32.84 -44.81
C VAL Q 12 13.06 -31.63 -45.60
N GLN Q 13 11.79 -31.67 -46.03
CA GLN Q 13 11.20 -30.59 -46.79
C GLN Q 13 10.79 -29.44 -45.86
N PRO Q 14 10.74 -28.22 -46.39
CA PRO Q 14 10.19 -27.11 -45.59
C PRO Q 14 8.75 -27.38 -45.20
N GLY Q 15 8.43 -27.15 -43.93
CA GLY Q 15 7.12 -27.44 -43.39
C GLY Q 15 6.96 -28.85 -42.86
N GLY Q 16 8.00 -29.68 -42.97
CA GLY Q 16 7.94 -31.05 -42.50
C GLY Q 16 8.43 -31.18 -41.07
N SER Q 17 8.52 -32.42 -40.62
CA SER Q 17 8.90 -32.72 -39.24
C SER Q 17 10.03 -33.75 -39.23
N LEU Q 18 10.74 -33.77 -38.11
CA LEU Q 18 11.88 -34.66 -37.92
C LEU Q 18 12.03 -34.93 -36.43
N ARG Q 19 12.39 -36.16 -36.06
CA ARG Q 19 12.51 -36.55 -34.66
C ARG Q 19 13.92 -37.06 -34.41
N LEU Q 20 14.68 -36.31 -33.60
CA LEU Q 20 16.01 -36.73 -33.21
C LEU Q 20 15.96 -37.46 -31.87
N SER Q 21 16.97 -38.31 -31.66
CA SER Q 21 17.11 -39.01 -30.39
C SER Q 21 18.57 -38.97 -29.98
N CYS Q 22 18.80 -39.18 -28.69
CA CYS Q 22 20.16 -39.17 -28.16
C CYS Q 22 20.19 -40.00 -26.90
N ALA Q 23 21.02 -41.02 -26.88
CA ALA Q 23 21.15 -41.93 -25.75
C ALA Q 23 22.55 -41.82 -25.17
N ALA Q 24 22.64 -41.99 -23.86
CA ALA Q 24 23.90 -42.00 -23.15
C ALA Q 24 24.31 -43.44 -22.96
N SER Q 25 25.55 -43.76 -23.35
CA SER Q 25 26.05 -45.12 -23.20
C SER Q 25 26.78 -45.29 -21.88
N GLY Q 26 27.03 -44.19 -21.17
CA GLY Q 26 27.44 -44.27 -19.78
C GLY Q 26 26.15 -44.28 -18.98
N SER Q 27 25.39 -45.37 -19.12
CA SER Q 27 24.13 -45.47 -18.39
C SER Q 27 24.38 -45.58 -16.89
N ILE Q 28 25.42 -46.32 -16.49
CA ILE Q 28 25.78 -46.40 -15.08
C ILE Q 28 26.11 -45.01 -14.55
N PHE Q 29 26.56 -44.11 -15.43
CA PHE Q 29 26.92 -42.77 -15.01
C PHE Q 29 25.66 -41.93 -14.83
N SER Q 30 25.77 -40.93 -13.96
CA SER Q 30 24.67 -40.02 -13.67
C SER Q 30 24.79 -38.74 -14.48
N ILE Q 31 23.81 -38.52 -15.35
CA ILE Q 31 23.72 -37.31 -16.18
C ILE Q 31 22.48 -36.56 -15.74
N ASN Q 32 22.63 -35.27 -15.45
CA ASN Q 32 21.46 -34.46 -15.14
C ASN Q 32 20.86 -33.90 -16.42
N THR Q 33 21.25 -32.70 -16.84
CA THR Q 33 20.64 -32.08 -18.00
C THR Q 33 21.13 -32.74 -19.29
N MET Q 34 20.20 -33.00 -20.21
CA MET Q 34 20.52 -33.40 -21.57
C MET Q 34 19.76 -32.50 -22.53
N GLY Q 35 20.32 -32.31 -23.72
CA GLY Q 35 19.67 -31.44 -24.67
C GLY Q 35 20.44 -31.34 -25.97
N TRP Q 36 20.10 -30.30 -26.74
CA TRP Q 36 20.63 -30.10 -28.08
C TRP Q 36 21.07 -28.67 -28.28
N TYR Q 37 22.23 -28.51 -28.92
CA TYR Q 37 22.68 -27.26 -29.51
C TYR Q 37 22.76 -27.45 -31.01
N ARG Q 38 22.68 -26.35 -31.76
CA ARG Q 38 22.82 -26.41 -33.20
C ARG Q 38 23.83 -25.36 -33.66
N GLN Q 39 24.51 -25.65 -34.76
CA GLN Q 39 25.62 -24.82 -35.20
C GLN Q 39 25.75 -24.88 -36.71
N THR Q 40 25.89 -23.72 -37.33
CA THR Q 40 26.29 -23.60 -38.73
C THR Q 40 27.78 -23.32 -38.80
N PRO Q 41 28.43 -23.63 -39.92
CA PRO Q 41 29.88 -23.42 -40.02
C PRO Q 41 30.24 -21.96 -39.81
N GLY Q 42 31.29 -21.73 -39.02
CA GLY Q 42 31.80 -20.40 -38.75
C GLY Q 42 31.19 -19.71 -37.55
N LYS Q 43 30.02 -20.14 -37.10
CA LYS Q 43 29.34 -19.51 -35.98
C LYS Q 43 29.37 -20.42 -34.75
N GLN Q 44 28.85 -19.88 -33.64
CA GLN Q 44 28.79 -20.59 -32.37
C GLN Q 44 27.61 -21.56 -32.35
N ARG Q 45 27.54 -22.34 -31.27
CA ARG Q 45 26.44 -23.26 -31.07
C ARG Q 45 25.35 -22.58 -30.25
N ASP Q 46 24.12 -22.61 -30.77
CA ASP Q 46 22.98 -22.01 -30.10
C ASP Q 46 22.11 -23.09 -29.47
N LEU Q 47 21.53 -22.77 -28.32
CA LEU Q 47 20.68 -23.72 -27.62
C LEU Q 47 19.41 -24.00 -28.42
N VAL Q 48 19.06 -25.28 -28.55
CA VAL Q 48 17.82 -25.68 -29.18
C VAL Q 48 16.80 -25.99 -28.09
N ALA Q 49 17.10 -26.99 -27.27
CA ALA Q 49 16.24 -27.40 -26.19
C ALA Q 49 17.03 -28.31 -25.26
N ASP Q 50 16.74 -28.22 -23.96
CA ASP Q 50 17.33 -29.16 -23.01
C ASP Q 50 16.32 -29.44 -21.90
N ILE Q 51 16.60 -30.49 -21.14
CA ILE Q 51 15.71 -30.95 -20.08
C ILE Q 51 16.55 -31.62 -19.01
N SER Q 52 16.22 -31.34 -17.74
CA SER Q 52 16.93 -31.94 -16.64
C SER Q 52 16.32 -33.30 -16.29
N SER Q 53 16.99 -34.03 -15.41
CA SER Q 53 16.43 -35.29 -14.92
C SER Q 53 15.13 -35.08 -14.18
N GLY Q 54 14.87 -33.87 -13.68
CA GLY Q 54 13.61 -33.54 -13.05
C GLY Q 54 12.52 -33.09 -14.00
N GLY Q 55 12.85 -32.89 -15.27
CA GLY Q 55 11.87 -32.53 -16.27
C GLY Q 55 11.82 -31.05 -16.61
N SER Q 56 12.70 -30.24 -16.03
CA SER Q 56 12.73 -28.81 -16.33
C SER Q 56 13.32 -28.59 -17.72
N THR Q 57 12.55 -27.93 -18.60
CA THR Q 57 12.95 -27.77 -19.99
C THR Q 57 13.17 -26.30 -20.33
N LYS Q 58 14.03 -26.06 -21.31
CA LYS Q 58 14.30 -24.73 -21.83
C LYS Q 58 14.42 -24.81 -23.34
N TYR Q 59 13.80 -23.87 -24.04
CA TYR Q 59 13.81 -23.84 -25.49
C TYR Q 59 14.44 -22.54 -25.99
N GLY Q 60 15.20 -22.65 -27.08
CA GLY Q 60 15.66 -21.45 -27.76
C GLY Q 60 14.51 -20.66 -28.35
N ASP Q 61 14.69 -19.35 -28.41
CA ASP Q 61 13.60 -18.47 -28.84
C ASP Q 61 13.17 -18.78 -30.27
N SER Q 62 14.12 -19.11 -31.14
CA SER Q 62 13.79 -19.31 -32.55
C SER Q 62 13.06 -20.64 -32.78
N VAL Q 63 13.09 -21.56 -31.83
CA VAL Q 63 12.44 -22.86 -31.99
C VAL Q 63 11.31 -23.07 -31.01
N LYS Q 64 11.08 -22.17 -30.06
CA LYS Q 64 10.03 -22.34 -29.07
C LYS Q 64 8.67 -22.30 -29.76
N GLY Q 65 7.84 -23.31 -29.50
CA GLY Q 65 6.55 -23.44 -30.12
C GLY Q 65 6.51 -24.37 -31.31
N ARG Q 66 7.67 -24.74 -31.84
CA ARG Q 66 7.75 -25.69 -32.95
C ARG Q 66 8.46 -26.99 -32.59
N PHE Q 67 9.44 -26.93 -31.69
CA PHE Q 67 10.15 -28.11 -31.23
C PHE Q 67 9.65 -28.51 -29.85
N THR Q 68 9.82 -29.79 -29.53
CA THR Q 68 9.42 -30.32 -28.23
C THR Q 68 10.42 -31.37 -27.82
N ILE Q 69 10.94 -31.26 -26.59
CA ILE Q 69 11.90 -32.22 -26.06
C ILE Q 69 11.19 -33.07 -25.01
N SER Q 70 11.51 -34.36 -25.00
CA SER Q 70 10.98 -35.30 -24.02
C SER Q 70 12.13 -36.19 -23.56
N ARG Q 71 11.88 -37.01 -22.55
CA ARG Q 71 12.98 -37.72 -21.93
C ARG Q 71 12.49 -38.98 -21.24
N ASP Q 72 13.34 -40.01 -21.28
CA ASP Q 72 13.14 -41.28 -20.58
C ASP Q 72 14.38 -41.53 -19.72
N ASN Q 73 14.27 -41.25 -18.43
CA ASN Q 73 15.43 -41.40 -17.54
C ASN Q 73 15.84 -42.85 -17.38
N THR Q 74 14.93 -43.80 -17.58
CA THR Q 74 15.26 -45.20 -17.35
C THR Q 74 16.30 -45.71 -18.35
N LYS Q 75 16.39 -45.10 -19.53
CA LYS Q 75 17.40 -45.45 -20.52
C LYS Q 75 18.28 -44.27 -20.89
N ASN Q 76 18.17 -43.15 -20.18
CA ASN Q 76 19.01 -41.96 -20.39
C ASN Q 76 18.95 -41.50 -21.84
N THR Q 77 17.73 -41.32 -22.35
CA THR Q 77 17.52 -40.93 -23.73
C THR Q 77 16.59 -39.71 -23.78
N VAL Q 78 16.96 -38.75 -24.63
CA VAL Q 78 16.14 -37.57 -24.88
C VAL Q 78 15.70 -37.61 -26.34
N TYR Q 79 14.52 -37.06 -26.61
CA TYR Q 79 13.96 -37.01 -27.95
C TYR Q 79 13.60 -35.57 -28.28
N LEU Q 80 13.89 -35.17 -29.52
CA LEU Q 80 13.59 -33.82 -30.00
C LEU Q 80 12.65 -33.93 -31.19
N GLN Q 81 11.39 -33.56 -30.97
CA GLN Q 81 10.39 -33.53 -32.03
C GLN Q 81 10.39 -32.15 -32.66
N MET Q 82 10.87 -32.06 -33.90
CA MET Q 82 10.99 -30.80 -34.62
C MET Q 82 9.85 -30.70 -35.63
N ASN Q 83 8.95 -29.75 -35.43
CA ASN Q 83 7.82 -29.53 -36.32
C ASN Q 83 7.95 -28.19 -37.05
N SER Q 84 7.23 -28.08 -38.15
CA SER Q 84 7.16 -26.85 -38.94
C SER Q 84 8.55 -26.34 -39.30
N LEU Q 85 9.39 -27.26 -39.78
CA LEU Q 85 10.78 -26.95 -40.04
C LEU Q 85 10.93 -25.92 -41.16
N LYS Q 86 11.94 -25.07 -41.03
CA LYS Q 86 12.24 -24.02 -41.98
C LYS Q 86 13.68 -24.17 -42.46
N PRO Q 87 14.02 -23.60 -43.62
CA PRO Q 87 15.42 -23.67 -44.09
C PRO Q 87 16.42 -23.08 -43.11
N GLU Q 88 15.98 -22.17 -42.24
CA GLU Q 88 16.89 -21.60 -41.23
C GLU Q 88 17.26 -22.60 -40.14
N ASP Q 89 16.55 -23.71 -40.05
CA ASP Q 89 16.88 -24.77 -39.09
C ASP Q 89 18.01 -25.66 -39.57
N THR Q 90 18.51 -25.45 -40.79
CA THR Q 90 19.62 -26.25 -41.31
C THR Q 90 20.88 -25.96 -40.52
N ALA Q 91 21.41 -26.99 -39.86
CA ALA Q 91 22.61 -26.88 -39.04
C ALA Q 91 23.00 -28.29 -38.60
N VAL Q 92 24.10 -28.39 -37.86
CA VAL Q 92 24.52 -29.63 -37.21
C VAL Q 92 24.00 -29.59 -35.78
N TYR Q 93 23.21 -30.60 -35.41
CA TYR Q 93 22.57 -30.68 -34.11
C TYR Q 93 23.42 -31.56 -33.21
N TYR Q 94 24.00 -30.96 -32.17
CA TYR Q 94 24.86 -31.65 -31.21
C TYR Q 94 24.07 -31.97 -29.95
N CYS Q 95 24.10 -33.23 -29.54
CA CYS Q 95 23.56 -33.61 -28.25
C CYS Q 95 24.58 -33.32 -27.16
N TYR Q 96 24.11 -32.92 -25.98
CA TYR Q 96 25.01 -32.60 -24.88
C TYR Q 96 24.38 -33.03 -23.57
N GLY Q 97 25.23 -33.11 -22.55
CA GLY Q 97 24.78 -33.51 -21.22
C GLY Q 97 25.66 -32.90 -20.16
N LEU Q 98 25.09 -32.71 -18.97
CA LEU Q 98 25.78 -32.18 -17.81
C LEU Q 98 25.68 -33.19 -16.67
N SER Q 99 26.81 -33.55 -16.09
CA SER Q 99 26.79 -34.39 -14.90
C SER Q 99 26.29 -33.58 -13.70
N TYR Q 100 26.03 -34.28 -12.60
CA TYR Q 100 25.65 -33.60 -11.37
C TYR Q 100 26.80 -32.81 -10.76
N SER Q 101 28.01 -32.91 -11.31
CA SER Q 101 29.14 -32.08 -10.93
C SER Q 101 29.45 -31.03 -11.99
N ASN Q 102 28.52 -30.77 -12.90
CA ASN Q 102 28.64 -29.76 -13.95
C ASN Q 102 29.76 -30.08 -14.95
N ASP Q 103 30.01 -31.35 -15.21
CA ASP Q 103 30.88 -31.77 -16.30
C ASP Q 103 30.05 -31.92 -17.56
N ASP Q 104 30.51 -31.33 -18.65
CA ASP Q 104 29.75 -31.35 -19.90
C ASP Q 104 30.32 -32.38 -20.86
N TYR Q 105 29.43 -33.01 -21.63
CA TYR Q 105 29.78 -34.01 -22.63
C TYR Q 105 29.02 -33.69 -23.91
N TRP Q 106 29.61 -34.05 -25.05
CA TRP Q 106 29.02 -33.74 -26.34
C TRP Q 106 29.07 -34.95 -27.25
N GLY Q 107 28.08 -35.04 -28.14
CA GLY Q 107 28.09 -36.02 -29.20
C GLY Q 107 28.79 -35.53 -30.45
N GLN Q 108 28.87 -36.41 -31.43
CA GLN Q 108 29.55 -36.07 -32.68
C GLN Q 108 28.72 -35.14 -33.56
N GLY Q 109 27.42 -35.06 -33.33
CA GLY Q 109 26.55 -34.20 -34.11
C GLY Q 109 25.89 -34.96 -35.25
N THR Q 110 24.72 -34.46 -35.67
CA THR Q 110 24.01 -34.98 -36.83
C THR Q 110 23.54 -33.82 -37.68
N GLN Q 111 23.76 -33.93 -38.99
CA GLN Q 111 23.35 -32.88 -39.91
C GLN Q 111 21.84 -32.93 -40.12
N VAL Q 112 21.23 -31.75 -40.19
CA VAL Q 112 19.81 -31.61 -40.53
C VAL Q 112 19.71 -30.55 -41.61
N THR Q 113 19.17 -30.92 -42.77
CA THR Q 113 19.09 -30.04 -43.93
C THR Q 113 17.62 -29.89 -44.31
N VAL Q 114 17.15 -28.64 -44.33
CA VAL Q 114 15.79 -28.33 -44.74
C VAL Q 114 15.88 -27.57 -46.06
N SER Q 115 15.54 -28.25 -47.15
CA SER Q 115 15.69 -27.66 -48.48
C SER Q 115 14.65 -28.27 -49.41
N SER Q 116 14.25 -27.49 -50.41
CA SER Q 116 13.30 -27.98 -51.40
C SER Q 116 13.97 -28.83 -52.45
N GLY Q 117 15.20 -28.48 -52.84
CA GLY Q 117 15.94 -29.23 -53.83
C GLY Q 117 16.80 -30.33 -53.23
N ASP R 1 -14.71 -24.84 46.50
CA ASP R 1 -15.65 -23.82 46.03
C ASP R 1 -16.30 -24.25 44.73
N PRO R 2 -17.52 -24.81 44.83
CA PRO R 2 -18.22 -25.26 43.63
C PRO R 2 -18.49 -24.16 42.61
N LEU R 3 -18.73 -22.92 43.06
CA LEU R 3 -19.03 -21.84 42.13
C LEU R 3 -17.82 -21.49 41.27
N LYS R 4 -16.61 -21.56 41.84
CA LYS R 4 -15.42 -21.34 41.03
C LYS R 4 -15.26 -22.45 39.99
N ARG R 5 -15.53 -23.70 40.39
CA ARG R 5 -15.43 -24.82 39.47
C ARG R 5 -16.44 -24.69 38.33
N LEU R 6 -17.66 -24.25 38.63
CA LEU R 6 -18.66 -24.03 37.60
C LEU R 6 -18.24 -22.92 36.65
N THR R 7 -17.56 -21.89 37.17
CA THR R 7 -17.08 -20.81 36.31
C THR R 7 -15.98 -21.29 35.38
N GLU R 8 -15.08 -22.14 35.87
CA GLU R 8 -14.01 -22.67 35.02
C GLU R 8 -14.58 -23.59 33.94
N LEU R 9 -15.60 -24.37 34.27
CA LEU R 9 -16.25 -25.21 33.26
C LEU R 9 -16.99 -24.37 32.24
N ALA R 10 -17.57 -23.24 32.66
CA ALA R 10 -18.25 -22.37 31.71
C ALA R 10 -17.26 -21.69 30.78
N LEU R 11 -16.12 -21.24 31.31
CA LEU R 11 -15.08 -20.66 30.46
C LEU R 11 -14.51 -21.71 29.52
N GLU R 12 -14.38 -22.95 29.99
CA GLU R 12 -13.91 -24.03 29.13
C GLU R 12 -14.90 -24.32 28.00
N ALA R 13 -16.19 -24.34 28.32
CA ALA R 13 -17.20 -24.61 27.30
C ALA R 13 -17.24 -23.51 26.25
N LEU R 14 -16.99 -22.26 26.64
CA LEU R 14 -17.01 -21.16 25.68
C LEU R 14 -15.79 -21.20 24.77
N ARG R 15 -14.64 -21.63 25.28
CA ARG R 15 -13.43 -21.69 24.46
C ARG R 15 -13.40 -22.93 23.58
N ASP R 16 -14.04 -24.02 24.01
CA ASP R 16 -14.06 -25.24 23.21
C ASP R 16 -15.05 -25.17 22.05
N GLU R 17 -16.03 -24.26 22.12
CA GLU R 17 -17.05 -24.18 21.07
C GLU R 17 -16.48 -24.05 19.66
N PRO R 18 -15.45 -23.25 19.40
CA PRO R 18 -14.87 -23.26 18.04
C PRO R 18 -14.15 -24.55 17.72
N HIS R 19 -13.42 -25.12 18.67
CA HIS R 19 -12.56 -26.28 18.41
C HIS R 19 -13.25 -27.61 18.72
N VAL R 20 -14.43 -27.81 18.15
CA VAL R 20 -15.18 -29.05 18.31
C VAL R 20 -15.81 -29.39 16.96
N PRO R 21 -15.91 -30.67 16.60
CA PRO R 21 -16.52 -31.02 15.33
C PRO R 21 -17.92 -30.46 15.23
N PRO R 22 -18.37 -30.11 14.01
CA PRO R 22 -19.71 -29.51 13.86
C PRO R 22 -20.83 -30.38 14.43
N GLU R 23 -20.61 -31.69 14.55
CA GLU R 23 -21.64 -32.55 15.12
C GLU R 23 -21.80 -32.31 16.61
N ASP R 24 -20.71 -31.96 17.30
CA ASP R 24 -20.74 -31.69 18.73
C ASP R 24 -21.30 -30.31 19.07
N ARG R 25 -21.57 -29.48 18.07
CA ARG R 25 -21.99 -28.11 18.35
C ARG R 25 -23.29 -28.00 19.16
N PRO R 26 -24.36 -28.76 18.87
CA PRO R 26 -25.55 -28.65 19.73
C PRO R 26 -25.29 -28.95 21.19
N LEU R 27 -24.43 -29.94 21.47
CA LEU R 27 -24.14 -30.30 22.86
C LEU R 27 -23.39 -29.19 23.59
N VAL R 28 -22.55 -28.43 22.89
CA VAL R 28 -21.79 -27.36 23.54
C VAL R 28 -22.72 -26.25 24.00
N THR R 29 -23.67 -25.84 23.15
CA THR R 29 -24.57 -24.75 23.51
C THR R 29 -25.44 -25.12 24.71
N LEU R 30 -25.98 -26.34 24.71
CA LEU R 30 -26.77 -26.78 25.87
C LEU R 30 -25.92 -26.88 27.13
N LEU R 31 -24.63 -27.22 26.98
CA LEU R 31 -23.75 -27.25 28.15
C LEU R 31 -23.51 -25.85 28.69
N GLN R 32 -23.39 -24.86 27.80
CA GLN R 32 -23.24 -23.48 28.24
C GLN R 32 -24.48 -22.98 28.95
N ILE R 33 -25.66 -23.35 28.44
CA ILE R 33 -26.91 -22.93 29.07
C ILE R 33 -27.08 -23.60 30.43
N ALA R 34 -26.77 -24.89 30.52
CA ALA R 34 -26.88 -25.59 31.79
C ALA R 34 -25.88 -25.06 32.81
N LEU R 35 -24.64 -24.80 32.39
CA LEU R 35 -23.65 -24.25 33.30
C LEU R 35 -24.01 -22.84 33.74
N ASN R 36 -24.62 -22.06 32.85
CA ASN R 36 -25.02 -20.70 33.21
C ASN R 36 -26.14 -20.72 34.25
N LEU R 37 -27.11 -21.63 34.09
CA LEU R 37 -28.19 -21.72 35.06
C LEU R 37 -27.71 -22.30 36.39
N ALA R 38 -26.75 -23.23 36.35
CA ALA R 38 -26.18 -23.76 37.58
C ALA R 38 -25.47 -22.68 38.38
N ILE R 39 -24.69 -21.84 37.69
CA ILE R 39 -24.03 -20.72 38.36
C ILE R 39 -25.05 -19.78 38.96
N ASN R 40 -26.14 -19.51 38.24
CA ASN R 40 -27.17 -18.59 38.72
C ASN R 40 -27.87 -19.15 39.96
N VAL R 41 -28.13 -20.45 39.97
CA VAL R 41 -28.83 -21.06 41.09
C VAL R 41 -27.97 -21.03 42.35
N VAL R 42 -26.69 -21.43 42.22
CA VAL R 42 -25.82 -21.49 43.39
C VAL R 42 -25.57 -20.10 43.96
N VAL R 43 -25.36 -19.11 43.10
CA VAL R 43 -25.07 -17.77 43.59
C VAL R 43 -26.33 -17.13 44.19
N ASN R 44 -27.51 -17.57 43.77
CA ASN R 44 -28.73 -17.09 44.40
C ASN R 44 -28.88 -17.65 45.81
N ARG R 45 -28.49 -18.91 46.00
CA ARG R 45 -28.51 -19.52 47.32
C ARG R 45 -27.49 -18.89 48.25
N ARG R 46 -26.37 -18.40 47.70
CA ARG R 46 -25.40 -17.69 48.53
C ARG R 46 -26.00 -16.39 49.04
N HIS R 47 -26.69 -15.65 48.18
CA HIS R 47 -27.31 -14.40 48.60
C HIS R 47 -28.41 -14.62 49.62
N LEU R 48 -29.06 -15.78 49.58
CA LEU R 48 -30.16 -16.11 50.49
C LEU R 48 -29.72 -16.70 51.82
N GLY R 49 -28.41 -16.85 52.06
CA GLY R 49 -28.02 -17.53 53.28
C GLY R 49 -28.24 -19.03 53.27
N ARG R 50 -28.50 -19.61 52.09
CA ARG R 50 -28.74 -21.05 51.94
C ARG R 50 -27.42 -21.83 51.87
N THR R 51 -26.62 -21.69 52.92
CA THR R 51 -25.31 -22.37 52.93
C THR R 51 -25.53 -23.86 53.13
N ASP R 52 -25.53 -24.60 52.02
CA ASP R 52 -25.64 -26.06 52.05
C ASP R 52 -24.67 -26.63 51.03
N PRO R 53 -23.44 -26.96 51.44
CA PRO R 53 -22.48 -27.56 50.49
C PRO R 53 -22.98 -28.86 49.87
N GLU R 54 -23.91 -29.54 50.54
CA GLU R 54 -24.46 -30.78 50.00
C GLU R 54 -25.18 -30.57 48.67
N HIS R 55 -26.07 -29.58 48.60
CA HIS R 55 -26.82 -29.34 47.38
C HIS R 55 -25.90 -28.88 46.24
N ASP R 56 -24.88 -28.07 46.57
CA ASP R 56 -23.98 -27.58 45.53
C ASP R 56 -23.23 -28.71 44.85
N ARG R 57 -22.67 -29.63 45.63
CA ARG R 57 -21.90 -30.72 45.04
C ARG R 57 -22.77 -31.63 44.20
N LYS R 58 -24.05 -31.78 44.58
CA LYS R 58 -24.95 -32.64 43.80
C LYS R 58 -25.11 -32.12 42.38
N LEU R 59 -25.11 -30.79 42.18
CA LEU R 59 -25.14 -30.24 40.83
C LEU R 59 -23.86 -30.57 40.06
N LEU R 60 -22.71 -30.46 40.72
CA LEU R 60 -21.44 -30.75 40.07
C LEU R 60 -21.35 -32.21 39.65
N GLU R 61 -21.80 -33.13 40.52
CA GLU R 61 -21.71 -34.55 40.19
C GLU R 61 -22.52 -34.89 38.96
N GLU R 62 -23.73 -34.34 38.84
CA GLU R 62 -24.54 -34.65 37.67
C GLU R 62 -23.93 -34.06 36.40
N LEU R 63 -23.42 -32.83 36.48
CA LEU R 63 -22.82 -32.21 35.30
C LEU R 63 -21.59 -32.97 34.84
N GLU R 64 -20.71 -33.35 35.77
CA GLU R 64 -19.51 -34.09 35.39
C GLU R 64 -19.86 -35.45 34.80
N GLU R 65 -20.95 -36.06 35.26
CA GLU R 65 -21.39 -37.35 34.72
C GLU R 65 -21.98 -37.22 33.32
N ILE R 66 -22.67 -36.11 33.03
CA ILE R 66 -23.24 -35.94 31.69
C ILE R 66 -22.12 -35.79 30.66
N ARG R 67 -20.96 -35.28 31.06
CA ARG R 67 -19.83 -35.20 30.14
C ARG R 67 -19.34 -36.58 29.75
N LYS R 68 -19.51 -37.56 30.64
CA LYS R 68 -19.06 -38.93 30.43
C LYS R 68 -20.10 -39.78 29.72
N LEU R 69 -21.18 -39.18 29.26
CA LEU R 69 -22.33 -39.88 28.73
C LEU R 69 -22.45 -39.66 27.22
N PRO R 70 -22.88 -40.67 26.46
CA PRO R 70 -22.95 -40.52 25.01
C PRO R 70 -23.77 -39.30 24.59
N ARG R 71 -23.43 -38.76 23.42
CA ARG R 71 -23.91 -37.43 23.04
C ARG R 71 -25.43 -37.38 22.97
N GLU R 72 -26.04 -38.33 22.25
CA GLU R 72 -27.46 -38.23 21.95
C GLU R 72 -28.32 -38.29 23.20
N GLU R 73 -27.95 -39.13 24.17
CA GLU R 73 -28.65 -39.15 25.44
C GLU R 73 -28.28 -37.96 26.32
N ALA R 74 -27.13 -37.33 26.08
CA ALA R 74 -26.73 -36.18 26.88
C ALA R 74 -27.52 -34.93 26.53
N GLU R 75 -27.89 -34.77 25.25
CA GLU R 75 -28.76 -33.66 24.90
C GLU R 75 -30.13 -33.81 25.56
N LYS R 76 -30.53 -35.05 25.84
CA LYS R 76 -31.78 -35.29 26.55
C LYS R 76 -31.62 -35.01 28.04
N ARG R 77 -30.45 -35.33 28.59
CA ARG R 77 -30.18 -35.08 30.00
C ARG R 77 -30.02 -33.58 30.31
N LEU R 78 -29.41 -32.83 29.41
CA LEU R 78 -29.18 -31.41 29.66
C LEU R 78 -30.48 -30.61 29.61
N GLU R 79 -31.37 -30.94 28.67
CA GLU R 79 -32.64 -30.22 28.59
C GLU R 79 -33.47 -30.42 29.85
N GLU R 80 -33.41 -31.61 30.44
CA GLU R 80 -34.13 -31.87 31.68
C GLU R 80 -33.53 -31.09 32.84
N LEU R 81 -32.19 -31.03 32.91
CA LEU R 81 -31.54 -30.25 33.96
C LEU R 81 -31.84 -28.76 33.81
N ILE R 82 -31.87 -28.27 32.57
CA ILE R 82 -32.18 -26.87 32.33
C ILE R 82 -33.59 -26.53 32.77
N GLU R 83 -34.55 -27.40 32.44
CA GLU R 83 -35.94 -27.17 32.86
C GLU R 83 -36.06 -27.15 34.38
N ARG R 84 -35.31 -28.02 35.05
CA ARG R 84 -35.34 -28.07 36.52
C ARG R 84 -34.65 -26.86 37.13
N LEU R 85 -33.59 -26.38 36.49
CA LEU R 85 -32.88 -25.21 37.03
C LEU R 85 -33.68 -23.93 36.82
N GLU R 86 -34.40 -23.81 35.71
CA GLU R 86 -35.22 -22.63 35.48
C GLU R 86 -36.34 -22.52 36.51
N GLU R 87 -36.89 -23.66 36.94
CA GLU R 87 -37.90 -23.67 37.98
C GLU R 87 -37.29 -23.21 39.31
N GLU R 88 -36.14 -23.78 39.66
CA GLU R 88 -35.50 -23.46 40.93
C GLU R 88 -35.05 -22.01 40.98
N ASN R 89 -34.60 -21.48 39.85
CA ASN R 89 -34.17 -20.09 39.79
C ASN R 89 -35.32 -19.13 40.05
N GLU R 90 -36.53 -19.47 39.59
CA GLU R 90 -37.68 -18.60 39.84
C GLU R 90 -38.07 -18.61 41.32
N LYS R 91 -37.98 -19.77 41.97
CA LYS R 91 -38.31 -19.85 43.39
C LYS R 91 -37.30 -19.08 44.23
N LEU R 92 -36.02 -19.14 43.85
CA LEU R 92 -34.99 -18.43 44.61
C LEU R 92 -35.18 -16.92 44.52
N ALA R 93 -35.55 -16.41 43.33
CA ALA R 93 -35.74 -14.97 43.17
C ALA R 93 -36.95 -14.48 43.97
N GLU R 94 -37.96 -15.32 44.14
CA GLU R 94 -39.11 -14.91 44.94
C GLU R 94 -38.73 -14.76 46.41
N GLU R 95 -37.82 -15.59 46.90
CA GLU R 95 -37.34 -15.44 48.27
C GLU R 95 -36.36 -14.29 48.41
N GLU R 96 -35.62 -13.97 47.35
CA GLU R 96 -34.74 -12.81 47.38
C GLU R 96 -35.55 -11.52 47.51
N VAL R 97 -36.77 -11.49 46.97
CA VAL R 97 -37.63 -10.33 47.13
C VAL R 97 -38.11 -10.20 48.57
N LYS R 98 -38.47 -11.32 49.19
CA LYS R 98 -38.93 -11.30 50.58
C LYS R 98 -37.82 -10.82 51.51
N GLN R 99 -36.58 -11.20 51.20
CA GLN R 99 -35.45 -10.81 52.05
C GLN R 99 -35.13 -9.32 51.90
N PHE R 100 -35.24 -8.79 50.69
CA PHE R 100 -34.86 -7.41 50.44
C PHE R 100 -35.85 -6.43 51.09
N ARG R 101 -37.14 -6.68 50.94
CA ARG R 101 -38.13 -5.73 51.45
C ARG R 101 -38.19 -5.75 52.97
N SER R 102 -38.07 -6.92 53.59
CA SER R 102 -38.11 -7.03 55.04
C SER R 102 -36.89 -6.36 55.68
N ASP S 1 29.21 32.46 -43.22
CA ASP S 1 29.28 31.04 -42.91
C ASP S 1 28.13 30.64 -41.99
N PRO S 2 27.05 30.11 -42.57
CA PRO S 2 25.92 29.67 -41.74
C PRO S 2 26.29 28.59 -40.73
N LEU S 3 27.23 27.71 -41.08
CA LEU S 3 27.65 26.67 -40.15
C LEU S 3 28.37 27.27 -38.95
N LYS S 4 29.10 28.37 -39.15
CA LYS S 4 29.71 29.07 -38.03
C LYS S 4 28.66 29.65 -37.09
N ARG S 5 27.61 30.25 -37.65
CA ARG S 5 26.58 30.87 -36.83
C ARG S 5 25.82 29.84 -36.00
N LEU S 6 25.53 28.68 -36.59
CA LEU S 6 24.85 27.63 -35.84
C LEU S 6 25.71 27.12 -34.69
N THR S 7 27.03 27.08 -34.87
CA THR S 7 27.92 26.66 -33.79
C THR S 7 27.90 27.68 -32.65
N GLU S 8 27.90 28.97 -32.96
CA GLU S 8 27.85 29.99 -31.92
C GLU S 8 26.51 29.97 -31.21
N LEU S 9 25.42 29.71 -31.93
CA LEU S 9 24.12 29.59 -31.28
C LEU S 9 24.06 28.36 -30.39
N ALA S 10 24.74 27.27 -30.78
CA ALA S 10 24.76 26.07 -29.94
C ALA S 10 25.59 26.30 -28.68
N LEU S 11 26.73 27.00 -28.80
CA LEU S 11 27.52 27.31 -27.62
C LEU S 11 26.76 28.23 -26.68
N GLU S 12 25.97 29.15 -27.22
CA GLU S 12 25.16 30.02 -26.37
C GLU S 12 24.12 29.21 -25.60
N ALA S 13 23.49 28.23 -26.27
CA ALA S 13 22.49 27.42 -25.61
C ALA S 13 23.09 26.58 -24.48
N LEU S 14 24.33 26.13 -24.64
CA LEU S 14 24.97 25.32 -23.61
C LEU S 14 25.36 26.17 -22.41
N ARG S 15 25.89 27.37 -22.65
CA ARG S 15 26.32 28.22 -21.54
C ARG S 15 25.13 28.79 -20.77
N ASP S 16 24.02 29.05 -21.46
CA ASP S 16 22.86 29.65 -20.81
C ASP S 16 22.04 28.64 -20.02
N GLU S 17 22.18 27.34 -20.31
CA GLU S 17 21.38 26.33 -19.65
C GLU S 17 21.40 26.38 -18.12
N PRO S 18 22.54 26.59 -17.45
CA PRO S 18 22.48 26.71 -15.99
C PRO S 18 21.73 27.95 -15.52
N HIS S 19 21.92 29.08 -16.19
CA HIS S 19 21.33 30.35 -15.76
C HIS S 19 20.00 30.60 -16.48
N VAL S 20 19.09 29.64 -16.33
CA VAL S 20 17.78 29.72 -16.95
C VAL S 20 16.72 29.28 -15.94
N PRO S 21 15.57 29.95 -15.90
CA PRO S 21 14.53 29.54 -14.95
C PRO S 21 14.14 28.11 -15.17
N PRO S 22 13.76 27.39 -14.11
CA PRO S 22 13.44 25.96 -14.25
C PRO S 22 12.34 25.68 -15.26
N GLU S 23 11.47 26.65 -15.52
CA GLU S 23 10.39 26.45 -16.48
C GLU S 23 10.89 26.52 -17.92
N ASP S 24 11.87 27.39 -18.20
CA ASP S 24 12.41 27.49 -19.55
C ASP S 24 13.43 26.40 -19.89
N ARG S 25 13.83 25.59 -18.90
CA ARG S 25 14.88 24.61 -19.16
C ARG S 25 14.51 23.55 -20.20
N PRO S 26 13.30 22.99 -20.22
CA PRO S 26 12.97 22.03 -21.29
C PRO S 26 13.11 22.63 -22.69
N LEU S 27 12.76 23.90 -22.88
CA LEU S 27 12.91 24.53 -24.18
C LEU S 27 14.39 24.65 -24.56
N VAL S 28 15.27 24.86 -23.57
CA VAL S 28 16.70 24.96 -23.85
C VAL S 28 17.24 23.63 -24.36
N THR S 29 16.85 22.52 -23.72
CA THR S 29 17.32 21.21 -24.14
C THR S 29 16.85 20.88 -25.55
N LEU S 30 15.58 21.18 -25.85
CA LEU S 30 15.07 20.95 -27.20
C LEU S 30 15.78 21.84 -28.22
N LEU S 31 16.19 23.05 -27.82
CA LEU S 31 16.93 23.92 -28.73
C LEU S 31 18.32 23.36 -29.00
N GLN S 32 18.96 22.77 -27.99
CA GLN S 32 20.27 22.17 -28.19
C GLN S 32 20.19 20.99 -29.15
N ILE S 33 19.12 20.19 -29.06
CA ILE S 33 18.96 19.05 -29.95
C ILE S 33 18.72 19.53 -31.38
N ALA S 34 17.87 20.54 -31.55
CA ALA S 34 17.58 21.06 -32.88
C ALA S 34 18.83 21.70 -33.50
N LEU S 35 19.58 22.48 -32.71
CA LEU S 35 20.79 23.09 -33.23
C LEU S 35 21.86 22.05 -33.54
N ASN S 36 21.91 20.97 -32.76
CA ASN S 36 22.89 19.91 -33.03
C ASN S 36 22.57 19.19 -34.34
N LEU S 37 21.30 18.93 -34.59
CA LEU S 37 20.91 18.28 -35.85
C LEU S 37 21.08 19.22 -37.04
N ALA S 38 20.80 20.52 -36.83
CA ALA S 38 20.99 21.49 -37.91
C ALA S 38 22.44 21.58 -38.33
N ILE S 39 23.35 21.61 -37.36
CA ILE S 39 24.79 21.63 -37.67
C ILE S 39 25.16 20.37 -38.45
N ASN S 40 24.61 19.22 -38.05
CA ASN S 40 24.92 17.97 -38.71
C ASN S 40 24.42 17.96 -40.15
N VAL S 41 23.23 18.52 -40.38
CA VAL S 41 22.66 18.53 -41.73
C VAL S 41 23.49 19.42 -42.64
N VAL S 42 23.83 20.62 -42.18
CA VAL S 42 24.58 21.56 -43.03
C VAL S 42 25.95 21.01 -43.37
N VAL S 43 26.63 20.41 -42.38
CA VAL S 43 27.97 19.89 -42.63
C VAL S 43 27.92 18.62 -43.48
N ASN S 44 26.80 17.90 -43.45
CA ASN S 44 26.66 16.73 -44.32
C ASN S 44 26.48 17.14 -45.77
N ARG S 45 25.69 18.18 -46.03
CA ARG S 45 25.53 18.67 -47.39
C ARG S 45 26.81 19.30 -47.92
N ARG S 46 27.63 19.86 -47.02
CA ARG S 46 28.93 20.38 -47.44
C ARG S 46 29.84 19.26 -47.92
N HIS S 47 29.88 18.15 -47.19
CA HIS S 47 30.73 17.03 -47.59
C HIS S 47 30.28 16.41 -48.90
N LEU S 48 28.98 16.47 -49.19
CA LEU S 48 28.44 15.92 -50.44
C LEU S 48 28.51 16.89 -51.59
N GLY S 49 29.02 18.10 -51.36
CA GLY S 49 29.02 19.13 -52.39
C GLY S 49 27.66 19.66 -52.76
N ARG S 50 26.61 19.25 -52.04
CA ARG S 50 25.26 19.74 -52.28
C ARG S 50 25.00 21.02 -51.48
N THR S 51 25.91 21.98 -51.64
CA THR S 51 25.86 23.25 -50.92
C THR S 51 24.80 24.15 -51.53
N ASP S 52 23.75 24.43 -50.76
CA ASP S 52 22.68 25.34 -51.17
C ASP S 52 22.51 26.33 -50.03
N PRO S 53 23.19 27.48 -50.11
CA PRO S 53 23.09 28.47 -49.03
C PRO S 53 21.68 28.97 -48.78
N GLU S 54 20.80 28.93 -49.79
CA GLU S 54 19.41 29.30 -49.57
C GLU S 54 18.75 28.36 -48.58
N HIS S 55 18.95 27.05 -48.78
CA HIS S 55 18.39 26.07 -47.84
C HIS S 55 18.99 26.23 -46.46
N ASP S 56 20.29 26.58 -46.39
CA ASP S 56 20.93 26.79 -45.10
C ASP S 56 20.30 27.98 -44.37
N ARG S 57 20.12 29.09 -45.08
CA ARG S 57 19.55 30.29 -44.47
C ARG S 57 18.13 30.06 -44.02
N LYS S 58 17.36 29.25 -44.74
CA LYS S 58 15.98 28.97 -44.33
C LYS S 58 15.93 28.25 -42.99
N LEU S 59 16.92 27.39 -42.71
CA LEU S 59 17.00 26.79 -41.38
C LEU S 59 17.26 27.85 -40.32
N LEU S 60 18.14 28.81 -40.62
CA LEU S 60 18.38 29.90 -39.67
C LEU S 60 17.14 30.76 -39.50
N GLU S 61 16.45 31.07 -40.60
CA GLU S 61 15.24 31.89 -40.52
C GLU S 61 14.15 31.22 -39.71
N GLU S 62 13.98 29.90 -39.89
CA GLU S 62 12.96 29.18 -39.13
C GLU S 62 13.32 29.14 -37.65
N LEU S 63 14.60 28.94 -37.34
CA LEU S 63 15.04 28.91 -35.95
C LEU S 63 14.80 30.26 -35.26
N GLU S 64 15.12 31.36 -35.95
CA GLU S 64 14.95 32.68 -35.35
C GLU S 64 13.49 32.98 -35.03
N GLU S 65 12.56 32.45 -35.84
CA GLU S 65 11.14 32.64 -35.56
C GLU S 65 10.68 31.82 -34.36
N ILE S 66 11.27 30.63 -34.16
CA ILE S 66 10.90 29.79 -33.02
C ILE S 66 11.33 30.42 -31.70
N ARG S 67 12.40 31.22 -31.70
CA ARG S 67 12.80 31.88 -30.45
C ARG S 67 11.77 32.90 -30.00
N LYS S 68 11.29 33.74 -30.92
CA LYS S 68 10.33 34.79 -30.63
C LYS S 68 8.89 34.28 -30.46
N LEU S 69 8.70 32.98 -30.36
CA LEU S 69 7.37 32.37 -30.33
C LEU S 69 7.08 31.85 -28.93
N PRO S 70 5.83 31.94 -28.45
CA PRO S 70 5.52 31.54 -27.07
C PRO S 70 6.00 30.13 -26.76
N ARG S 71 6.29 29.91 -25.47
CA ARG S 71 7.08 28.74 -25.06
C ARG S 71 6.40 27.43 -25.43
N GLU S 72 5.15 27.24 -25.00
CA GLU S 72 4.53 25.91 -25.14
C GLU S 72 4.31 25.56 -26.62
N GLU S 73 3.95 26.55 -27.44
CA GLU S 73 3.83 26.29 -28.87
C GLU S 73 5.19 26.14 -29.54
N ALA S 74 6.24 26.69 -28.95
CA ALA S 74 7.59 26.56 -29.51
C ALA S 74 8.20 25.19 -29.22
N GLU S 75 7.86 24.61 -28.07
CA GLU S 75 8.38 23.28 -27.74
C GLU S 75 7.89 22.23 -28.73
N LYS S 76 6.68 22.41 -29.27
CA LYS S 76 6.18 21.51 -30.31
C LYS S 76 6.77 21.85 -31.68
N ARG S 77 7.04 23.13 -31.94
CA ARG S 77 7.68 23.50 -33.19
C ARG S 77 9.09 22.92 -33.29
N LEU S 78 9.79 22.85 -32.15
CA LEU S 78 11.13 22.26 -32.14
C LEU S 78 11.06 20.76 -32.36
N GLU S 79 10.05 20.09 -31.77
CA GLU S 79 9.92 18.65 -31.96
C GLU S 79 9.66 18.30 -33.42
N GLU S 80 8.86 19.11 -34.11
CA GLU S 80 8.61 18.87 -35.53
C GLU S 80 9.86 19.15 -36.36
N LEU S 81 10.60 20.22 -36.03
CA LEU S 81 11.83 20.51 -36.74
C LEU S 81 12.86 19.41 -36.52
N ILE S 82 12.93 18.89 -35.29
CA ILE S 82 13.86 17.78 -35.00
C ILE S 82 13.48 16.56 -35.81
N GLU S 83 12.18 16.26 -35.88
CA GLU S 83 11.72 15.12 -36.66
C GLU S 83 12.06 15.27 -38.13
N ARG S 84 11.93 16.49 -38.67
CA ARG S 84 12.24 16.68 -40.08
C ARG S 84 13.74 16.64 -40.33
N LEU S 85 14.55 17.13 -39.38
CA LEU S 85 15.99 17.14 -39.56
C LEU S 85 16.57 15.73 -39.48
N GLU S 86 16.02 14.88 -38.60
CA GLU S 86 16.51 13.50 -38.53
C GLU S 86 16.20 12.73 -39.80
N GLU S 87 15.09 13.04 -40.47
CA GLU S 87 14.78 12.36 -41.72
C GLU S 87 15.79 12.68 -42.80
N GLU S 88 16.04 13.97 -43.05
CA GLU S 88 17.00 14.32 -44.10
C GLU S 88 18.42 13.95 -43.69
N ASN S 89 18.75 14.01 -42.40
CA ASN S 89 20.08 13.60 -41.96
C ASN S 89 20.32 12.12 -42.27
N GLU S 90 19.28 11.30 -42.21
CA GLU S 90 19.41 9.91 -42.60
C GLU S 90 19.61 9.77 -44.11
N LYS S 91 18.91 10.60 -44.89
CA LYS S 91 19.05 10.55 -46.34
C LYS S 91 20.44 11.02 -46.79
N LEU S 92 21.00 12.03 -46.12
CA LEU S 92 22.30 12.55 -46.50
C LEU S 92 23.39 11.51 -46.31
N ALA S 93 23.34 10.75 -45.21
CA ALA S 93 24.35 9.72 -44.98
C ALA S 93 24.25 8.60 -46.00
N GLU S 94 23.05 8.32 -46.51
CA GLU S 94 22.89 7.31 -47.54
C GLU S 94 23.59 7.72 -48.83
N GLU S 95 23.57 9.02 -49.15
CA GLU S 95 24.28 9.50 -50.32
C GLU S 95 25.78 9.59 -50.06
N GLU S 96 26.18 9.82 -48.81
CA GLU S 96 27.60 9.80 -48.47
C GLU S 96 28.20 8.41 -48.67
N VAL S 97 27.39 7.36 -48.49
CA VAL S 97 27.87 6.01 -48.73
C VAL S 97 28.10 5.78 -50.22
N LYS S 98 27.20 6.27 -51.06
CA LYS S 98 27.37 6.13 -52.51
C LYS S 98 28.61 6.86 -53.01
N GLN S 99 28.93 8.01 -52.40
CA GLN S 99 30.08 8.79 -52.85
C GLN S 99 31.41 8.13 -52.49
N PHE S 100 31.49 7.52 -51.31
CA PHE S 100 32.78 6.99 -50.84
C PHE S 100 33.21 5.77 -51.66
N ARG S 101 32.30 4.82 -51.88
CA ARG S 101 32.69 3.59 -52.57
C ARG S 101 32.95 3.85 -54.05
N SER S 102 32.13 4.70 -54.67
CA SER S 102 32.29 5.01 -56.09
C SER S 102 33.59 5.77 -56.34
N ASP T 1 20.61 -17.04 37.45
CA ASP T 1 20.82 -15.95 36.50
C ASP T 1 21.21 -14.68 37.24
N PRO T 2 22.52 -14.38 37.29
CA PRO T 2 22.96 -13.15 37.95
C PRO T 2 22.35 -11.89 37.36
N LEU T 3 22.09 -11.89 36.05
CA LEU T 3 21.49 -10.73 35.41
C LEU T 3 20.06 -10.51 35.89
N LYS T 4 19.33 -11.59 36.20
CA LYS T 4 18.00 -11.46 36.76
C LYS T 4 18.03 -10.80 38.13
N ARG T 5 18.96 -11.22 39.00
CA ARG T 5 19.04 -10.66 40.34
C ARG T 5 19.43 -9.20 40.30
N LEU T 6 20.37 -8.82 39.43
CA LEU T 6 20.77 -7.42 39.32
C LEU T 6 19.61 -6.56 38.83
N THR T 7 18.78 -7.11 37.94
CA THR T 7 17.60 -6.37 37.48
C THR T 7 16.59 -6.19 38.62
N GLU T 8 16.41 -7.24 39.44
CA GLU T 8 15.50 -7.15 40.57
C GLU T 8 15.99 -6.12 41.59
N LEU T 9 17.31 -6.06 41.81
CA LEU T 9 17.86 -5.06 42.70
C LEU T 9 17.70 -3.65 42.14
N ALA T 10 17.78 -3.51 40.82
CA ALA T 10 17.60 -2.19 40.21
C ALA T 10 16.15 -1.72 40.32
N LEU T 11 15.20 -2.63 40.08
CA LEU T 11 13.80 -2.28 40.24
C LEU T 11 13.47 -1.95 41.69
N GLU T 12 14.11 -2.66 42.63
CA GLU T 12 13.92 -2.36 44.04
C GLU T 12 14.45 -0.96 44.37
N ALA T 13 15.61 -0.60 43.83
CA ALA T 13 16.18 0.72 44.11
C ALA T 13 15.31 1.83 43.54
N LEU T 14 14.67 1.60 42.40
CA LEU T 14 13.82 2.64 41.80
C LEU T 14 12.52 2.79 42.58
N ARG T 15 11.96 1.69 43.08
CA ARG T 15 10.71 1.74 43.82
CA ARG T 15 10.72 1.75 43.82
C ARG T 15 10.90 2.30 45.23
N ASP T 16 12.10 2.17 45.79
CA ASP T 16 12.38 2.64 47.13
C ASP T 16 12.75 4.11 47.20
N GLU T 17 13.19 4.70 46.08
CA GLU T 17 13.64 6.09 46.08
C GLU T 17 12.66 7.09 46.66
N PRO T 18 11.34 7.03 46.40
CA PRO T 18 10.45 7.98 47.07
C PRO T 18 10.33 7.73 48.57
N HIS T 19 10.29 6.48 48.99
CA HIS T 19 10.06 6.13 50.40
C HIS T 19 11.39 5.89 51.11
N VAL T 20 12.25 6.90 51.04
CA VAL T 20 13.57 6.83 51.65
C VAL T 20 13.85 8.17 52.32
N PRO T 21 14.45 8.19 53.51
CA PRO T 21 14.72 9.47 54.17
C PRO T 21 15.58 10.36 53.29
N PRO T 22 15.38 11.67 53.37
CA PRO T 22 16.16 12.59 52.52
C PRO T 22 17.66 12.45 52.68
N GLU T 23 18.13 11.95 53.83
CA GLU T 23 19.56 11.78 54.03
C GLU T 23 20.09 10.60 53.23
N ASP T 24 19.29 9.54 53.11
CA ASP T 24 19.67 8.35 52.37
C ASP T 24 19.47 8.48 50.87
N ARG T 25 18.85 9.55 50.39
CA ARG T 25 18.54 9.66 48.97
C ARG T 25 19.77 9.67 48.07
N PRO T 26 20.87 10.37 48.40
CA PRO T 26 22.07 10.27 47.53
C PRO T 26 22.58 8.85 47.37
N LEU T 27 22.52 8.04 48.42
CA LEU T 27 22.96 6.65 48.31
C LEU T 27 22.07 5.85 47.37
N VAL T 28 20.78 6.16 47.32
CA VAL T 28 19.87 5.45 46.42
C VAL T 28 20.23 5.75 44.97
N THR T 29 20.50 7.02 44.65
CA THR T 29 20.86 7.39 43.29
C THR T 29 22.17 6.73 42.87
N LEU T 30 23.17 6.74 43.76
CA LEU T 30 24.44 6.09 43.46
C LEU T 30 24.27 4.59 43.28
N LEU T 31 23.35 3.98 44.02
CA LEU T 31 23.09 2.55 43.85
C LEU T 31 22.44 2.26 42.50
N GLN T 32 21.57 3.16 42.05
CA GLN T 32 20.94 2.97 40.74
C GLN T 32 21.97 3.06 39.61
N ILE T 33 22.93 3.97 39.73
CA ILE T 33 23.96 4.10 38.71
C ILE T 33 24.87 2.88 38.72
N ALA T 34 25.26 2.41 39.90
CA ALA T 34 26.13 1.24 39.99
C ALA T 34 25.42 -0.01 39.48
N LEU T 35 24.15 -0.18 39.84
CA LEU T 35 23.40 -1.33 39.36
C LEU T 35 23.18 -1.27 37.85
N ASN T 36 23.00 -0.07 37.31
CA ASN T 36 22.82 0.07 35.86
C ASN T 36 24.10 -0.29 35.11
N LEU T 37 25.25 0.14 35.63
CA LEU T 37 26.52 -0.21 35.00
C LEU T 37 26.86 -1.68 35.18
N ALA T 38 26.51 -2.26 36.33
CA ALA T 38 26.74 -3.68 36.54
C ALA T 38 25.94 -4.52 35.54
N ILE T 39 24.68 -4.16 35.32
CA ILE T 39 23.87 -4.85 34.33
C ILE T 39 24.49 -4.70 32.94
N ASN T 40 24.97 -3.50 32.63
CA ASN T 40 25.55 -3.25 31.31
C ASN T 40 26.84 -4.05 31.11
N VAL T 41 27.66 -4.17 32.15
CA VAL T 41 28.92 -4.90 32.03
C VAL T 41 28.65 -6.39 31.83
N VAL T 42 27.76 -6.95 32.64
CA VAL T 42 27.49 -8.39 32.56
C VAL T 42 26.85 -8.74 31.23
N VAL T 43 25.91 -7.92 30.75
CA VAL T 43 25.22 -8.24 29.51
C VAL T 43 26.16 -8.03 28.32
N ASN T 44 27.17 -7.16 28.45
CA ASN T 44 28.15 -7.02 27.39
C ASN T 44 29.06 -8.24 27.31
N ARG T 45 29.43 -8.79 28.46
CA ARG T 45 30.24 -10.00 28.47
C ARG T 45 29.45 -11.19 27.97
N ARG T 46 28.12 -11.19 28.15
CA ARG T 46 27.29 -12.24 27.56
C ARG T 46 27.33 -12.15 26.03
N HIS T 47 27.21 -10.94 25.49
CA HIS T 47 27.25 -10.77 24.04
C HIS T 47 28.61 -11.14 23.46
N LEU T 48 29.68 -10.94 24.23
CA LEU T 48 31.03 -11.28 23.79
C LEU T 48 31.40 -12.73 24.08
N GLY T 49 30.53 -13.49 24.73
CA GLY T 49 30.85 -14.83 25.16
C GLY T 49 31.88 -14.95 26.26
N ARG T 50 32.31 -13.82 26.84
CA ARG T 50 33.26 -13.82 27.95
C ARG T 50 32.55 -13.92 29.29
N THR T 51 31.70 -14.95 29.42
CA THR T 51 30.89 -15.17 30.61
C THR T 51 31.75 -15.75 31.74
N ASP T 52 31.89 -15.01 32.84
CA ASP T 52 32.65 -15.47 33.99
C ASP T 52 31.77 -15.37 35.23
N PRO T 53 31.07 -16.45 35.59
CA PRO T 53 30.21 -16.40 36.78
C PRO T 53 30.96 -16.09 38.06
N GLU T 54 32.27 -16.34 38.12
CA GLU T 54 33.05 -15.95 39.28
C GLU T 54 33.03 -14.44 39.46
N HIS T 55 33.33 -13.70 38.39
CA HIS T 55 33.28 -12.25 38.44
C HIS T 55 31.85 -11.75 38.65
N ASP T 56 30.88 -12.41 38.02
CA ASP T 56 29.50 -11.98 38.15
C ASP T 56 28.99 -12.13 39.58
N ARG T 57 29.20 -13.31 40.19
CA ARG T 57 28.69 -13.52 41.54
C ARG T 57 29.45 -12.66 42.55
N LYS T 58 30.75 -12.50 42.33
CA LYS T 58 31.56 -11.68 43.23
C LYS T 58 31.15 -10.21 43.15
N LEU T 59 30.76 -9.75 41.97
CA LEU T 59 30.25 -8.37 41.86
C LEU T 59 28.98 -8.20 42.68
N LEU T 60 28.08 -9.18 42.62
CA LEU T 60 26.87 -9.12 43.42
C LEU T 60 27.20 -9.17 44.91
N GLU T 61 28.15 -10.04 45.29
CA GLU T 61 28.57 -10.11 46.68
C GLU T 61 29.13 -8.80 47.17
N GLU T 62 29.92 -8.14 46.32
CA GLU T 62 30.51 -6.86 46.70
C GLU T 62 29.42 -5.80 46.88
N LEU T 63 28.40 -5.82 46.01
CA LEU T 63 27.31 -4.87 46.14
C LEU T 63 26.55 -5.08 47.45
N GLU T 64 26.28 -6.34 47.78
CA GLU T 64 25.55 -6.66 49.01
C GLU T 64 26.34 -6.26 50.26
N GLU T 65 27.67 -6.30 50.21
CA GLU T 65 28.46 -5.87 51.35
C GLU T 65 28.40 -4.34 51.51
N ILE T 66 28.33 -3.62 50.39
CA ILE T 66 28.17 -2.16 50.45
C ILE T 66 26.80 -1.81 51.00
N ARG T 67 25.82 -2.71 50.82
CA ARG T 67 24.49 -2.49 51.34
C ARG T 67 24.46 -2.50 52.87
N LYS T 68 25.31 -3.31 53.50
CA LYS T 68 25.36 -3.44 54.95
C LYS T 68 26.37 -2.49 55.57
N LEU T 69 26.87 -1.51 54.80
CA LEU T 69 27.97 -0.65 55.21
C LEU T 69 27.48 0.78 55.44
N PRO T 70 28.04 1.48 56.44
CA PRO T 70 27.56 2.83 56.78
C PRO T 70 27.54 3.77 55.58
N ARG T 71 26.66 4.78 55.66
CA ARG T 71 26.27 5.55 54.49
C ARG T 71 27.45 6.27 53.84
N GLU T 72 28.19 7.07 54.61
CA GLU T 72 29.21 7.93 54.00
C GLU T 72 30.35 7.10 53.39
N GLU T 73 30.72 5.99 54.04
CA GLU T 73 31.73 5.12 53.47
C GLU T 73 31.19 4.32 52.28
N ALA T 74 29.87 4.13 52.21
CA ALA T 74 29.28 3.41 51.09
C ALA T 74 29.16 4.29 49.86
N GLU T 75 28.93 5.60 50.04
CA GLU T 75 28.89 6.50 48.90
C GLU T 75 30.24 6.58 48.19
N LYS T 76 31.33 6.43 48.94
CA LYS T 76 32.65 6.37 48.32
C LYS T 76 32.93 5.01 47.71
N ARG T 77 32.42 3.94 48.30
CA ARG T 77 32.59 2.61 47.72
C ARG T 77 31.83 2.49 46.41
N LEU T 78 30.65 3.11 46.32
CA LEU T 78 29.88 3.05 45.09
C LEU T 78 30.53 3.89 43.99
N GLU T 79 31.08 5.05 44.36
CA GLU T 79 31.76 5.88 43.36
C GLU T 79 32.98 5.17 42.79
N GLU T 80 33.71 4.44 43.63
CA GLU T 80 34.86 3.68 43.14
C GLU T 80 34.40 2.51 42.27
N LEU T 81 33.33 1.83 42.66
CA LEU T 81 32.79 0.75 41.85
C LEU T 81 32.29 1.27 40.51
N ILE T 82 31.65 2.43 40.52
CA ILE T 82 31.14 3.03 39.27
C ILE T 82 32.31 3.37 38.35
N GLU T 83 33.37 3.96 38.90
CA GLU T 83 34.55 4.29 38.10
C GLU T 83 35.17 3.04 37.51
N ARG T 84 35.20 1.95 38.28
CA ARG T 84 35.76 0.70 37.79
C ARG T 84 34.87 0.03 36.75
N LEU T 85 33.55 0.16 36.89
CA LEU T 85 32.65 -0.42 35.90
C LEU T 85 32.69 0.36 34.58
N GLU T 86 32.83 1.68 34.66
CA GLU T 86 32.95 2.48 33.44
C GLU T 86 34.22 2.17 32.68
N GLU T 87 35.30 1.82 33.38
CA GLU T 87 36.53 1.43 32.70
C GLU T 87 36.34 0.15 31.92
N GLU T 88 35.79 -0.89 32.58
CA GLU T 88 35.60 -2.17 31.90
C GLU T 88 34.56 -2.07 30.80
N ASN T 89 33.52 -1.24 31.00
CA ASN T 89 32.50 -1.05 29.98
C ASN T 89 33.09 -0.46 28.70
N GLU T 90 34.08 0.41 28.83
CA GLU T 90 34.74 0.97 27.65
C GLU T 90 35.54 -0.10 26.92
N LYS T 91 36.20 -0.99 27.67
CA LYS T 91 36.99 -2.04 27.04
C LYS T 91 36.10 -3.06 26.35
N LEU T 92 34.95 -3.37 26.93
CA LEU T 92 34.05 -4.36 26.34
C LEU T 92 33.48 -3.89 25.01
N ALA T 93 33.14 -2.60 24.91
CA ALA T 93 32.59 -2.09 23.66
C ALA T 93 33.61 -2.10 22.54
N GLU T 94 34.89 -1.96 22.87
CA GLU T 94 35.93 -2.04 21.85
C GLU T 94 36.02 -3.46 21.29
N GLU T 95 35.81 -4.46 22.13
CA GLU T 95 35.81 -5.84 21.67
C GLU T 95 34.52 -6.22 20.95
N GLU T 96 33.40 -5.59 21.29
CA GLU T 96 32.17 -5.83 20.55
C GLU T 96 32.29 -5.36 19.11
N VAL T 97 33.08 -4.31 18.86
CA VAL T 97 33.30 -3.86 17.50
C VAL T 97 34.15 -4.87 16.74
N LYS T 98 35.18 -5.43 17.39
CA LYS T 98 36.01 -6.43 16.72
C LYS T 98 35.23 -7.69 16.40
N GLN T 99 34.27 -8.07 17.25
CA GLN T 99 33.50 -9.28 16.98
C GLN T 99 32.55 -9.08 15.80
N PHE T 100 31.96 -7.89 15.69
CA PHE T 100 31.02 -7.61 14.61
C PHE T 100 31.76 -7.55 13.28
N ARG T 101 32.94 -6.94 13.28
CA ARG T 101 33.72 -6.75 12.06
C ARG T 101 34.22 -8.08 11.51
N SER T 102 34.61 -9.01 12.39
CA SER T 102 35.10 -10.31 11.97
C SER T 102 34.00 -11.15 11.33
C1 GOL U . -8.60 -0.17 -21.47
O1 GOL U . -9.05 -1.49 -21.27
C2 GOL U . -7.24 -0.19 -22.14
O2 GOL U . -7.33 -0.97 -23.30
C3 GOL U . -6.83 1.24 -22.47
O3 GOL U . -6.08 1.19 -23.68
C1 GOL V . -15.67 -23.08 -22.99
O1 GOL V . -16.71 -22.34 -22.40
C2 GOL V . -16.14 -23.72 -24.27
O2 GOL V . -15.25 -24.78 -24.60
C3 GOL V . -16.20 -22.69 -25.38
O3 GOL V . -17.52 -22.69 -25.89
C1 GOL W . -24.38 -5.30 -6.86
O1 GOL W . -25.76 -5.06 -6.68
C2 GOL W . -24.06 -5.29 -8.34
O2 GOL W . -25.05 -6.00 -9.03
C3 GOL W . -22.69 -5.91 -8.58
O3 GOL W . -21.75 -5.18 -7.81
C1 GOL X . -17.60 -14.66 -45.62
O1 GOL X . -17.13 -13.57 -44.86
C2 GOL X . -16.45 -15.60 -45.91
O2 GOL X . -15.24 -14.93 -45.62
C3 GOL X . -16.59 -16.87 -45.09
O3 GOL X . -15.74 -17.84 -45.65
C1 GOL Y . -31.64 -12.70 -16.76
O1 GOL Y . -31.16 -12.03 -15.61
C2 GOL Y . -30.52 -12.91 -17.76
O2 GOL Y . -30.99 -13.74 -18.80
C3 GOL Y . -30.00 -11.58 -18.29
O3 GOL Y . -30.93 -10.56 -17.97
C1 GOL Z . -39.81 -29.59 -33.39
O1 GOL Z . -39.20 -30.41 -34.35
C2 GOL Z . -39.20 -28.21 -33.45
O2 GOL Z . -39.56 -27.50 -32.29
C3 GOL Z . -37.70 -28.30 -33.61
O3 GOL Z . -37.12 -27.27 -32.85
C1 GOL AA . -4.13 -14.93 -15.26
O1 GOL AA . -3.67 -13.98 -16.20
C2 GOL AA . -4.86 -14.22 -14.13
O2 GOL AA . -3.92 -13.65 -13.27
C3 GOL AA . -5.81 -13.17 -14.71
O3 GOL AA . -6.31 -12.41 -13.63
C1 GOL BA . 4.51 -38.40 -4.63
O1 GOL BA . 3.72 -38.43 -3.46
C2 GOL BA . 3.72 -38.99 -5.78
O2 GOL BA . 4.62 -39.62 -6.65
C3 GOL BA . 2.67 -39.96 -5.26
O3 GOL BA . 1.49 -39.75 -5.98
C1 GOL CA . -11.78 -14.47 2.56
O1 GOL CA . -12.97 -13.74 2.72
C2 GOL CA . -10.61 -13.63 3.00
O2 GOL CA . -10.70 -12.36 2.39
C3 GOL CA . -10.57 -13.51 4.52
O3 GOL CA . -9.42 -12.78 4.87
C1 GOL DA . 6.59 -35.95 -22.94
O1 GOL DA . 6.70 -34.67 -22.36
C2 GOL DA . 5.14 -36.33 -23.08
O2 GOL DA . 4.34 -35.29 -22.58
C3 GOL DA . 4.81 -36.66 -24.52
O3 GOL DA . 5.02 -38.04 -24.72
C1 GOL EA . -5.13 -11.86 -6.45
O1 GOL EA . -4.78 -10.55 -6.81
C2 GOL EA . -5.16 -12.02 -4.94
O2 GOL EA . -5.76 -13.27 -4.66
C3 GOL EA . -3.79 -11.94 -4.27
O3 GOL EA . -3.06 -10.84 -4.76
C1 GOL FA . 6.83 -24.29 -22.11
O1 GOL FA . 8.12 -24.75 -22.41
C2 GOL FA . 6.51 -24.60 -20.66
O2 GOL FA . 5.12 -24.48 -20.45
C3 GOL FA . 7.31 -23.71 -19.73
O3 GOL FA . 7.17 -24.22 -18.41
C1 GOL GA . 5.96 -17.99 -13.01
O1 GOL GA . 6.41 -17.73 -11.70
C2 GOL GA . 6.92 -17.38 -14.01
O2 GOL GA . 6.70 -15.98 -14.04
C3 GOL GA . 6.73 -17.99 -15.38
O3 GOL GA . 7.91 -17.77 -16.13
C1 GOL HA . 13.34 -34.77 -1.38
O1 GOL HA . 13.79 -33.66 -0.63
C2 GOL HA . 12.32 -35.55 -0.56
O2 GOL HA . 11.95 -36.69 -1.29
C3 GOL HA . 11.13 -34.68 -0.24
O3 GOL HA . 10.15 -35.48 0.39
C1 GOL IA . 23.34 -15.02 7.28
O1 GOL IA . 23.64 -14.98 5.91
C2 GOL IA . 22.85 -13.65 7.73
O2 GOL IA . 21.80 -13.25 6.88
C3 GOL IA . 22.39 -13.70 9.18
O3 GOL IA . 21.82 -12.45 9.49
C1 GOL JA . -6.57 35.51 27.75
O1 GOL JA . -7.57 35.41 28.74
C2 GOL JA . -5.58 34.38 27.92
O2 GOL JA . -6.21 33.16 27.59
C3 GOL JA . -5.08 34.34 29.36
O3 GOL JA . -3.76 33.87 29.35
C1 GOL KA . 8.56 21.32 23.10
O1 GOL KA . 9.10 22.35 22.30
C2 GOL KA . 8.98 19.97 22.55
O2 GOL KA . 9.96 20.18 21.56
C3 GOL KA . 9.51 19.11 23.69
O3 GOL KA . 8.65 17.99 23.82
C1 GOL LA . 14.45 30.40 24.81
O1 GOL LA . 13.40 31.31 24.53
C2 GOL LA . 15.40 31.03 25.82
O2 GOL LA . 16.70 30.55 25.55
C3 GOL LA . 15.34 32.54 25.74
O3 GOL LA . 15.35 33.04 27.07
C1 GOL MA . -28.24 1.95 17.59
O1 GOL MA . -29.49 1.68 18.18
C2 GOL MA . -27.86 0.81 16.66
O2 GOL MA . -28.91 0.62 15.74
C3 GOL MA . -26.56 1.14 15.95
O3 GOL MA . -26.64 0.55 14.67
C1 GOL NA . -15.73 -18.41 15.78
O1 GOL NA . -14.55 -19.01 16.22
C2 GOL NA . -16.04 -18.89 14.36
O2 GOL NA . -16.94 -17.98 13.78
C3 GOL NA . -14.76 -18.98 13.56
O3 GOL NA . -14.28 -17.66 13.35
C1 GOL OA . -18.23 -11.56 -1.67
O1 GOL OA . -19.09 -12.64 -1.43
C2 GOL OA . -19.04 -10.30 -1.90
O2 GOL OA . -19.04 -9.57 -0.70
C3 GOL OA . -18.43 -9.46 -3.02
O3 GOL OA . -17.81 -8.34 -2.43
C1 GOL PA . 18.11 2.63 -33.00
O1 GOL PA . 19.19 2.25 -32.17
C2 GOL PA . 16.81 2.48 -32.25
O2 GOL PA . 16.90 3.18 -31.03
C3 GOL PA . 15.65 2.98 -33.10
O3 GOL PA . 14.69 3.55 -32.23
C1 GOL QA . 34.48 4.42 -15.86
O1 GOL QA . 35.13 5.15 -14.84
C2 GOL QA . 33.72 3.27 -15.24
O2 GOL QA . 33.44 2.32 -16.24
C3 GOL QA . 34.51 2.66 -14.09
O3 GOL QA . 33.76 1.58 -13.57
C1 GOL RA . 26.19 20.44 -0.88
O1 GOL RA . 25.41 21.40 -1.56
C2 GOL RA . 27.13 21.13 0.08
O2 GOL RA . 27.72 20.15 0.92
C3 GOL RA . 28.18 21.91 -0.68
O3 GOL RA . 29.27 22.12 0.19
C1 GOL SA . 24.87 24.12 20.79
O1 GOL SA . 24.12 24.90 21.69
C2 GOL SA . 25.05 24.88 19.50
O2 GOL SA . 25.97 25.93 19.73
C3 GOL SA . 25.54 23.94 18.40
O3 GOL SA . 25.88 24.73 17.29
C1 GOL TA . 31.18 23.93 10.41
O1 GOL TA . 29.79 23.76 10.46
C2 GOL TA . 31.51 25.14 9.56
O2 GOL TA . 30.30 25.68 9.05
C3 GOL TA . 32.33 26.17 10.33
O3 GOL TA . 31.88 27.45 9.94
C1 GOL UA . -39.96 15.47 8.49
O1 GOL UA . -39.70 14.09 8.33
C2 GOL UA . -39.60 15.86 9.91
O2 GOL UA . -38.64 16.89 9.87
C3 GOL UA . -40.86 16.28 10.65
O3 GOL UA . -41.87 15.35 10.28
C1 GOL VA . -47.08 17.36 0.66
O1 GOL VA . -48.32 16.73 0.83
C2 GOL VA . -47.18 18.41 -0.43
O2 GOL VA . -46.38 19.51 -0.06
C3 GOL VA . -48.63 18.80 -0.68
O3 GOL VA . -49.22 17.82 -1.52
C1 GOL WA . -49.54 11.38 30.58
O1 GOL WA . -50.37 10.38 31.12
C2 GOL WA . -50.31 12.70 30.53
O2 GOL WA . -49.85 13.42 29.41
C3 GOL WA . -51.81 12.45 30.49
O3 GOL WA . -52.10 11.73 29.31
C1 GOL XA . -43.66 16.41 16.79
O1 GOL XA . -43.96 17.13 17.97
C2 GOL XA . -42.31 16.85 16.26
O2 GOL XA . -41.36 15.84 16.52
C3 GOL XA . -42.42 17.15 14.78
O3 GOL XA . -43.46 18.09 14.60
C1 GOL YA . -39.56 3.59 -12.40
O1 GOL YA . -38.38 3.99 -13.05
C2 GOL YA . -40.03 4.70 -11.48
O2 GOL YA . -40.50 5.76 -12.28
C3 GOL YA . -41.10 4.19 -10.54
O3 GOL YA . -41.27 5.14 -9.52
C1 GOL ZA . -40.69 2.69 -6.28
O1 GOL ZA . -41.88 2.31 -5.63
C2 GOL ZA . -39.54 1.83 -5.82
O2 GOL ZA . -38.72 1.53 -6.93
C3 GOL ZA . -38.75 2.55 -4.75
O3 GOL ZA . -39.67 3.24 -3.93
C1 GOL AB . -50.53 2.59 24.04
O1 GOL AB . -49.36 3.07 23.42
C2 GOL AB . -51.56 3.70 24.07
O2 GOL AB . -50.95 4.89 23.62
C3 GOL AB . -52.82 3.38 23.28
O3 GOL AB . -53.23 2.07 23.58
C1 GOL BB . -53.02 19.10 16.63
O1 GOL BB . -54.24 19.12 17.36
C2 GOL BB . -52.52 17.68 16.49
O2 GOL BB . -51.29 17.71 15.82
C3 GOL BB . -52.39 17.03 17.86
O3 GOL BB . -53.63 16.49 18.22
C1 GOL CB . 24.65 -16.77 -29.79
O1 GOL CB . 24.57 -17.80 -28.83
C2 GOL CB . 25.36 -15.57 -29.19
O2 GOL CB . 26.76 -15.73 -29.25
C3 GOL CB . 24.89 -14.28 -29.87
O3 GOL CB . 23.86 -13.74 -29.07
C1 GOL DB . 15.87 -13.09 -8.89
O1 GOL DB . 17.24 -13.24 -8.54
C2 GOL DB . 15.01 -13.79 -7.85
O2 GOL DB . 13.87 -14.28 -8.50
C3 GOL DB . 14.62 -12.83 -6.74
O3 GOL DB . 15.53 -11.76 -6.68
C1 GOL EB . 39.77 -19.84 -18.81
O1 GOL EB . 39.05 -20.41 -19.87
C2 GOL EB . 38.88 -18.89 -18.03
O2 GOL EB . 38.34 -19.57 -16.93
C3 GOL EB . 39.67 -17.67 -17.59
O3 GOL EB . 38.74 -16.67 -17.23
C1 GOL FB . 22.40 -7.56 -22.11
O1 GOL FB . 23.44 -6.67 -22.43
C2 GOL FB . 22.93 -8.98 -22.16
O2 GOL FB . 23.58 -9.18 -23.39
C3 GOL FB . 21.79 -9.97 -21.96
O3 GOL FB . 22.28 -11.25 -22.28
C1 GOL GB . 34.43 -21.00 -33.63
O1 GOL GB . 33.07 -21.05 -33.31
C2 GOL GB . 35.06 -19.78 -33.00
O2 GOL GB . 36.43 -20.05 -32.76
C3 GOL GB . 34.91 -18.56 -33.90
O3 GOL GB . 33.57 -18.51 -34.35
C1 GOL HB . 38.14 24.25 4.83
O1 GOL HB . 38.84 24.18 6.05
C2 GOL HB . 36.68 23.95 5.06
O2 GOL HB . 36.04 23.81 3.81
C3 GOL HB . 36.53 22.69 5.89
O3 GOL HB . 35.15 22.42 6.01
C1 GOL IB . -57.08 3.75 29.70
O1 GOL IB . -56.00 4.42 29.09
C2 GOL IB . -58.36 4.25 29.07
O2 GOL IB . -58.02 5.14 28.03
C3 GOL IB . -59.19 3.08 28.54
O3 GOL IB . -59.99 2.59 29.60
C1 GOL JB . 8.98 -40.76 -24.88
O1 GOL JB . 8.99 -39.38 -25.14
C2 GOL JB . 8.65 -40.97 -23.41
O2 GOL JB . 9.43 -42.06 -22.93
C3 GOL JB . 8.91 -39.70 -22.62
O3 GOL JB . 7.81 -39.48 -21.77
C1 GOL KB . 24.21 -20.55 -36.18
O1 GOL KB . 25.31 -21.29 -35.72
C2 GOL KB . 22.96 -21.03 -35.47
O2 GOL KB . 23.34 -21.67 -34.28
C3 GOL KB . 22.15 -21.97 -36.36
O3 GOL KB . 20.83 -21.49 -36.41
C1 GOL LB . 5.81 -24.08 -41.84
O1 GOL LB . 5.06 -24.78 -42.81
C2 GOL LB . 6.73 -23.09 -42.54
O2 GOL LB . 7.57 -22.49 -41.58
C3 GOL LB . 7.53 -23.79 -43.62
O3 GOL LB . 8.89 -23.56 -43.36
C1 GOL MB . 23.19 -20.72 -24.22
O1 GOL MB . 24.46 -21.23 -23.89
C2 GOL MB . 23.20 -20.17 -25.63
O2 GOL MB . 23.62 -21.18 -26.51
C3 GOL MB . 21.82 -19.66 -26.03
O3 GOL MB . 21.84 -19.46 -27.43
#